data_5XIK
#
_entry.id   5XIK
#
_cell.length_a   76.644
_cell.length_b   90.140
_cell.length_c   93.201
_cell.angle_alpha   89.460
_cell.angle_beta   80.340
_cell.angle_gamma   76.070
#
_symmetry.space_group_name_H-M   'P 1'
#
loop_
_entity.id
_entity.type
_entity.pdbx_description
1 polymer 'Prolyl-tRNA synthetase (ProRS)'
2 non-polymer 'PHOSPHOAMINOPHOSPHONIC ACID-ADENYLATE ESTER'
3 non-polymer 'MAGNESIUM ION'
4 non-polymer 3-[2-oxidanylidene-3-[(2R,3R)-3-oxidanylpiperidin-2-yl]propyl]-5,6,7,8-tetrahydroquinazolin-4-one
5 non-polymer 'CHLORIDE ION'
6 water water
#
_entity_poly.entity_id   1
_entity_poly.type   'polypeptide(L)'
_entity_poly.pdbx_seq_one_letter_code
;GAMVTAKKDENFSEWYTQAIVRSEMIEYYDISGCYIMRPWAFHIWEKVQRFFDDEIKKMGVENSYFPMFVSRHKLEKEKD
HVEGFSPEVAWVTHYGDSPLPEKIAIRPTSETIMYPAYAKWIRSHRDLPLKLNQWCSVVRWEFKQPTPFLRTREFLWQEG
HTAHATEEEAWELVLDILELYRRWYEECLAVPVIKGEKSEGEKFAGGKKTTTVEAFIPENGRGIQAATSHLLGTNFAKMF
EIEFEDEEGHKRLVHQTSWGCTTRSLGVMIMTHGDDKGLVIPPRVASVQVVIIPILFKDENTGEILGKCRELKTMLEKAD
IRVRIDDRSNYTPGWKYNHWEVKGVPLRLELGPKDLAKGTARVVRRDTGEAYQISWADLAPKLLELMEGIQRSLFEKAKA
RLHEGIEKISTFDEVMPALNRKHLVLAPWCEDPESEEQIKKETQKLSEIQAIEAGDSEQVMTGAMKTLCIPFDQPPMPEG
TKCFYTGKPAKRWTLWGRSY
;
_entity_poly.pdbx_strand_id   A,B,C,D
#
# COMPACT_ATOMS: atom_id res chain seq x y z
N MET A 3 -38.45 20.08 3.10
CA MET A 3 -37.32 21.00 2.78
C MET A 3 -36.41 21.27 4.01
N VAL A 4 -35.12 21.53 3.78
CA VAL A 4 -34.19 21.94 4.87
C VAL A 4 -34.14 23.48 5.03
N THR A 5 -34.26 23.97 6.26
CA THR A 5 -34.28 25.41 6.50
C THR A 5 -33.24 26.00 7.44
N ALA A 6 -32.74 25.25 8.42
CA ALA A 6 -31.69 25.77 9.27
C ALA A 6 -30.42 25.80 8.44
N LYS A 7 -29.66 26.88 8.55
CA LYS A 7 -28.43 27.03 7.76
C LYS A 7 -27.34 26.31 8.48
N LYS A 8 -26.46 25.65 7.74
CA LYS A 8 -25.49 24.75 8.35
C LYS A 8 -24.43 25.40 9.21
N ASP A 9 -23.79 26.43 8.69
CA ASP A 9 -22.84 27.20 9.48
C ASP A 9 -23.51 27.92 10.66
N GLU A 10 -24.65 28.58 10.43
CA GLU A 10 -25.30 29.46 11.46
C GLU A 10 -26.00 28.73 12.59
N ASN A 11 -26.68 27.64 12.26
CA ASN A 11 -27.47 26.92 13.22
C ASN A 11 -27.22 25.41 13.10
N PHE A 12 -26.02 25.02 13.45
CA PHE A 12 -25.58 23.66 13.20
C PHE A 12 -26.42 22.52 13.83
N SER A 13 -26.78 22.65 15.11
CA SER A 13 -27.57 21.62 15.80
C SER A 13 -28.92 21.38 15.12
N GLU A 14 -29.59 22.44 14.72
CA GLU A 14 -30.91 22.29 14.12
C GLU A 14 -30.78 21.67 12.73
N TRP A 15 -29.74 22.06 12.02
CA TRP A 15 -29.51 21.60 10.68
C TRP A 15 -29.37 20.12 10.69
N TYR A 16 -28.61 19.66 11.68
CA TYR A 16 -28.25 18.27 11.75
C TYR A 16 -29.52 17.48 11.97
N THR A 17 -30.33 17.88 12.93
CA THR A 17 -31.59 17.15 13.19
C THR A 17 -32.52 17.17 11.97
N GLN A 18 -32.63 18.34 11.33
CA GLN A 18 -33.50 18.44 10.19
C GLN A 18 -33.05 17.50 9.09
N ALA A 19 -31.77 17.56 8.78
CA ALA A 19 -31.17 16.75 7.73
C ALA A 19 -31.33 15.22 7.96
N ILE A 20 -31.16 14.74 9.19
CA ILE A 20 -31.34 13.30 9.44
C ILE A 20 -32.81 12.84 9.43
N VAL A 21 -33.72 13.75 9.77
CA VAL A 21 -35.11 13.41 9.91
C VAL A 21 -35.74 13.59 8.55
N ARG A 22 -35.44 14.69 7.89
CA ARG A 22 -36.21 15.00 6.68
C ARG A 22 -35.71 14.17 5.51
N SER A 23 -34.47 13.65 5.66
CA SER A 23 -33.85 12.73 4.67
C SER A 23 -34.33 11.30 4.85
N GLU A 24 -35.06 11.07 5.93
CA GLU A 24 -35.61 9.74 6.29
C GLU A 24 -34.53 8.79 6.81
N MET A 25 -33.51 9.31 7.47
CA MET A 25 -32.50 8.45 8.05
C MET A 25 -32.87 7.95 9.41
N ILE A 26 -33.48 8.80 10.22
CA ILE A 26 -33.66 8.58 11.64
C ILE A 26 -35.08 8.92 12.02
N GLU A 27 -35.71 8.11 12.85
CA GLU A 27 -36.97 8.44 13.48
C GLU A 27 -36.73 8.51 14.97
N TYR A 28 -37.38 9.44 15.65
CA TYR A 28 -37.06 9.67 17.07
C TYR A 28 -37.71 8.57 17.83
N TYR A 29 -37.33 8.38 19.08
CA TYR A 29 -37.82 7.24 19.81
C TYR A 29 -38.03 7.62 21.26
N ASP A 30 -38.96 6.96 21.94
CA ASP A 30 -39.33 7.37 23.31
C ASP A 30 -38.19 7.15 24.36
N ILE A 31 -37.22 6.28 24.09
CA ILE A 31 -36.09 6.14 25.02
C ILE A 31 -34.86 6.96 24.60
N SER A 32 -34.35 7.74 25.54
CA SER A 32 -33.34 8.75 25.33
C SER A 32 -32.03 8.14 24.91
N GLY A 33 -31.42 8.80 23.90
CA GLY A 33 -30.18 8.37 23.34
C GLY A 33 -30.33 7.14 22.50
N CYS A 34 -31.57 6.75 22.19
CA CYS A 34 -31.75 5.68 21.23
C CYS A 34 -32.53 6.21 20.06
N TYR A 35 -32.27 5.63 18.90
CA TYR A 35 -32.78 6.18 17.66
C TYR A 35 -33.13 5.05 16.71
N ILE A 36 -34.10 5.25 15.81
CA ILE A 36 -34.39 4.28 14.78
C ILE A 36 -33.53 4.52 13.57
N MET A 37 -32.94 3.47 13.02
CA MET A 37 -32.12 3.63 11.83
C MET A 37 -32.92 3.14 10.64
N ARG A 38 -33.38 4.05 9.83
CA ARG A 38 -34.21 3.63 8.72
C ARG A 38 -33.31 3.25 7.57
N PRO A 39 -33.88 2.59 6.54
CA PRO A 39 -33.05 2.10 5.42
C PRO A 39 -32.00 3.02 4.88
N TRP A 40 -32.28 4.33 4.81
CA TRP A 40 -31.48 5.25 4.02
C TRP A 40 -30.18 5.45 4.73
N ALA A 41 -30.25 5.43 6.04
CA ALA A 41 -29.04 5.35 6.88
C ALA A 41 -28.52 3.92 6.99
N PHE A 42 -29.39 2.95 7.25
CA PHE A 42 -28.86 1.60 7.51
C PHE A 42 -28.08 1.04 6.33
N HIS A 43 -28.48 1.35 5.10
CA HIS A 43 -27.82 0.81 3.95
C HIS A 43 -26.36 1.26 3.98
N ILE A 44 -26.12 2.49 4.39
CA ILE A 44 -24.75 2.95 4.43
C ILE A 44 -23.93 2.09 5.42
N TRP A 45 -24.57 1.72 6.52
CA TRP A 45 -23.87 0.94 7.56
C TRP A 45 -23.55 -0.42 6.97
N GLU A 46 -24.46 -0.98 6.18
CA GLU A 46 -24.19 -2.24 5.48
C GLU A 46 -23.06 -2.11 4.51
N LYS A 47 -22.97 -1.01 3.84
CA LYS A 47 -21.89 -0.88 2.88
C LYS A 47 -20.57 -0.89 3.60
N VAL A 48 -20.39 -0.06 4.63
CA VAL A 48 -19.13 -0.04 5.37
C VAL A 48 -18.82 -1.34 6.14
N GLN A 49 -19.86 -1.98 6.71
CA GLN A 49 -19.65 -3.28 7.38
C GLN A 49 -19.08 -4.30 6.41
N ARG A 50 -19.70 -4.45 5.23
CA ARG A 50 -19.16 -5.32 4.17
C ARG A 50 -17.72 -4.91 3.70
N PHE A 51 -17.47 -3.67 3.44
CA PHE A 51 -16.12 -3.30 3.15
C PHE A 51 -15.12 -3.82 4.19
N PHE A 52 -15.38 -3.52 5.47
CA PHE A 52 -14.40 -3.77 6.51
C PHE A 52 -14.31 -5.26 6.79
N ASP A 53 -15.47 -5.88 6.83
CA ASP A 53 -15.53 -7.29 7.05
C ASP A 53 -14.73 -8.03 5.99
N ASP A 54 -14.95 -7.72 4.72
CA ASP A 54 -14.16 -8.40 3.68
C ASP A 54 -12.67 -8.19 3.88
N GLU A 55 -12.26 -7.00 4.30
CA GLU A 55 -10.85 -6.73 4.50
C GLU A 55 -10.17 -7.49 5.64
N ILE A 56 -10.91 -7.72 6.73
CA ILE A 56 -10.35 -8.43 7.83
C ILE A 56 -10.42 -9.90 7.58
N LYS A 57 -11.40 -10.34 6.80
CA LYS A 57 -11.40 -11.75 6.37
C LYS A 57 -10.15 -12.01 5.56
N LYS A 58 -9.68 -11.03 4.79
CA LYS A 58 -8.32 -11.25 4.12
C LYS A 58 -7.13 -11.35 5.05
N MET A 59 -7.20 -10.74 6.24
CA MET A 59 -6.04 -10.80 7.14
C MET A 59 -6.18 -12.01 8.02
N GLY A 60 -7.10 -12.90 7.73
CA GLY A 60 -7.26 -14.06 8.59
C GLY A 60 -8.12 -13.87 9.83
N VAL A 61 -8.83 -12.76 9.93
CA VAL A 61 -9.74 -12.61 11.07
C VAL A 61 -11.06 -13.31 10.79
N GLU A 62 -11.62 -13.89 11.84
CA GLU A 62 -12.82 -14.66 11.68
C GLU A 62 -13.86 -14.14 12.66
N ASN A 63 -15.12 -14.33 12.30
CA ASN A 63 -16.22 -13.81 12.99
C ASN A 63 -16.82 -14.80 13.95
N SER A 64 -17.42 -14.26 15.00
CA SER A 64 -17.96 -15.05 16.13
C SER A 64 -19.07 -14.27 16.77
N TYR A 65 -19.86 -14.89 17.61
CA TYR A 65 -20.83 -14.08 18.36
C TYR A 65 -20.77 -14.55 19.79
N PHE A 66 -20.37 -13.67 20.69
CA PHE A 66 -20.39 -13.90 22.14
C PHE A 66 -21.68 -13.27 22.68
N PRO A 67 -22.17 -13.77 23.82
CA PRO A 67 -23.40 -13.28 24.38
C PRO A 67 -23.40 -11.80 24.77
N MET A 68 -24.58 -11.21 24.68
CA MET A 68 -24.77 -9.85 25.12
C MET A 68 -24.83 -9.73 26.65
N PHE A 69 -24.83 -10.85 27.37
CA PHE A 69 -24.91 -10.79 28.80
C PHE A 69 -23.63 -11.19 29.48
N VAL A 70 -23.32 -10.51 30.58
CA VAL A 70 -22.20 -10.91 31.42
C VAL A 70 -22.56 -10.80 32.91
N SER A 71 -22.14 -11.82 33.64
CA SER A 71 -22.38 -11.89 35.08
C SER A 71 -21.65 -10.70 35.73
N ARG A 72 -22.22 -10.22 36.82
CA ARG A 72 -21.65 -9.11 37.55
C ARG A 72 -20.30 -9.57 38.05
N HIS A 73 -20.22 -10.84 38.45
CA HIS A 73 -18.99 -11.33 38.96
C HIS A 73 -17.88 -11.19 37.91
N LYS A 74 -18.17 -11.69 36.70
CA LYS A 74 -17.19 -11.62 35.62
C LYS A 74 -16.89 -10.21 35.09
N LEU A 75 -17.85 -9.30 35.16
CA LEU A 75 -17.61 -7.97 34.64
C LEU A 75 -16.83 -7.14 35.59
N GLU A 76 -16.86 -7.46 36.87
CA GLU A 76 -16.20 -6.60 37.87
C GLU A 76 -15.01 -7.35 38.48
N LYS A 77 -14.23 -7.98 37.61
CA LYS A 77 -13.19 -8.94 37.99
C LYS A 77 -11.97 -8.24 38.54
N GLU A 78 -11.42 -7.33 37.74
CA GLU A 78 -10.22 -6.57 38.10
C GLU A 78 -10.31 -5.94 39.49
N SER A 86 -18.45 1.17 37.41
CA SER A 86 -18.88 2.01 36.23
C SER A 86 -20.39 2.36 36.13
N PRO A 87 -20.71 3.65 36.10
CA PRO A 87 -22.08 4.12 36.09
C PRO A 87 -22.79 4.02 34.74
N GLU A 88 -22.05 3.71 33.66
CA GLU A 88 -22.65 3.51 32.33
C GLU A 88 -23.34 2.16 32.06
N VAL A 89 -23.09 1.14 32.90
CA VAL A 89 -23.56 -0.23 32.64
C VAL A 89 -25.04 -0.49 33.03
N ALA A 90 -25.81 -1.00 32.08
CA ALA A 90 -27.19 -1.39 32.25
C ALA A 90 -27.30 -2.78 32.84
N TRP A 91 -28.06 -2.90 33.94
CA TRP A 91 -28.15 -4.15 34.66
C TRP A 91 -29.54 -4.68 34.53
N VAL A 92 -29.65 -5.93 34.08
CA VAL A 92 -30.89 -6.70 34.11
C VAL A 92 -31.03 -7.36 35.52
N THR A 93 -32.18 -7.21 36.17
CA THR A 93 -32.38 -7.77 37.54
C THR A 93 -33.54 -8.76 37.63
N HIS A 94 -34.36 -8.82 36.61
CA HIS A 94 -35.42 -9.75 36.64
C HIS A 94 -36.00 -10.08 35.30
N TYR A 95 -36.63 -11.22 35.21
CA TYR A 95 -37.27 -11.65 33.97
C TYR A 95 -38.72 -11.88 34.32
N GLY A 96 -39.65 -11.32 33.54
CA GLY A 96 -41.06 -11.28 33.94
C GLY A 96 -41.26 -10.67 35.33
N ASP A 97 -41.79 -11.51 36.21
CA ASP A 97 -42.09 -11.24 37.62
C ASP A 97 -40.96 -11.65 38.61
N SER A 98 -39.91 -12.31 38.09
CA SER A 98 -39.03 -13.17 38.86
C SER A 98 -37.67 -12.56 39.07
N PRO A 99 -37.21 -12.47 40.32
CA PRO A 99 -35.89 -11.83 40.51
C PRO A 99 -34.76 -12.74 40.08
N LEU A 100 -33.71 -12.19 39.47
CA LEU A 100 -32.51 -12.98 39.22
C LEU A 100 -31.78 -13.19 40.54
N PRO A 101 -30.98 -14.27 40.64
CA PRO A 101 -30.08 -14.49 41.77
C PRO A 101 -29.05 -13.38 41.94
N GLU A 102 -28.51 -12.92 40.80
CA GLU A 102 -27.58 -11.78 40.72
C GLU A 102 -27.88 -11.01 39.46
N LYS A 103 -27.71 -9.71 39.53
CA LYS A 103 -27.94 -8.90 38.36
C LYS A 103 -26.99 -9.33 37.22
N ILE A 104 -27.39 -9.02 36.01
CA ILE A 104 -26.62 -9.36 34.83
C ILE A 104 -26.50 -8.11 33.97
N ALA A 105 -25.31 -7.87 33.44
CA ALA A 105 -25.03 -6.66 32.67
C ALA A 105 -25.22 -6.90 31.18
N ILE A 106 -25.73 -5.88 30.50
CA ILE A 106 -25.73 -5.86 29.06
C ILE A 106 -24.38 -5.32 28.62
N ARG A 107 -23.82 -5.98 27.63
CA ARG A 107 -22.47 -5.65 27.23
C ARG A 107 -22.28 -4.22 26.85
N PRO A 108 -21.26 -3.66 27.48
CA PRO A 108 -20.77 -2.33 27.23
C PRO A 108 -19.48 -2.35 26.39
N THR A 109 -18.92 -3.57 26.29
CA THR A 109 -17.76 -3.95 25.49
C THR A 109 -17.44 -5.39 25.95
N SER A 110 -16.66 -6.18 25.19
CA SER A 110 -16.62 -7.65 25.40
C SER A 110 -15.37 -8.31 25.95
N GLU A 111 -14.39 -7.53 26.37
CA GLU A 111 -13.24 -8.08 27.12
C GLU A 111 -13.55 -9.15 28.20
N THR A 112 -14.51 -8.88 29.10
CA THR A 112 -14.81 -9.79 30.24
C THR A 112 -15.61 -11.00 29.82
N ILE A 113 -16.19 -10.89 28.65
CA ILE A 113 -16.82 -12.05 28.08
C ILE A 113 -15.86 -12.89 27.30
N MET A 114 -15.03 -12.29 26.48
CA MET A 114 -14.23 -13.01 25.50
C MET A 114 -12.97 -13.50 26.16
N TYR A 115 -12.38 -12.70 27.04
CA TYR A 115 -11.04 -13.11 27.45
C TYR A 115 -10.98 -14.36 28.27
N PRO A 116 -12.02 -14.65 29.08
CA PRO A 116 -11.92 -15.94 29.79
C PRO A 116 -11.89 -17.12 28.84
N ALA A 117 -12.59 -17.02 27.72
CA ALA A 117 -12.62 -18.08 26.67
C ALA A 117 -11.28 -18.22 25.97
N TYR A 118 -10.65 -17.07 25.70
CA TYR A 118 -9.25 -17.00 25.19
C TYR A 118 -8.25 -17.72 26.10
N ALA A 119 -8.40 -17.57 27.41
CA ALA A 119 -7.55 -18.30 28.36
C ALA A 119 -7.73 -19.82 28.22
N LYS A 120 -8.95 -20.26 27.93
CA LYS A 120 -9.23 -21.69 27.68
C LYS A 120 -8.66 -22.22 26.36
N TRP A 121 -8.86 -21.46 25.30
CA TRP A 121 -8.52 -21.86 23.95
C TRP A 121 -7.04 -21.81 23.70
N ILE A 122 -6.33 -20.88 24.31
CA ILE A 122 -4.89 -20.80 24.06
C ILE A 122 -4.10 -21.62 25.08
N ARG A 123 -3.41 -22.66 24.60
CA ARG A 123 -2.58 -23.53 25.43
C ARG A 123 -1.12 -23.60 24.97
N SER A 124 -0.90 -23.35 23.69
CA SER A 124 0.33 -23.65 22.99
C SER A 124 0.53 -22.61 21.91
N HIS A 125 1.76 -22.47 21.45
CA HIS A 125 2.07 -21.58 20.36
C HIS A 125 1.37 -21.94 19.05
N ARG A 126 1.02 -23.20 18.84
CA ARG A 126 0.32 -23.60 17.65
C ARG A 126 -1.08 -22.99 17.62
N ASP A 127 -1.57 -22.48 18.77
CA ASP A 127 -2.92 -21.83 18.81
C ASP A 127 -2.85 -20.33 18.42
N LEU A 128 -1.66 -19.81 18.06
CA LEU A 128 -1.46 -18.42 17.86
C LEU A 128 -1.09 -18.21 16.43
N PRO A 129 -1.51 -17.09 15.84
CA PRO A 129 -2.35 -16.02 16.39
C PRO A 129 -3.84 -16.39 16.43
N LEU A 130 -4.54 -15.89 17.44
CA LEU A 130 -5.98 -16.01 17.51
C LEU A 130 -6.59 -14.61 17.15
N LYS A 131 -7.50 -14.60 16.17
CA LYS A 131 -7.97 -13.35 15.58
C LYS A 131 -9.48 -13.41 15.38
N LEU A 132 -10.23 -12.74 16.26
CA LEU A 132 -11.65 -12.73 16.14
C LEU A 132 -12.24 -11.33 16.12
N ASN A 133 -13.39 -11.23 15.50
CA ASN A 133 -14.13 -10.01 15.46
C ASN A 133 -15.58 -10.32 15.79
N GLN A 134 -16.29 -9.35 16.37
CA GLN A 134 -17.74 -9.45 16.26
C GLN A 134 -18.43 -8.16 15.89
N TRP A 135 -19.50 -8.31 15.12
CA TRP A 135 -20.56 -7.29 14.96
C TRP A 135 -21.66 -7.45 16.02
N CYS A 136 -21.99 -6.40 16.72
CA CYS A 136 -23.04 -6.53 17.70
C CYS A 136 -23.42 -5.16 18.18
N SER A 137 -24.54 -5.08 18.88
CA SER A 137 -24.90 -3.83 19.48
C SER A 137 -24.21 -3.75 20.84
N VAL A 138 -24.02 -2.53 21.30
CA VAL A 138 -23.34 -2.26 22.54
C VAL A 138 -24.24 -1.27 23.27
N VAL A 139 -24.39 -1.46 24.58
CA VAL A 139 -25.15 -0.50 25.43
C VAL A 139 -24.34 0.24 26.50
N ARG A 140 -24.48 1.56 26.52
CA ARG A 140 -23.84 2.40 27.55
C ARG A 140 -24.79 3.55 27.93
N TRP A 141 -24.95 3.77 29.24
CA TRP A 141 -25.80 4.85 29.74
C TRP A 141 -24.95 6.10 29.81
N GLU A 142 -24.75 6.69 28.63
CA GLU A 142 -23.86 7.84 28.49
C GLU A 142 -24.42 8.97 29.31
N PHE A 143 -23.55 9.67 30.03
CA PHE A 143 -23.94 10.85 30.81
C PHE A 143 -24.16 12.11 29.94
N LYS A 144 -23.42 12.18 28.83
CA LYS A 144 -23.42 13.38 28.00
C LYS A 144 -24.66 13.48 27.18
N GLN A 145 -24.91 14.67 26.65
CA GLN A 145 -25.99 14.81 25.74
C GLN A 145 -25.85 13.77 24.59
N PRO A 146 -26.90 12.97 24.40
CA PRO A 146 -26.89 12.09 23.27
C PRO A 146 -26.98 12.86 21.98
N THR A 147 -26.35 12.32 20.94
CA THR A 147 -26.44 12.84 19.58
C THR A 147 -26.55 11.65 18.62
N PRO A 148 -27.53 11.68 17.72
CA PRO A 148 -27.77 10.55 16.82
C PRO A 148 -26.53 10.27 16.04
N PHE A 149 -26.24 8.98 15.94
CA PHE A 149 -25.00 8.45 15.41
C PHE A 149 -23.82 8.69 16.33
N LEU A 150 -23.51 9.96 16.58
CA LEU A 150 -22.23 10.30 17.23
C LEU A 150 -22.08 9.78 18.62
N ARG A 151 -23.14 9.97 19.41
CA ARG A 151 -23.25 9.45 20.75
C ARG A 151 -24.66 8.93 20.99
N THR A 152 -24.79 7.62 21.16
CA THR A 152 -26.02 7.00 21.48
C THR A 152 -25.86 5.96 22.58
N ARG A 153 -26.95 5.65 23.25
CA ARG A 153 -26.89 4.73 24.36
C ARG A 153 -26.91 3.30 23.89
N GLU A 154 -27.61 3.06 22.79
CA GLU A 154 -27.40 1.87 21.98
C GLU A 154 -26.68 2.29 20.70
N PHE A 155 -25.51 1.71 20.43
CA PHE A 155 -24.85 1.87 19.12
C PHE A 155 -24.44 0.50 18.56
N LEU A 156 -24.30 0.44 17.23
CA LEU A 156 -23.79 -0.75 16.58
C LEU A 156 -22.31 -0.57 16.32
N TRP A 157 -21.57 -1.66 16.46
CA TRP A 157 -20.16 -1.63 16.16
C TRP A 157 -19.65 -2.99 15.74
N GLN A 158 -18.35 -3.00 15.45
CA GLN A 158 -17.57 -4.22 15.49
C GLN A 158 -16.52 -4.04 16.57
N GLU A 159 -16.09 -5.19 17.10
CA GLU A 159 -15.01 -5.15 18.00
C GLU A 159 -14.04 -6.32 17.66
N GLY A 160 -12.79 -6.02 17.32
CA GLY A 160 -11.78 -7.08 17.14
C GLY A 160 -10.89 -7.27 18.34
N HIS A 161 -10.55 -8.54 18.63
CA HIS A 161 -9.67 -8.96 19.75
C HIS A 161 -8.74 -10.04 19.27
N THR A 162 -7.44 -9.82 19.34
CA THR A 162 -6.44 -10.76 18.86
C THR A 162 -5.34 -10.94 19.91
N ALA A 163 -4.64 -12.06 19.75
CA ALA A 163 -3.64 -12.55 20.67
C ALA A 163 -2.55 -13.16 19.82
N HIS A 164 -1.30 -12.79 20.11
CA HIS A 164 -0.16 -13.13 19.28
C HIS A 164 0.97 -13.53 20.22
N ALA A 165 1.93 -14.25 19.67
CA ALA A 165 3.10 -14.76 20.39
C ALA A 165 4.08 -13.67 20.62
N THR A 166 4.03 -12.61 19.81
CA THR A 166 4.99 -11.52 19.96
C THR A 166 4.35 -10.16 19.84
N GLU A 167 4.96 -9.19 20.50
CA GLU A 167 4.57 -7.82 20.38
C GLU A 167 4.62 -7.34 18.94
N GLU A 168 5.66 -7.73 18.22
CA GLU A 168 5.91 -7.20 16.91
C GLU A 168 4.72 -7.61 16.07
N GLU A 169 4.33 -8.88 16.13
CA GLU A 169 3.23 -9.31 15.27
C GLU A 169 1.93 -8.59 15.61
N ALA A 170 1.66 -8.41 16.90
CA ALA A 170 0.49 -7.67 17.35
C ALA A 170 0.49 -6.22 16.87
N TRP A 171 1.65 -5.58 16.94
CA TRP A 171 1.78 -4.20 16.53
C TRP A 171 1.55 -4.11 15.02
N GLU A 172 2.07 -5.04 14.26
CA GLU A 172 1.81 -5.05 12.83
C GLU A 172 0.30 -5.07 12.59
N LEU A 173 -0.46 -5.74 13.46
CA LEU A 173 -1.87 -5.86 13.23
C LEU A 173 -2.59 -4.58 13.62
N VAL A 174 -2.23 -4.05 14.76
CA VAL A 174 -2.75 -2.76 15.15
C VAL A 174 -2.71 -1.78 14.03
N LEU A 175 -1.55 -1.64 13.39
CA LEU A 175 -1.39 -0.66 12.32
C LEU A 175 -2.16 -1.08 11.07
N ASP A 176 -2.16 -2.37 10.73
CA ASP A 176 -2.93 -2.83 9.57
C ASP A 176 -4.39 -2.48 9.81
N ILE A 177 -4.94 -2.71 11.02
CA ILE A 177 -6.37 -2.38 11.30
C ILE A 177 -6.66 -0.89 11.23
N LEU A 178 -5.77 -0.12 11.84
CA LEU A 178 -5.85 1.32 11.75
C LEU A 178 -5.90 1.83 10.31
N GLU A 179 -5.25 1.13 9.37
CA GLU A 179 -5.18 1.59 7.97
C GLU A 179 -6.53 1.27 7.35
N LEU A 180 -7.15 0.21 7.84
CA LEU A 180 -8.48 -0.11 7.34
C LEU A 180 -9.44 0.88 7.86
N TYR A 181 -9.24 1.44 9.06
CA TYR A 181 -10.19 2.48 9.53
C TYR A 181 -10.01 3.76 8.71
N ARG A 182 -8.77 4.15 8.41
CA ARG A 182 -8.54 5.23 7.45
C ARG A 182 -9.38 4.95 6.20
N ARG A 183 -9.32 3.74 5.73
CA ARG A 183 -9.95 3.44 4.43
C ARG A 183 -11.47 3.56 4.49
N TRP A 184 -12.07 3.01 5.56
CA TRP A 184 -13.50 3.07 5.90
C TRP A 184 -14.01 4.48 5.79
N TYR A 185 -13.30 5.37 6.46
CA TYR A 185 -13.69 6.76 6.43
C TYR A 185 -13.27 7.47 5.13
N GLU A 186 -12.01 7.36 4.72
CA GLU A 186 -11.53 8.10 3.54
C GLU A 186 -12.00 7.54 2.19
N GLU A 187 -12.02 6.20 2.03
CA GLU A 187 -12.40 5.54 0.75
C GLU A 187 -13.90 5.26 0.56
N CYS A 188 -14.60 4.84 1.61
CA CYS A 188 -16.06 4.71 1.57
C CYS A 188 -16.80 6.04 1.84
N LEU A 189 -16.52 6.76 2.93
CA LEU A 189 -17.35 7.89 3.36
C LEU A 189 -16.81 9.21 2.89
N ALA A 190 -15.68 9.19 2.21
CA ALA A 190 -14.99 10.44 1.80
C ALA A 190 -14.70 11.48 2.92
N VAL A 191 -14.58 11.00 4.15
CA VAL A 191 -14.15 11.83 5.29
C VAL A 191 -12.64 11.75 5.49
N PRO A 192 -11.91 12.86 5.42
CA PRO A 192 -10.48 12.75 5.77
C PRO A 192 -10.23 12.57 7.28
N VAL A 193 -9.28 11.71 7.61
CA VAL A 193 -8.92 11.50 9.01
C VAL A 193 -7.43 11.64 9.20
N ILE A 194 -7.00 11.66 10.46
CA ILE A 194 -5.58 11.79 10.81
C ILE A 194 -5.19 10.65 11.74
N LYS A 195 -4.23 9.81 11.36
CA LYS A 195 -3.77 8.77 12.27
C LYS A 195 -2.86 9.40 13.35
N GLY A 196 -2.90 8.90 14.57
CA GLY A 196 -2.13 9.43 15.65
C GLY A 196 -2.15 8.52 16.87
N GLU A 197 -1.22 8.74 17.78
CA GLU A 197 -1.11 7.99 19.04
C GLU A 197 -1.86 8.79 20.10
N LYS A 198 -2.66 8.16 20.95
CA LYS A 198 -3.26 8.90 22.05
C LYS A 198 -2.24 9.25 23.11
N SER A 199 -2.45 10.33 23.85
CA SER A 199 -1.63 10.60 25.04
C SER A 199 -1.84 9.56 26.11
N GLU A 200 -0.89 9.47 27.05
CA GLU A 200 -1.10 8.73 28.33
C GLU A 200 -2.46 8.93 29.04
N GLY A 201 -2.97 10.16 29.07
CA GLY A 201 -4.26 10.40 29.71
C GLY A 201 -5.47 9.99 28.88
N GLU A 202 -5.33 9.88 27.56
CA GLU A 202 -6.52 9.66 26.76
C GLU A 202 -6.63 8.25 26.21
N LYS A 203 -5.67 7.40 26.52
CA LYS A 203 -5.60 6.07 25.91
C LYS A 203 -6.39 5.10 26.73
N PHE A 204 -6.67 3.95 26.12
CA PHE A 204 -7.34 2.91 26.85
C PHE A 204 -6.46 2.50 28.04
N ALA A 205 -7.00 2.65 29.24
CA ALA A 205 -6.29 2.30 30.46
C ALA A 205 -5.92 0.81 30.55
N GLY A 206 -6.72 -0.08 29.96
CA GLY A 206 -6.32 -1.50 29.86
C GLY A 206 -5.10 -1.88 28.98
N GLY A 207 -4.49 -0.94 28.27
CA GLY A 207 -3.49 -1.27 27.24
C GLY A 207 -2.19 -0.46 27.30
N LYS A 208 -1.28 -0.82 26.44
CA LYS A 208 0.07 -0.18 26.37
C LYS A 208 0.08 1.03 25.45
N LYS A 209 -0.56 0.93 24.29
CA LYS A 209 -0.56 2.07 23.42
C LYS A 209 -1.79 2.06 22.59
N THR A 210 -2.46 3.20 22.51
CA THR A 210 -3.64 3.32 21.70
C THR A 210 -3.38 4.17 20.47
N THR A 211 -3.81 3.68 19.31
CA THR A 211 -3.80 4.47 18.10
C THR A 211 -5.21 4.75 17.70
N THR A 212 -5.35 5.80 16.91
CA THR A 212 -6.62 6.38 16.65
C THR A 212 -6.59 7.04 15.29
N VAL A 213 -7.76 7.25 14.80
CA VAL A 213 -8.00 7.94 13.60
C VAL A 213 -8.95 9.05 14.05
N GLU A 214 -8.61 10.30 13.83
CA GLU A 214 -9.43 11.45 14.33
C GLU A 214 -10.03 12.28 13.24
N ALA A 215 -11.21 12.83 13.52
CA ALA A 215 -11.86 13.74 12.55
C ALA A 215 -12.20 15.08 13.16
N PHE A 216 -12.55 16.02 12.27
CA PHE A 216 -12.84 17.42 12.65
C PHE A 216 -14.15 17.86 11.99
N ILE A 217 -15.03 18.39 12.83
CA ILE A 217 -16.26 19.04 12.40
C ILE A 217 -16.09 20.56 12.39
N PRO A 218 -15.84 21.17 11.21
CA PRO A 218 -15.63 22.64 11.18
C PRO A 218 -16.73 23.45 11.81
N GLU A 219 -17.99 23.03 11.66
CA GLU A 219 -19.12 23.91 11.99
C GLU A 219 -19.25 24.12 13.45
N ASN A 220 -18.70 23.24 14.30
CA ASN A 220 -18.62 23.59 15.73
C ASN A 220 -17.20 23.57 16.25
N GLY A 221 -16.20 23.46 15.38
CA GLY A 221 -14.81 23.44 15.86
C GLY A 221 -14.32 22.25 16.68
N ARG A 222 -15.04 21.11 16.60
CA ARG A 222 -14.73 19.95 17.46
C ARG A 222 -14.04 18.84 16.72
N GLY A 223 -13.03 18.32 17.40
CA GLY A 223 -12.47 17.03 17.05
C GLY A 223 -13.39 15.93 17.55
N ILE A 224 -13.17 14.74 17.00
CA ILE A 224 -13.98 13.60 17.32
C ILE A 224 -13.16 12.38 16.94
N GLN A 225 -13.06 11.42 17.85
CA GLN A 225 -12.35 10.18 17.56
C GLN A 225 -13.17 9.27 16.64
N ALA A 226 -12.62 8.90 15.49
CA ALA A 226 -13.37 8.16 14.49
C ALA A 226 -13.35 6.67 14.71
N ALA A 227 -12.26 6.17 15.29
CA ALA A 227 -12.09 4.77 15.55
C ALA A 227 -10.79 4.60 16.32
N THR A 228 -10.46 3.37 16.74
CA THR A 228 -9.43 3.20 17.71
C THR A 228 -8.89 1.83 17.53
N SER A 229 -7.57 1.68 17.71
CA SER A 229 -6.89 0.38 17.60
C SER A 229 -5.81 0.29 18.66
N HIS A 230 -5.92 -0.67 19.56
CA HIS A 230 -5.03 -0.68 20.74
C HIS A 230 -3.98 -1.74 20.69
N LEU A 231 -2.74 -1.41 20.94
CA LEU A 231 -1.77 -2.43 21.31
C LEU A 231 -1.92 -2.65 22.81
N LEU A 232 -2.41 -3.80 23.20
CA LEU A 232 -2.79 -3.99 24.60
C LEU A 232 -1.66 -4.53 25.48
N GLY A 233 -0.56 -4.95 24.87
CA GLY A 233 0.55 -5.47 25.64
C GLY A 233 0.23 -6.83 26.22
N THR A 234 0.75 -7.10 27.40
CA THR A 234 0.58 -8.40 28.02
C THR A 234 -0.32 -8.35 29.24
N ASN A 235 -1.02 -7.24 29.47
CA ASN A 235 -1.65 -7.10 30.79
C ASN A 235 -3.01 -7.75 30.99
N PHE A 236 -3.77 -7.84 29.92
CA PHE A 236 -5.02 -8.58 29.98
C PHE A 236 -4.71 -10.07 30.14
N ALA A 237 -3.62 -10.51 29.53
CA ALA A 237 -3.24 -11.90 29.60
C ALA A 237 -2.70 -12.21 30.98
N LYS A 238 -2.22 -11.21 31.66
CA LYS A 238 -1.85 -11.36 33.05
C LYS A 238 -3.10 -11.48 33.90
N MET A 239 -3.99 -10.52 33.77
CA MET A 239 -5.26 -10.52 34.46
C MET A 239 -6.07 -11.80 34.24
N PHE A 240 -6.24 -12.18 32.99
CA PHE A 240 -7.11 -13.28 32.63
C PHE A 240 -6.40 -14.63 32.52
N GLU A 241 -5.08 -14.61 32.64
CA GLU A 241 -4.24 -15.80 32.52
C GLU A 241 -4.28 -16.41 31.13
N ILE A 242 -4.03 -15.59 30.12
CA ILE A 242 -3.94 -16.08 28.76
C ILE A 242 -2.46 -16.34 28.47
N GLU A 243 -2.11 -17.62 28.55
CA GLU A 243 -0.71 -18.05 28.48
C GLU A 243 -0.53 -19.20 27.54
N PHE A 244 0.68 -19.34 27.00
CA PHE A 244 0.98 -20.42 26.05
C PHE A 244 2.35 -21.00 26.28
N GLU A 245 2.41 -22.32 26.13
CA GLU A 245 3.67 -23.00 26.10
C GLU A 245 4.35 -22.72 24.77
N ASP A 246 5.55 -22.18 24.83
CA ASP A 246 6.27 -21.87 23.59
C ASP A 246 6.92 -23.17 23.09
N GLU A 247 7.65 -23.10 21.99
CA GLU A 247 8.27 -24.36 21.49
C GLU A 247 9.43 -24.87 22.31
N GLU A 248 9.76 -24.20 23.39
CA GLU A 248 10.77 -24.68 24.25
C GLU A 248 10.09 -25.15 25.51
N GLY A 249 8.76 -25.20 25.52
CA GLY A 249 7.99 -25.60 26.69
C GLY A 249 7.88 -24.55 27.78
N HIS A 250 8.43 -23.38 27.57
CA HIS A 250 8.19 -22.30 28.53
C HIS A 250 6.80 -21.63 28.44
N LYS A 251 6.29 -21.25 29.61
CA LYS A 251 5.03 -20.55 29.70
C LYS A 251 5.19 -19.08 29.39
N ARG A 252 4.53 -18.62 28.32
CA ARG A 252 4.55 -17.20 27.93
C ARG A 252 3.17 -16.46 27.93
N LEU A 253 3.18 -15.16 28.19
CA LEU A 253 1.99 -14.30 28.02
C LEU A 253 1.79 -13.94 26.57
N VAL A 254 0.55 -13.98 26.13
CA VAL A 254 0.25 -13.53 24.79
C VAL A 254 0.30 -12.00 24.75
N HIS A 255 0.46 -11.51 23.52
CA HIS A 255 0.39 -10.10 23.23
C HIS A 255 -0.93 -9.82 22.50
N GLN A 256 -1.60 -8.78 22.92
CA GLN A 256 -2.98 -8.56 22.50
C GLN A 256 -3.27 -7.23 21.81
N THR A 257 -4.28 -7.25 20.94
CA THR A 257 -4.82 -6.03 20.30
C THR A 257 -6.30 -6.06 20.43
N SER A 258 -6.89 -4.89 20.38
CA SER A 258 -8.35 -4.79 20.23
C SER A 258 -8.65 -3.52 19.51
N TRP A 259 -9.81 -3.45 18.87
CA TRP A 259 -10.08 -2.32 17.94
C TRP A 259 -11.58 -2.19 17.73
N GLY A 260 -12.09 -1.00 17.58
CA GLY A 260 -13.50 -0.86 17.25
C GLY A 260 -13.81 0.44 16.55
N CYS A 261 -14.95 0.41 15.87
CA CYS A 261 -15.49 1.54 15.13
C CYS A 261 -16.99 1.37 15.09
N THR A 262 -17.74 2.45 15.16
CA THR A 262 -19.20 2.30 15.34
C THR A 262 -20.01 3.03 14.29
N THR A 263 -21.34 3.01 14.48
CA THR A 263 -22.31 3.86 13.72
C THR A 263 -22.05 5.35 13.91
N ARG A 264 -21.14 5.74 14.81
CA ARG A 264 -20.64 7.08 14.76
C ARG A 264 -20.15 7.53 13.38
N SER A 265 -19.53 6.65 12.63
CA SER A 265 -18.92 7.02 11.34
C SER A 265 -19.97 7.58 10.34
N LEU A 266 -21.21 7.08 10.38
CA LEU A 266 -22.25 7.60 9.51
C LEU A 266 -22.53 9.08 9.76
N GLY A 267 -22.55 9.44 11.03
CA GLY A 267 -22.80 10.78 11.47
C GLY A 267 -21.71 11.73 11.05
N VAL A 268 -20.47 11.34 11.27
CA VAL A 268 -19.32 12.12 10.81
C VAL A 268 -19.41 12.38 9.29
N MET A 269 -19.72 11.33 8.52
CA MET A 269 -20.01 11.49 7.10
C MET A 269 -21.14 12.48 6.77
N ILE A 270 -22.24 12.45 7.51
CA ILE A 270 -23.30 13.44 7.27
C ILE A 270 -22.81 14.88 7.48
N MET A 271 -22.18 15.11 8.60
CA MET A 271 -21.72 16.45 8.95
C MET A 271 -20.70 16.93 7.96
N THR A 272 -19.82 16.07 7.47
CA THR A 272 -18.77 16.52 6.59
C THR A 272 -19.34 17.04 5.22
N HIS A 273 -20.18 16.26 4.54
CA HIS A 273 -20.55 16.61 3.18
C HIS A 273 -21.86 17.34 3.02
N GLY A 274 -22.64 17.46 4.09
CA GLY A 274 -23.96 18.09 4.00
C GLY A 274 -23.84 19.58 3.71
N ASP A 275 -24.86 20.15 3.10
CA ASP A 275 -24.91 21.58 2.84
C ASP A 275 -26.32 22.10 3.20
N ASP A 276 -26.57 23.37 2.91
CA ASP A 276 -27.87 24.01 3.24
C ASP A 276 -29.11 23.33 2.67
N LYS A 277 -29.04 22.64 1.52
CA LYS A 277 -30.22 21.87 1.08
C LYS A 277 -30.40 20.55 1.80
N GLY A 278 -29.36 20.05 2.45
CA GLY A 278 -29.45 18.75 3.12
C GLY A 278 -28.27 17.83 2.96
N LEU A 279 -28.54 16.54 2.80
CA LEU A 279 -27.45 15.59 2.79
C LEU A 279 -26.75 15.65 1.45
N VAL A 280 -25.50 15.24 1.45
CA VAL A 280 -24.83 14.82 0.22
C VAL A 280 -24.15 13.50 0.59
N ILE A 281 -24.49 12.41 -0.08
CA ILE A 281 -23.97 11.09 0.26
C ILE A 281 -22.95 10.68 -0.77
N PRO A 282 -21.78 10.22 -0.30
CA PRO A 282 -20.79 9.78 -1.29
C PRO A 282 -21.32 8.59 -2.09
N PRO A 283 -21.09 8.53 -3.42
CA PRO A 283 -21.55 7.45 -4.27
C PRO A 283 -21.19 6.04 -3.84
N ARG A 284 -20.05 5.89 -3.22
CA ARG A 284 -19.59 4.57 -2.81
C ARG A 284 -20.58 3.94 -1.85
N VAL A 285 -21.19 4.75 -1.01
CA VAL A 285 -22.08 4.23 -0.02
C VAL A 285 -23.57 4.55 -0.17
N ALA A 286 -23.96 5.36 -1.18
CA ALA A 286 -25.37 5.73 -1.36
C ALA A 286 -26.30 4.57 -1.81
N SER A 287 -27.51 4.51 -1.21
CA SER A 287 -28.48 3.42 -1.53
C SER A 287 -28.91 3.55 -2.99
N VAL A 288 -29.28 4.78 -3.34
CA VAL A 288 -29.45 5.19 -4.72
C VAL A 288 -28.34 6.13 -5.23
N GLN A 289 -27.65 5.74 -6.28
CA GLN A 289 -26.64 6.61 -6.85
C GLN A 289 -27.19 7.55 -7.92
N VAL A 290 -28.24 7.12 -8.58
CA VAL A 290 -28.85 7.88 -9.59
C VAL A 290 -30.34 7.73 -9.44
N VAL A 291 -31.04 8.84 -9.31
CA VAL A 291 -32.48 8.79 -9.27
C VAL A 291 -32.94 9.28 -10.60
N ILE A 292 -33.83 8.53 -11.23
CA ILE A 292 -34.42 8.92 -12.47
C ILE A 292 -35.74 9.58 -12.10
N ILE A 293 -35.87 10.81 -12.61
CA ILE A 293 -37.03 11.64 -12.44
C ILE A 293 -37.64 11.96 -13.80
N PRO A 294 -38.79 11.35 -14.07
CA PRO A 294 -39.54 11.61 -15.29
C PRO A 294 -40.27 12.96 -15.22
N ILE A 295 -40.13 13.82 -16.24
CA ILE A 295 -40.79 15.13 -16.18
C ILE A 295 -42.24 14.91 -16.59
N LEU A 296 -43.07 14.63 -15.58
CA LEU A 296 -44.47 14.29 -15.72
C LEU A 296 -45.24 15.05 -14.65
N PHE A 297 -46.36 15.63 -15.04
CA PHE A 297 -47.28 16.22 -14.10
C PHE A 297 -48.48 15.28 -13.99
N ASN A 301 -50.13 9.91 -17.98
CA ASN A 301 -49.15 8.85 -18.02
C ASN A 301 -49.37 8.06 -19.34
N THR A 302 -48.84 8.58 -20.46
CA THR A 302 -49.00 7.95 -21.80
C THR A 302 -48.15 6.72 -21.96
N GLY A 303 -47.12 6.58 -21.11
CA GLY A 303 -46.21 5.42 -21.12
C GLY A 303 -44.96 5.53 -21.98
N GLU A 304 -44.66 6.69 -22.54
CA GLU A 304 -43.47 6.83 -23.39
C GLU A 304 -42.24 7.18 -22.55
N ILE A 305 -42.47 7.96 -21.49
CA ILE A 305 -41.38 8.47 -20.69
C ILE A 305 -40.90 7.40 -19.69
N LEU A 306 -41.82 6.90 -18.86
CA LEU A 306 -41.53 5.74 -18.00
C LEU A 306 -41.03 4.52 -18.79
N GLY A 307 -41.56 4.32 -19.99
CA GLY A 307 -40.99 3.29 -20.83
C GLY A 307 -39.51 3.56 -21.03
N LYS A 308 -39.13 4.81 -21.32
CA LYS A 308 -37.72 5.09 -21.50
C LYS A 308 -36.94 5.10 -20.19
N CYS A 309 -37.60 5.40 -19.08
CA CYS A 309 -36.92 5.43 -17.80
C CYS A 309 -36.52 4.03 -17.40
N ARG A 310 -37.51 3.14 -17.38
CA ARG A 310 -37.26 1.69 -17.27
C ARG A 310 -36.11 1.24 -18.18
N GLU A 311 -36.15 1.55 -19.45
CA GLU A 311 -35.01 1.18 -20.31
C GLU A 311 -33.66 1.66 -19.76
N LEU A 312 -33.56 2.96 -19.53
CA LEU A 312 -32.40 3.54 -18.91
C LEU A 312 -32.00 2.89 -17.60
N LYS A 313 -32.98 2.46 -16.81
CA LYS A 313 -32.67 1.83 -15.55
C LYS A 313 -31.88 0.54 -15.81
N THR A 314 -32.41 -0.30 -16.69
CA THR A 314 -31.84 -1.59 -17.02
C THR A 314 -30.43 -1.38 -17.50
N MET A 315 -30.26 -0.41 -18.38
CA MET A 315 -28.97 -0.18 -19.00
C MET A 315 -27.95 0.20 -17.93
N LEU A 316 -28.31 1.13 -17.04
CA LEU A 316 -27.40 1.57 -15.98
C LEU A 316 -27.16 0.46 -14.92
N GLU A 317 -28.16 -0.35 -14.65
CA GLU A 317 -27.99 -1.45 -13.73
C GLU A 317 -27.03 -2.49 -14.29
N LYS A 318 -26.85 -2.52 -15.60
CA LYS A 318 -25.87 -3.44 -16.16
C LYS A 318 -24.43 -3.03 -15.80
N ALA A 319 -24.21 -1.75 -15.52
CA ALA A 319 -22.93 -1.29 -15.05
C ALA A 319 -22.86 -1.22 -13.52
N ASP A 320 -23.82 -1.85 -12.83
CA ASP A 320 -23.88 -1.93 -11.35
C ASP A 320 -24.14 -0.60 -10.64
N ILE A 321 -24.62 0.38 -11.39
CA ILE A 321 -25.10 1.61 -10.82
C ILE A 321 -26.43 1.38 -10.09
N ARG A 322 -26.55 1.84 -8.84
CA ARG A 322 -27.82 1.67 -8.11
C ARG A 322 -28.78 2.81 -8.50
N VAL A 323 -30.00 2.46 -8.93
CA VAL A 323 -30.92 3.42 -9.55
C VAL A 323 -32.33 3.36 -8.96
N ARG A 324 -32.98 4.50 -8.84
CA ARG A 324 -34.44 4.47 -8.58
C ARG A 324 -35.20 5.44 -9.48
N ILE A 325 -36.28 4.97 -10.09
CA ILE A 325 -37.18 5.84 -10.85
C ILE A 325 -38.18 6.36 -9.84
N ASP A 326 -38.36 7.67 -9.75
CA ASP A 326 -39.36 8.19 -8.87
C ASP A 326 -40.58 8.46 -9.74
N ASP A 327 -41.33 7.40 -9.99
CA ASP A 327 -42.56 7.45 -10.78
C ASP A 327 -43.84 7.83 -10.01
N ARG A 328 -43.77 8.69 -9.01
CA ARG A 328 -44.97 9.05 -8.23
C ARG A 328 -45.80 10.15 -8.93
N SER A 329 -47.12 9.96 -8.90
CA SER A 329 -48.03 10.66 -9.80
C SER A 329 -48.34 12.08 -9.31
N ASN A 330 -48.47 12.20 -8.01
CA ASN A 330 -49.07 13.38 -7.38
C ASN A 330 -48.06 14.44 -7.00
N TYR A 331 -46.79 14.24 -7.29
CA TYR A 331 -45.74 15.20 -6.93
C TYR A 331 -45.19 15.82 -8.19
N THR A 332 -44.87 17.10 -8.13
CA THR A 332 -44.25 17.77 -9.24
C THR A 332 -42.78 17.48 -9.31
N PRO A 333 -42.24 17.55 -10.52
CA PRO A 333 -40.84 17.34 -10.73
C PRO A 333 -39.97 18.10 -9.74
N GLY A 334 -40.20 19.40 -9.59
CA GLY A 334 -39.41 20.24 -8.68
C GLY A 334 -39.49 19.83 -7.22
N TRP A 335 -40.66 19.33 -6.83
CA TRP A 335 -40.88 18.76 -5.54
C TRP A 335 -39.92 17.55 -5.40
N LYS A 336 -39.88 16.73 -6.45
CA LYS A 336 -39.06 15.54 -6.41
C LYS A 336 -37.58 15.87 -6.43
N TYR A 337 -37.18 16.87 -7.22
CA TYR A 337 -35.82 17.30 -7.21
C TYR A 337 -35.45 17.56 -5.78
N ASN A 338 -36.16 18.46 -5.13
CA ASN A 338 -35.87 18.81 -3.74
C ASN A 338 -35.81 17.58 -2.83
N HIS A 339 -36.73 16.64 -3.04
CA HIS A 339 -36.86 15.51 -2.15
C HIS A 339 -35.56 14.74 -2.15
N TRP A 340 -35.09 14.40 -3.34
CA TRP A 340 -33.87 13.65 -3.48
C TRP A 340 -32.63 14.47 -3.18
N GLU A 341 -32.73 15.78 -3.23
CA GLU A 341 -31.62 16.60 -2.77
C GLU A 341 -31.43 16.53 -1.26
N VAL A 342 -32.55 16.53 -0.52
CA VAL A 342 -32.50 16.45 0.93
C VAL A 342 -31.90 15.15 1.36
N LYS A 343 -32.24 14.08 0.63
CA LYS A 343 -31.63 12.78 0.83
C LYS A 343 -30.19 12.65 0.34
N GLY A 344 -29.71 13.60 -0.43
CA GLY A 344 -28.32 13.56 -0.85
C GLY A 344 -27.97 12.52 -1.91
N VAL A 345 -28.91 12.17 -2.78
CA VAL A 345 -28.64 11.28 -3.91
C VAL A 345 -27.58 11.92 -4.76
N PRO A 346 -26.46 11.25 -4.98
CA PRO A 346 -25.41 12.04 -5.66
C PRO A 346 -25.75 12.50 -7.10
N LEU A 347 -26.69 11.84 -7.76
CA LEU A 347 -26.97 12.18 -9.14
C LEU A 347 -28.48 12.09 -9.46
N ARG A 348 -29.00 13.11 -10.15
CA ARG A 348 -30.37 13.12 -10.60
C ARG A 348 -30.35 13.00 -12.12
N LEU A 349 -31.13 12.08 -12.68
CA LEU A 349 -31.32 12.05 -14.12
C LEU A 349 -32.75 12.55 -14.50
N GLU A 350 -32.79 13.57 -15.36
CA GLU A 350 -34.07 14.18 -15.78
C GLU A 350 -34.40 13.66 -17.15
N LEU A 351 -35.64 13.17 -17.31
CA LEU A 351 -36.08 12.76 -18.62
C LEU A 351 -37.48 13.24 -18.89
N GLY A 352 -37.57 14.26 -19.74
CA GLY A 352 -38.82 14.82 -20.19
C GLY A 352 -38.99 14.62 -21.68
N PRO A 353 -40.06 15.20 -22.23
CA PRO A 353 -40.41 14.96 -23.65
C PRO A 353 -39.39 15.54 -24.60
N LYS A 354 -38.87 16.69 -24.24
CA LYS A 354 -37.67 17.28 -24.87
C LYS A 354 -36.53 16.25 -24.96
N ASP A 355 -36.14 15.75 -23.78
CA ASP A 355 -35.06 14.78 -23.67
C ASP A 355 -35.41 13.59 -24.54
N LEU A 356 -36.63 13.13 -24.41
CA LEU A 356 -37.10 11.96 -25.16
C LEU A 356 -37.01 12.17 -26.71
N ALA A 357 -37.23 13.40 -27.17
CA ALA A 357 -37.14 13.73 -28.60
C ALA A 357 -35.70 13.84 -29.10
N LYS A 358 -34.81 14.31 -28.23
CA LYS A 358 -33.40 14.50 -28.57
C LYS A 358 -32.56 13.19 -28.50
N GLY A 359 -33.02 12.21 -27.75
CA GLY A 359 -32.20 11.03 -27.44
C GLY A 359 -31.12 11.27 -26.39
N THR A 360 -31.29 12.34 -25.61
CA THR A 360 -30.37 12.74 -24.57
C THR A 360 -31.09 12.65 -23.21
N ALA A 361 -30.34 12.86 -22.14
CA ALA A 361 -30.91 13.04 -20.82
C ALA A 361 -30.08 14.07 -20.11
N ARG A 362 -30.67 14.67 -19.08
CA ARG A 362 -30.03 15.79 -18.37
C ARG A 362 -29.61 15.34 -16.98
N VAL A 363 -28.35 15.54 -16.63
CA VAL A 363 -27.85 15.00 -15.36
C VAL A 363 -27.28 16.12 -14.50
N VAL A 364 -27.69 16.14 -13.24
CA VAL A 364 -27.33 17.19 -12.32
C VAL A 364 -26.66 16.54 -11.15
N ARG A 365 -25.51 17.07 -10.74
CA ARG A 365 -24.72 16.50 -9.65
C ARG A 365 -24.96 17.30 -8.38
N ARG A 366 -25.17 16.56 -7.30
CA ARG A 366 -25.76 17.12 -6.09
C ARG A 366 -24.71 17.93 -5.32
N ASP A 367 -23.42 17.57 -5.48
CA ASP A 367 -22.36 18.25 -4.73
C ASP A 367 -22.22 19.68 -5.22
N THR A 368 -22.18 19.87 -6.54
CA THR A 368 -21.96 21.21 -7.13
C THR A 368 -23.16 21.86 -7.79
N GLY A 369 -24.16 21.08 -8.17
CA GLY A 369 -25.25 21.59 -9.00
C GLY A 369 -24.93 21.60 -10.50
N GLU A 370 -23.76 21.16 -10.91
CA GLU A 370 -23.41 21.30 -12.33
C GLU A 370 -24.26 20.34 -13.14
N ALA A 371 -24.74 20.81 -14.28
CA ALA A 371 -25.63 20.04 -15.15
C ALA A 371 -24.87 19.59 -16.37
N TYR A 372 -25.34 18.51 -17.00
CA TYR A 372 -24.65 17.90 -18.12
C TYR A 372 -25.69 17.36 -19.05
N GLN A 373 -25.42 17.46 -20.35
CA GLN A 373 -26.26 16.85 -21.36
C GLN A 373 -25.54 15.63 -21.90
N ILE A 374 -26.19 14.46 -21.82
CA ILE A 374 -25.54 13.22 -22.13
C ILE A 374 -26.42 12.34 -23.00
N SER A 375 -25.82 11.75 -24.04
CA SER A 375 -26.61 10.93 -24.97
C SER A 375 -26.88 9.61 -24.29
N TRP A 376 -28.04 9.03 -24.58
CA TRP A 376 -28.40 7.76 -23.99
C TRP A 376 -27.23 6.76 -24.04
N ALA A 377 -26.58 6.63 -25.19
CA ALA A 377 -25.53 5.62 -25.32
C ALA A 377 -24.30 5.87 -24.41
N ASP A 378 -23.99 7.12 -24.15
CA ASP A 378 -22.90 7.47 -23.24
C ASP A 378 -23.26 7.49 -21.75
N LEU A 379 -24.52 7.21 -21.39
CA LEU A 379 -24.90 7.35 -20.00
C LEU A 379 -24.09 6.50 -19.02
N ALA A 380 -24.00 5.20 -19.28
CA ALA A 380 -23.36 4.31 -18.33
C ALA A 380 -21.91 4.74 -18.02
N PRO A 381 -21.07 4.90 -19.06
CA PRO A 381 -19.68 5.28 -18.76
C PRO A 381 -19.50 6.69 -18.18
N LYS A 382 -20.40 7.59 -18.55
CA LYS A 382 -20.30 8.99 -18.16
C LYS A 382 -20.75 9.23 -16.70
N LEU A 383 -21.77 8.47 -16.27
CA LEU A 383 -22.21 8.46 -14.90
C LEU A 383 -21.22 7.76 -13.99
N LEU A 384 -20.52 6.72 -14.48
CA LEU A 384 -19.40 6.14 -13.70
C LEU A 384 -18.28 7.13 -13.47
N GLU A 385 -17.94 7.88 -14.49
CA GLU A 385 -16.85 8.83 -14.37
C GLU A 385 -17.30 9.96 -13.42
N LEU A 386 -18.58 10.34 -13.47
CA LEU A 386 -19.09 11.41 -12.64
C LEU A 386 -19.10 11.05 -11.19
N MET A 387 -19.39 9.80 -10.90
CA MET A 387 -19.36 9.31 -9.54
C MET A 387 -17.96 9.25 -8.96
N GLU A 388 -16.96 8.81 -9.75
CA GLU A 388 -15.55 8.90 -9.33
C GLU A 388 -15.18 10.35 -9.05
N GLY A 389 -15.67 11.30 -9.85
CA GLY A 389 -15.39 12.73 -9.69
C GLY A 389 -16.01 13.27 -8.42
N ILE A 390 -17.27 12.92 -8.22
CA ILE A 390 -18.00 13.33 -7.02
C ILE A 390 -17.34 12.84 -5.74
N GLN A 391 -16.97 11.57 -5.74
CA GLN A 391 -16.45 10.89 -4.60
C GLN A 391 -15.15 11.55 -4.27
N ARG A 392 -14.30 11.70 -5.29
CA ARG A 392 -12.97 12.30 -5.13
C ARG A 392 -13.03 13.81 -4.70
N SER A 393 -13.94 14.56 -5.26
CA SER A 393 -14.05 15.97 -4.98
C SER A 393 -14.63 16.21 -3.55
N LEU A 394 -15.53 15.34 -3.11
CA LEU A 394 -16.03 15.45 -1.76
C LEU A 394 -14.89 15.33 -0.74
N PHE A 395 -14.05 14.33 -1.02
CA PHE A 395 -12.91 14.08 -0.21
C PHE A 395 -11.97 15.26 -0.22
N GLU A 396 -11.54 15.68 -1.42
CA GLU A 396 -10.51 16.74 -1.54
C GLU A 396 -10.99 18.02 -0.88
N LYS A 397 -12.26 18.38 -1.09
CA LYS A 397 -12.83 19.56 -0.42
C LYS A 397 -12.82 19.44 1.10
N ALA A 398 -13.16 18.26 1.62
CA ALA A 398 -13.15 18.04 3.08
C ALA A 398 -11.73 18.03 3.61
N LYS A 399 -10.82 17.47 2.85
CA LYS A 399 -9.42 17.52 3.25
C LYS A 399 -8.95 18.96 3.44
N ALA A 400 -9.44 19.85 2.58
CA ALA A 400 -8.97 21.23 2.56
C ALA A 400 -9.56 21.95 3.74
N ARG A 401 -10.84 21.72 4.04
CA ARG A 401 -11.45 22.28 5.25
C ARG A 401 -10.79 21.71 6.55
N LEU A 402 -10.30 20.47 6.49
CA LEU A 402 -9.61 19.94 7.65
C LEU A 402 -8.34 20.76 7.89
N HIS A 403 -7.59 21.00 6.83
CA HIS A 403 -6.27 21.57 7.05
C HIS A 403 -6.31 23.05 7.31
N GLU A 404 -7.42 23.67 6.89
CA GLU A 404 -7.76 25.04 7.26
C GLU A 404 -8.31 25.17 8.65
N GLY A 405 -8.57 24.05 9.30
CA GLY A 405 -9.15 24.02 10.64
C GLY A 405 -8.10 23.77 11.71
N ILE A 406 -6.86 23.59 11.28
CA ILE A 406 -5.79 23.32 12.19
C ILE A 406 -4.85 24.50 12.14
N GLU A 407 -4.68 25.14 13.29
CA GLU A 407 -3.71 26.22 13.43
C GLU A 407 -2.46 25.69 14.12
N LYS A 408 -1.30 25.93 13.53
CA LYS A 408 -0.03 25.56 14.13
C LYS A 408 0.45 26.68 15.04
N ILE A 409 0.66 26.38 16.33
CA ILE A 409 1.08 27.42 17.31
C ILE A 409 2.34 27.05 18.12
N SER A 410 2.91 28.06 18.76
CA SER A 410 4.16 27.94 19.50
C SER A 410 4.03 28.14 20.99
N THR A 411 2.95 28.81 21.40
CA THR A 411 2.78 29.35 22.77
C THR A 411 1.32 29.24 23.21
N PHE A 412 1.15 29.10 24.52
CA PHE A 412 -0.15 28.95 25.14
C PHE A 412 -1.10 30.14 24.89
N ASP A 413 -0.52 31.31 24.70
CA ASP A 413 -1.27 32.51 24.33
C ASP A 413 -1.99 32.43 23.00
N GLU A 414 -1.54 31.57 22.08
CA GLU A 414 -2.21 31.45 20.81
C GLU A 414 -3.42 30.50 20.91
N VAL A 415 -3.60 29.88 22.09
CA VAL A 415 -4.61 28.85 22.21
C VAL A 415 -6.04 29.35 22.10
N MET A 416 -6.43 30.23 23.03
CA MET A 416 -7.80 30.71 23.07
C MET A 416 -8.25 31.44 21.79
N PRO A 417 -7.40 32.29 21.22
CA PRO A 417 -7.89 32.90 19.96
C PRO A 417 -8.15 31.83 18.90
N ALA A 418 -7.35 30.76 18.94
CA ALA A 418 -7.47 29.69 17.93
C ALA A 418 -8.74 28.82 18.16
N LEU A 419 -9.07 28.58 19.44
CA LEU A 419 -10.33 27.91 19.77
C LEU A 419 -11.55 28.74 19.43
N ASN A 420 -11.43 30.07 19.56
CA ASN A 420 -12.55 30.95 19.30
C ASN A 420 -12.87 30.99 17.84
N ARG A 421 -11.87 30.78 16.99
CA ARG A 421 -12.09 30.65 15.53
C ARG A 421 -12.56 29.24 15.12
N LYS A 422 -12.99 28.43 16.09
CA LYS A 422 -13.47 27.07 15.86
C LYS A 422 -12.38 26.25 15.19
N HIS A 423 -11.17 26.37 15.71
CA HIS A 423 -10.04 25.66 15.17
C HIS A 423 -9.43 24.67 16.14
N LEU A 424 -8.76 23.69 15.56
CA LEU A 424 -7.90 22.80 16.31
C LEU A 424 -6.54 23.45 16.45
N VAL A 425 -5.78 23.02 17.45
CA VAL A 425 -4.41 23.49 17.54
C VAL A 425 -3.43 22.35 17.58
N LEU A 426 -2.36 22.55 16.83
CA LEU A 426 -1.27 21.64 16.64
C LEU A 426 -0.07 22.34 17.30
N ALA A 427 0.55 21.70 18.30
CA ALA A 427 1.57 22.39 19.12
C ALA A 427 2.66 21.47 19.70
N PRO A 428 3.88 22.00 19.83
CA PRO A 428 4.92 21.14 20.35
C PRO A 428 4.64 20.92 21.80
N TRP A 429 4.74 19.69 22.22
CA TRP A 429 4.35 19.32 23.57
C TRP A 429 5.33 18.36 24.24
N CYS A 430 5.68 18.62 25.49
CA CYS A 430 6.59 17.71 26.24
C CYS A 430 5.97 16.37 26.62
N GLU A 431 4.67 16.20 26.47
CA GLU A 431 3.98 14.92 26.81
C GLU A 431 3.98 14.50 28.26
N ASP A 432 4.34 15.42 29.13
CA ASP A 432 4.15 15.18 30.54
C ASP A 432 2.64 15.02 30.92
N PRO A 433 2.26 13.88 31.48
CA PRO A 433 0.82 13.67 31.77
C PRO A 433 0.15 14.75 32.63
N GLU A 434 0.82 15.16 33.72
CA GLU A 434 0.34 16.29 34.56
C GLU A 434 0.00 17.54 33.73
N SER A 435 0.86 17.88 32.75
CA SER A 435 0.55 19.03 31.91
C SER A 435 -0.79 18.88 31.19
N GLU A 436 -1.17 17.68 30.72
CA GLU A 436 -2.44 17.59 30.00
C GLU A 436 -3.57 18.02 30.89
N GLU A 437 -3.67 17.42 32.05
CA GLU A 437 -4.57 17.87 33.11
C GLU A 437 -4.56 19.37 33.40
N GLN A 438 -3.37 19.97 33.53
CA GLN A 438 -3.32 21.41 33.78
C GLN A 438 -3.99 22.19 32.64
N ILE A 439 -3.73 21.76 31.39
CA ILE A 439 -4.31 22.42 30.20
C ILE A 439 -5.81 22.19 30.05
N LYS A 440 -6.31 21.01 30.38
CA LYS A 440 -7.78 20.84 30.42
C LYS A 440 -8.44 21.83 31.40
N LYS A 441 -7.82 22.02 32.58
CA LYS A 441 -8.31 22.96 33.60
C LYS A 441 -8.18 24.38 33.10
N GLU A 442 -6.97 24.79 32.79
CA GLU A 442 -6.75 26.17 32.42
C GLU A 442 -7.68 26.62 31.25
N THR A 443 -7.90 25.77 30.26
CA THR A 443 -8.79 26.13 29.15
C THR A 443 -10.26 25.98 29.47
N GLN A 444 -10.62 25.10 30.42
CA GLN A 444 -11.98 25.11 30.98
C GLN A 444 -12.22 26.47 31.68
N LYS A 445 -11.43 26.80 32.73
CA LYS A 445 -11.56 28.12 33.45
C LYS A 445 -11.62 29.29 32.45
N LEU A 446 -10.70 29.35 31.49
CA LEU A 446 -10.68 30.47 30.60
C LEU A 446 -11.89 30.52 29.68
N SER A 447 -12.51 29.37 29.43
CA SER A 447 -13.68 29.32 28.53
C SER A 447 -14.94 29.87 29.19
N GLU A 448 -15.15 29.53 30.47
CA GLU A 448 -16.25 30.08 31.33
C GLU A 448 -16.19 31.61 31.46
N ILE A 449 -14.97 32.12 31.69
CA ILE A 449 -14.75 33.55 31.85
C ILE A 449 -15.29 34.24 30.61
N GLN A 450 -14.80 33.86 29.43
CA GLN A 450 -15.23 34.46 28.16
C GLN A 450 -16.68 34.20 27.75
N GLY A 463 -16.07 23.18 27.25
CA GLY A 463 -15.13 24.25 26.91
C GLY A 463 -13.69 23.76 26.97
N ALA A 464 -13.44 22.65 27.66
CA ALA A 464 -12.08 22.17 27.82
C ALA A 464 -11.42 21.69 26.51
N MET A 465 -10.16 22.06 26.39
CA MET A 465 -9.32 21.61 25.30
C MET A 465 -8.50 20.39 25.77
N LYS A 466 -8.52 19.31 25.01
CA LYS A 466 -7.73 18.14 25.35
C LYS A 466 -6.95 17.68 24.16
N THR A 467 -6.11 16.67 24.37
CA THR A 467 -5.30 16.11 23.31
C THR A 467 -6.18 15.27 22.51
N LEU A 468 -6.04 15.32 21.19
CA LEU A 468 -6.78 14.42 20.29
C LEU A 468 -5.87 13.29 19.81
N CYS A 469 -4.67 13.65 19.35
CA CYS A 469 -3.65 12.69 19.08
C CYS A 469 -2.29 13.32 18.82
N ILE A 470 -1.28 12.48 18.90
CA ILE A 470 0.04 12.82 18.42
C ILE A 470 0.10 12.28 16.96
N PRO A 471 -0.09 13.13 15.95
CA PRO A 471 -0.09 12.63 14.56
C PRO A 471 1.18 11.84 14.12
N PHE A 472 0.94 10.72 13.47
CA PHE A 472 2.01 9.97 12.75
C PHE A 472 2.74 10.89 11.75
N ASP A 473 1.95 11.72 11.07
CA ASP A 473 2.43 12.81 10.23
C ASP A 473 2.87 14.02 11.01
N GLN A 474 4.11 14.07 11.34
CA GLN A 474 4.64 15.11 12.18
C GLN A 474 5.25 16.17 11.30
N PRO A 475 4.77 17.41 11.40
CA PRO A 475 5.48 18.52 10.76
C PRO A 475 6.86 18.77 11.40
N PRO A 476 7.75 19.47 10.71
CA PRO A 476 9.09 19.49 11.25
C PRO A 476 9.24 20.23 12.57
N MET A 477 10.29 19.87 13.30
CA MET A 477 10.51 20.29 14.64
C MET A 477 11.97 20.80 14.75
N PRO A 478 12.14 22.13 14.62
CA PRO A 478 13.47 22.82 14.73
C PRO A 478 14.16 22.51 16.04
N GLU A 479 15.45 22.22 15.99
CA GLU A 479 16.15 21.57 17.10
C GLU A 479 15.87 22.13 18.50
N GLY A 480 15.67 23.42 18.64
CA GLY A 480 15.56 23.91 20.02
C GLY A 480 14.18 23.94 20.66
N THR A 481 13.17 23.37 20.02
CA THR A 481 11.79 23.84 20.25
C THR A 481 11.28 23.43 21.64
N LYS A 482 10.46 24.30 22.23
CA LYS A 482 10.00 24.16 23.59
C LYS A 482 8.51 23.85 23.62
N CYS A 483 8.09 23.23 24.72
CA CYS A 483 6.69 22.91 24.95
C CYS A 483 5.90 24.18 24.98
N PHE A 484 4.79 24.23 24.24
CA PHE A 484 3.91 25.41 24.22
C PHE A 484 3.34 25.80 25.59
N TYR A 485 3.37 24.90 26.58
CA TYR A 485 2.81 25.18 27.89
C TYR A 485 3.89 25.24 29.00
N THR A 486 4.59 24.15 29.25
CA THR A 486 5.62 24.16 30.28
C THR A 486 6.91 24.87 29.90
N GLY A 487 7.16 25.07 28.61
CA GLY A 487 8.49 25.54 28.16
C GLY A 487 9.63 24.54 28.34
N LYS A 488 9.32 23.28 28.69
CA LYS A 488 10.36 22.23 28.69
C LYS A 488 10.71 21.82 27.25
N PRO A 489 11.72 20.95 27.04
CA PRO A 489 11.97 20.59 25.62
C PRO A 489 10.78 19.83 25.06
N ALA A 490 10.48 20.03 23.77
CA ALA A 490 9.23 19.55 23.20
C ALA A 490 9.55 18.35 22.42
N LYS A 491 8.86 17.25 22.76
CA LYS A 491 9.03 15.96 22.12
C LYS A 491 8.52 16.00 20.66
N ARG A 492 7.20 16.19 20.53
CA ARG A 492 6.49 16.04 19.29
C ARG A 492 5.39 17.05 19.22
N TRP A 493 4.75 17.09 18.06
CA TRP A 493 3.58 17.86 17.84
C TRP A 493 2.34 17.07 18.25
N THR A 494 1.51 17.67 19.09
CA THR A 494 0.28 17.08 19.49
C THR A 494 -0.87 17.95 18.94
N LEU A 495 -1.92 17.28 18.45
CA LEU A 495 -3.11 17.94 17.94
C LEU A 495 -4.08 18.02 19.09
N TRP A 496 -4.55 19.22 19.40
CA TRP A 496 -5.45 19.48 20.53
C TRP A 496 -6.72 20.09 20.05
N GLY A 497 -7.79 19.91 20.84
CA GLY A 497 -9.02 20.70 20.63
C GLY A 497 -10.17 20.44 21.60
N ARG A 498 -11.24 21.18 21.37
CA ARG A 498 -12.53 20.86 21.92
C ARG A 498 -12.92 19.57 21.23
N SER A 499 -13.67 18.72 21.88
CA SER A 499 -13.99 17.42 21.31
C SER A 499 -15.36 16.87 21.68
N TYR A 500 -15.84 15.91 20.94
CA TYR A 500 -17.03 15.18 21.36
C TYR A 500 -16.67 14.22 22.50
N MET B 3 -11.84 -35.67 18.96
CA MET B 3 -12.47 -36.89 18.35
C MET B 3 -13.78 -37.24 19.10
N VAL B 4 -14.80 -37.58 18.30
CA VAL B 4 -16.16 -37.91 18.79
C VAL B 4 -16.32 -39.41 19.16
N THR B 5 -16.82 -39.65 20.39
CA THR B 5 -16.99 -40.98 20.99
C THR B 5 -18.40 -41.42 21.34
N ALA B 6 -19.32 -40.50 21.60
CA ALA B 6 -20.70 -40.94 21.74
C ALA B 6 -21.30 -41.26 20.39
N LYS B 7 -22.32 -42.10 20.45
CA LYS B 7 -22.95 -42.65 19.27
C LYS B 7 -24.27 -41.99 19.07
N LYS B 8 -24.48 -41.49 17.87
CA LYS B 8 -25.68 -40.70 17.54
C LYS B 8 -27.00 -41.43 17.80
N ASP B 9 -27.06 -42.74 17.51
CA ASP B 9 -28.27 -43.52 17.77
C ASP B 9 -28.40 -44.03 19.24
N GLU B 10 -27.40 -43.78 20.09
CA GLU B 10 -27.39 -44.38 21.45
C GLU B 10 -27.66 -43.39 22.55
N ASN B 11 -26.94 -42.28 22.64
CA ASN B 11 -27.42 -41.13 23.44
C ASN B 11 -27.30 -39.83 22.69
N PHE B 12 -28.44 -39.31 22.28
CA PHE B 12 -28.50 -38.25 21.30
C PHE B 12 -28.01 -36.92 21.86
N SER B 13 -28.51 -36.55 23.04
CA SER B 13 -28.02 -35.38 23.78
C SER B 13 -26.50 -35.28 23.88
N GLU B 14 -25.82 -36.36 24.23
CA GLU B 14 -24.38 -36.31 24.46
C GLU B 14 -23.62 -36.35 23.15
N TRP B 15 -24.10 -37.11 22.17
CA TRP B 15 -23.58 -36.97 20.81
C TRP B 15 -23.61 -35.50 20.37
N TYR B 16 -24.70 -34.78 20.65
CA TYR B 16 -24.91 -33.42 20.11
C TYR B 16 -23.93 -32.45 20.74
N THR B 17 -23.94 -32.49 22.06
CA THR B 17 -22.97 -31.74 22.85
C THR B 17 -21.55 -31.98 22.39
N GLN B 18 -21.15 -33.25 22.37
CA GLN B 18 -19.83 -33.59 21.86
C GLN B 18 -19.59 -32.98 20.50
N ALA B 19 -20.59 -33.07 19.62
CA ALA B 19 -20.39 -32.72 18.21
C ALA B 19 -20.20 -31.24 18.02
N ILE B 20 -21.09 -30.47 18.61
CA ILE B 20 -20.99 -29.04 18.48
C ILE B 20 -19.80 -28.54 19.27
N VAL B 21 -19.35 -29.27 20.29
CA VAL B 21 -18.16 -28.81 21.06
C VAL B 21 -16.85 -29.18 20.39
N ARG B 22 -16.72 -30.43 19.99
CA ARG B 22 -15.47 -30.91 19.40
C ARG B 22 -15.19 -30.41 17.96
N SER B 23 -16.21 -30.01 17.20
CA SER B 23 -16.05 -29.28 15.93
C SER B 23 -15.65 -27.83 16.11
N GLU B 24 -15.74 -27.37 17.35
CA GLU B 24 -15.39 -25.99 17.74
C GLU B 24 -16.41 -25.00 17.19
N MET B 25 -17.65 -25.42 17.21
CA MET B 25 -18.77 -24.62 16.85
C MET B 25 -19.32 -23.82 18.04
N ILE B 26 -19.20 -24.37 19.24
CA ILE B 26 -19.91 -23.83 20.40
C ILE B 26 -19.00 -23.83 21.61
N GLU B 27 -18.96 -22.77 22.38
CA GLU B 27 -18.32 -22.85 23.68
C GLU B 27 -19.35 -22.55 24.74
N TYR B 28 -19.21 -23.16 25.88
CA TYR B 28 -20.24 -23.07 26.92
C TYR B 28 -19.94 -21.83 27.73
N TYR B 29 -20.93 -21.38 28.48
CA TYR B 29 -20.90 -20.03 29.08
C TYR B 29 -21.63 -20.00 30.41
N ASP B 30 -21.35 -19.04 31.26
CA ASP B 30 -21.78 -19.14 32.69
C ASP B 30 -23.26 -18.72 32.88
N ILE B 31 -23.76 -17.91 31.97
CA ILE B 31 -25.17 -17.55 31.91
C ILE B 31 -25.94 -18.60 31.16
N SER B 32 -26.80 -19.23 31.93
CA SER B 32 -27.56 -20.37 31.54
C SER B 32 -28.42 -20.05 30.32
N GLY B 33 -28.39 -20.94 29.32
CA GLY B 33 -29.19 -20.77 28.12
C GLY B 33 -28.50 -19.94 27.07
N CYS B 34 -27.25 -19.54 27.34
CA CYS B 34 -26.50 -18.65 26.46
C CYS B 34 -25.19 -19.33 26.07
N TYR B 35 -24.81 -19.16 24.80
CA TYR B 35 -23.69 -19.92 24.27
C TYR B 35 -22.85 -19.04 23.40
N ILE B 36 -21.54 -19.28 23.39
CA ILE B 36 -20.63 -18.68 22.46
C ILE B 36 -20.61 -19.42 21.12
N MET B 37 -20.82 -18.67 20.04
CA MET B 37 -20.80 -19.17 18.68
C MET B 37 -19.44 -18.87 18.13
N ARG B 38 -18.69 -19.89 17.88
CA ARG B 38 -17.37 -19.70 17.41
C ARG B 38 -17.48 -19.62 15.91
N PRO B 39 -16.37 -19.22 15.28
CA PRO B 39 -16.22 -19.03 13.83
C PRO B 39 -16.79 -20.15 13.00
N TRP B 40 -16.47 -21.38 13.35
CA TRP B 40 -16.94 -22.48 12.55
C TRP B 40 -18.45 -22.50 12.45
N ALA B 41 -19.15 -22.14 13.53
CA ALA B 41 -20.60 -22.04 13.45
C ALA B 41 -20.99 -20.67 12.94
N PHE B 42 -20.29 -19.61 13.33
CA PHE B 42 -20.70 -18.29 12.89
C PHE B 42 -20.66 -18.16 11.36
N HIS B 43 -19.67 -18.70 10.69
CA HIS B 43 -19.61 -18.57 9.26
C HIS B 43 -20.76 -19.23 8.53
N ILE B 44 -21.30 -20.28 9.07
CA ILE B 44 -22.48 -20.93 8.44
C ILE B 44 -23.70 -20.02 8.56
N TRP B 45 -23.78 -19.29 9.66
CA TRP B 45 -24.88 -18.32 9.84
C TRP B 45 -24.76 -17.25 8.80
N GLU B 46 -23.53 -16.84 8.52
CA GLU B 46 -23.23 -15.84 7.51
C GLU B 46 -23.58 -16.30 6.09
N LYS B 47 -23.32 -17.53 5.76
CA LYS B 47 -23.84 -18.02 4.50
C LYS B 47 -25.38 -17.90 4.42
N VAL B 48 -26.11 -18.43 5.39
CA VAL B 48 -27.56 -18.44 5.24
C VAL B 48 -28.20 -17.07 5.35
N GLN B 49 -27.56 -16.17 6.10
CA GLN B 49 -28.00 -14.79 6.22
C GLN B 49 -27.80 -14.08 4.92
N ARG B 50 -26.67 -14.31 4.25
CA ARG B 50 -26.34 -13.61 2.99
C ARG B 50 -27.31 -14.10 1.89
N PHE B 51 -27.53 -15.42 1.83
CA PHE B 51 -28.54 -15.97 0.95
C PHE B 51 -29.94 -15.35 1.09
N PHE B 52 -30.50 -15.37 2.29
CA PHE B 52 -31.88 -14.90 2.55
C PHE B 52 -31.96 -13.41 2.33
N ASP B 53 -30.97 -12.71 2.87
CA ASP B 53 -30.86 -11.30 2.70
C ASP B 53 -30.90 -10.86 1.24
N ASP B 54 -30.04 -11.42 0.39
CA ASP B 54 -30.10 -11.14 -1.04
C ASP B 54 -31.48 -11.43 -1.64
N GLU B 55 -32.10 -12.52 -1.23
CA GLU B 55 -33.37 -12.86 -1.82
C GLU B 55 -34.49 -11.90 -1.42
N ILE B 56 -34.53 -11.49 -0.16
CA ILE B 56 -35.60 -10.52 0.20
C ILE B 56 -35.34 -9.15 -0.42
N LYS B 57 -34.06 -8.85 -0.66
CA LYS B 57 -33.74 -7.62 -1.40
C LYS B 57 -34.43 -7.60 -2.80
N LYS B 58 -34.46 -8.73 -3.50
CA LYS B 58 -35.09 -8.82 -4.84
C LYS B 58 -36.60 -8.67 -4.82
N MET B 59 -37.21 -8.77 -3.64
CA MET B 59 -38.65 -8.50 -3.46
C MET B 59 -38.84 -7.09 -2.97
N GLY B 60 -37.78 -6.30 -2.94
CA GLY B 60 -37.87 -4.91 -2.49
C GLY B 60 -37.83 -4.74 -0.98
N VAL B 61 -37.54 -5.78 -0.20
CA VAL B 61 -37.44 -5.59 1.25
C VAL B 61 -36.14 -4.88 1.60
N GLU B 62 -36.21 -4.01 2.58
CA GLU B 62 -35.03 -3.25 3.01
C GLU B 62 -34.74 -3.43 4.48
N ASN B 63 -33.46 -3.38 4.80
CA ASN B 63 -33.07 -3.60 6.16
C ASN B 63 -33.06 -2.32 6.96
N SER B 64 -33.23 -2.48 8.27
CA SER B 64 -33.21 -1.36 9.19
C SER B 64 -32.74 -1.81 10.56
N TYR B 65 -32.64 -0.90 11.51
CA TYR B 65 -32.38 -1.35 12.84
C TYR B 65 -33.15 -0.50 13.84
N PHE B 66 -34.11 -1.12 14.51
CA PHE B 66 -34.86 -0.49 15.57
C PHE B 66 -34.18 -0.82 16.90
N PRO B 67 -34.44 0.00 17.90
CA PRO B 67 -33.78 -0.20 19.15
C PRO B 67 -34.16 -1.50 19.84
N MET B 68 -33.23 -2.00 20.67
CA MET B 68 -33.39 -3.22 21.47
C MET B 68 -34.12 -3.00 22.81
N PHE B 69 -34.42 -1.77 23.13
CA PHE B 69 -35.17 -1.46 24.33
C PHE B 69 -36.56 -1.04 23.98
N VAL B 70 -37.46 -1.34 24.90
CA VAL B 70 -38.84 -0.93 24.71
C VAL B 70 -39.44 -0.64 26.06
N SER B 71 -40.07 0.51 26.14
CA SER B 71 -40.46 1.06 27.43
C SER B 71 -41.62 0.19 27.94
N ARG B 72 -41.69 0.04 29.26
CA ARG B 72 -42.68 -0.80 29.94
C ARG B 72 -44.09 -0.58 29.43
N HIS B 73 -44.46 0.69 29.44
CA HIS B 73 -45.74 1.23 28.96
C HIS B 73 -46.15 0.66 27.58
N LYS B 74 -45.23 0.71 26.61
CA LYS B 74 -45.51 0.31 25.22
C LYS B 74 -45.59 -1.19 25.00
N LEU B 75 -44.75 -1.92 25.71
CA LEU B 75 -44.71 -3.37 25.67
C LEU B 75 -45.89 -4.01 26.42
N GLU B 76 -46.22 -3.46 27.60
CA GLU B 76 -47.33 -3.91 28.47
C GLU B 76 -48.61 -3.13 28.13
N LYS B 77 -48.95 -3.09 26.84
CA LYS B 77 -50.02 -2.26 26.28
C LYS B 77 -51.41 -2.97 26.36
N GLU B 78 -51.61 -4.05 25.59
CA GLU B 78 -52.89 -4.77 25.55
C GLU B 78 -53.18 -5.46 26.88
N SER B 86 -46.06 -11.26 30.33
CA SER B 86 -45.15 -12.30 29.91
C SER B 86 -44.02 -12.53 30.90
N PRO B 87 -43.80 -13.79 31.28
CA PRO B 87 -42.73 -14.23 32.20
C PRO B 87 -41.34 -14.39 31.58
N GLU B 88 -41.25 -14.19 30.24
CA GLU B 88 -40.04 -14.48 29.50
C GLU B 88 -39.16 -13.26 29.23
N VAL B 89 -39.72 -12.09 29.50
CA VAL B 89 -39.14 -10.82 29.12
C VAL B 89 -38.11 -10.37 30.15
N ALA B 90 -36.96 -9.93 29.64
CA ALA B 90 -35.88 -9.42 30.46
C ALA B 90 -35.96 -7.89 30.69
N TRP B 91 -35.88 -7.53 31.95
CA TRP B 91 -36.12 -6.17 32.38
C TRP B 91 -34.86 -5.50 32.88
N VAL B 92 -34.56 -4.34 32.33
CA VAL B 92 -33.41 -3.55 32.79
C VAL B 92 -34.00 -2.59 33.79
N THR B 93 -33.38 -2.46 34.95
CA THR B 93 -33.87 -1.55 36.02
C THR B 93 -32.86 -0.55 36.56
N HIS B 94 -31.58 -0.74 36.26
CA HIS B 94 -30.52 0.11 36.77
C HIS B 94 -29.46 0.44 35.73
N TYR B 95 -28.86 1.60 35.89
CA TYR B 95 -27.60 1.94 35.25
C TYR B 95 -26.62 2.29 36.36
N GLY B 96 -25.44 1.69 36.28
CA GLY B 96 -24.59 1.54 37.46
C GLY B 96 -25.47 1.14 38.62
N ASP B 97 -25.29 1.84 39.72
CA ASP B 97 -26.11 1.65 40.94
C ASP B 97 -27.43 2.36 40.91
N SER B 98 -27.58 3.38 40.08
CA SER B 98 -28.82 4.19 40.07
C SER B 98 -29.95 3.40 39.44
N PRO B 99 -31.19 3.61 39.91
CA PRO B 99 -32.32 2.98 39.24
C PRO B 99 -32.96 3.90 38.24
N LEU B 100 -33.52 3.36 37.19
CA LEU B 100 -34.17 4.15 36.20
C LEU B 100 -35.49 4.62 36.68
N PRO B 101 -35.99 5.74 36.11
CA PRO B 101 -37.35 6.18 36.41
C PRO B 101 -38.28 5.00 36.29
N GLU B 102 -38.35 4.42 35.10
CA GLU B 102 -39.15 3.23 34.80
C GLU B 102 -38.26 2.10 34.29
N LYS B 103 -38.64 0.87 34.57
CA LYS B 103 -37.89 -0.22 34.01
C LYS B 103 -38.14 -0.28 32.47
N ILE B 104 -37.34 -1.10 31.80
CA ILE B 104 -37.22 -1.10 30.36
C ILE B 104 -36.89 -2.52 29.94
N ALA B 105 -37.50 -2.94 28.86
CA ALA B 105 -37.38 -4.31 28.42
C ALA B 105 -36.44 -4.45 27.24
N ILE B 106 -35.75 -5.58 27.25
CA ILE B 106 -35.00 -6.01 26.08
C ILE B 106 -35.93 -6.71 25.07
N ARG B 107 -35.79 -6.31 23.81
CA ARG B 107 -36.62 -6.81 22.71
C ARG B 107 -36.78 -8.32 22.61
N PRO B 108 -37.95 -8.81 23.00
CA PRO B 108 -38.25 -10.23 22.87
C PRO B 108 -38.75 -10.52 21.45
N THR B 109 -39.29 -9.51 20.79
CA THR B 109 -39.80 -9.36 19.45
C THR B 109 -40.03 -7.82 19.24
N SER B 110 -40.24 -7.35 18.04
CA SER B 110 -40.27 -5.87 17.91
C SER B 110 -41.57 -5.26 17.41
N GLU B 111 -42.66 -6.01 17.45
CA GLU B 111 -43.96 -5.45 17.12
C GLU B 111 -44.18 -4.15 17.86
N THR B 112 -43.93 -4.13 19.16
CA THR B 112 -44.29 -2.93 19.92
C THR B 112 -43.34 -1.78 19.64
N ILE B 113 -42.17 -2.08 19.12
CA ILE B 113 -41.18 -1.05 18.77
C ILE B 113 -41.40 -0.58 17.36
N MET B 114 -41.72 -1.48 16.45
CA MET B 114 -41.83 -1.07 15.02
C MET B 114 -43.18 -0.46 14.69
N TYR B 115 -44.26 -0.99 15.27
CA TYR B 115 -45.58 -0.63 14.78
C TYR B 115 -46.04 0.82 15.06
N PRO B 116 -45.61 1.42 16.19
CA PRO B 116 -45.91 2.88 16.28
C PRO B 116 -45.28 3.75 15.22
N ALA B 117 -44.07 3.47 14.78
CA ALA B 117 -43.46 4.23 13.68
C ALA B 117 -44.14 3.94 12.30
N TYR B 118 -44.69 2.75 12.15
CA TYR B 118 -45.46 2.41 10.97
C TYR B 118 -46.70 3.29 10.87
N ALA B 119 -47.38 3.41 11.99
CA ALA B 119 -48.58 4.22 12.10
C ALA B 119 -48.29 5.65 11.67
N LYS B 120 -47.08 6.11 11.95
CA LYS B 120 -46.60 7.44 11.57
C LYS B 120 -46.06 7.62 10.16
N TRP B 121 -45.46 6.60 9.54
CA TRP B 121 -44.89 6.72 8.17
C TRP B 121 -45.90 6.40 7.07
N ILE B 122 -46.95 5.66 7.44
CA ILE B 122 -47.98 5.26 6.49
C ILE B 122 -49.12 6.28 6.56
N ARG B 123 -49.23 7.09 5.51
CA ARG B 123 -50.28 8.10 5.39
C ARG B 123 -51.18 7.79 4.21
N SER B 124 -50.59 7.53 3.05
CA SER B 124 -51.37 7.23 1.87
C SER B 124 -50.98 5.87 1.27
N HIS B 125 -51.74 5.48 0.25
CA HIS B 125 -51.40 4.34 -0.60
C HIS B 125 -50.10 4.53 -1.38
N ARG B 126 -49.63 5.77 -1.51
CA ARG B 126 -48.36 6.02 -2.18
C ARG B 126 -47.23 5.43 -1.34
N ASP B 127 -47.51 5.21 -0.04
CA ASP B 127 -46.51 4.73 0.95
C ASP B 127 -46.55 3.20 1.14
N LEU B 128 -47.30 2.52 0.28
CA LEU B 128 -47.42 1.08 0.32
C LEU B 128 -47.02 0.44 -1.00
N PRO B 129 -46.56 -0.80 -0.95
CA PRO B 129 -46.28 -1.59 0.28
C PRO B 129 -45.05 -1.08 1.06
N LEU B 130 -45.10 -1.15 2.39
CA LEU B 130 -43.92 -0.88 3.23
C LEU B 130 -43.28 -2.19 3.65
N LYS B 131 -42.04 -2.40 3.25
CA LYS B 131 -41.38 -3.66 3.48
C LYS B 131 -40.06 -3.48 4.21
N LEU B 132 -40.06 -3.82 5.51
CA LEU B 132 -38.83 -3.82 6.31
C LEU B 132 -38.46 -5.13 6.95
N ASN B 133 -37.16 -5.28 7.18
CA ASN B 133 -36.55 -6.43 7.87
C ASN B 133 -35.44 -5.95 8.75
N GLN B 134 -35.15 -6.73 9.79
CA GLN B 134 -33.96 -6.51 10.57
C GLN B 134 -33.34 -7.78 11.12
N TRP B 135 -32.03 -7.80 11.09
CA TRP B 135 -31.20 -8.76 11.77
C TRP B 135 -30.84 -8.26 13.17
N CYS B 136 -31.08 -9.07 14.18
CA CYS B 136 -30.70 -8.70 15.53
C CYS B 136 -30.71 -9.90 16.45
N SER B 137 -30.42 -9.68 17.70
CA SER B 137 -30.69 -10.70 18.69
C SER B 137 -31.94 -10.36 19.46
N VAL B 138 -32.44 -11.39 20.12
CA VAL B 138 -33.65 -11.35 20.84
C VAL B 138 -33.33 -12.02 22.13
N VAL B 139 -33.92 -11.53 23.21
CA VAL B 139 -33.75 -12.15 24.48
C VAL B 139 -35.09 -12.66 25.04
N ARG B 140 -35.12 -13.92 25.45
CA ARG B 140 -36.30 -14.50 26.01
C ARG B 140 -35.80 -15.42 27.13
N TRP B 141 -36.36 -15.28 28.32
CA TRP B 141 -35.97 -16.11 29.44
C TRP B 141 -36.76 -17.42 29.39
N GLU B 142 -36.32 -18.32 28.50
CA GLU B 142 -37.03 -19.54 28.20
C GLU B 142 -37.09 -20.40 29.43
N PHE B 143 -38.27 -20.98 29.64
CA PHE B 143 -38.50 -21.87 30.77
C PHE B 143 -38.19 -23.29 30.45
N LYS B 144 -38.24 -23.66 29.16
CA LYS B 144 -37.88 -25.00 28.73
C LYS B 144 -36.39 -25.22 28.85
N GLN B 145 -36.03 -26.48 28.92
CA GLN B 145 -34.65 -26.90 28.81
C GLN B 145 -34.01 -26.23 27.59
N PRO B 146 -33.00 -25.39 27.82
CA PRO B 146 -32.29 -24.81 26.69
C PRO B 146 -31.46 -25.83 25.92
N THR B 147 -31.23 -25.55 24.66
CA THR B 147 -30.33 -26.34 23.83
C THR B 147 -29.61 -25.40 22.89
N PRO B 148 -28.29 -25.48 22.81
CA PRO B 148 -27.53 -24.65 21.87
C PRO B 148 -28.11 -24.74 20.45
N PHE B 149 -28.33 -23.56 19.89
CA PHE B 149 -29.03 -23.32 18.63
C PHE B 149 -30.54 -23.46 18.71
N LEU B 150 -31.02 -24.63 19.07
CA LEU B 150 -32.45 -24.87 18.91
C LEU B 150 -33.30 -23.98 19.81
N ARG B 151 -32.81 -23.71 21.02
CA ARG B 151 -33.58 -22.98 22.02
C ARG B 151 -32.69 -22.33 23.05
N THR B 152 -32.47 -21.03 22.91
CA THR B 152 -31.42 -20.34 23.67
C THR B 152 -32.05 -19.07 24.22
N ARG B 153 -31.44 -18.46 25.24
CA ARG B 153 -32.09 -17.30 25.86
C ARG B 153 -31.90 -16.02 25.09
N GLU B 154 -30.72 -15.85 24.50
CA GLU B 154 -30.45 -14.89 23.46
C GLU B 154 -30.23 -15.73 22.22
N PHE B 155 -30.99 -15.43 21.15
CA PHE B 155 -30.76 -16.07 19.85
C PHE B 155 -30.65 -15.00 18.79
N LEU B 156 -30.09 -15.36 17.63
CA LEU B 156 -30.03 -14.46 16.49
C LEU B 156 -31.14 -14.79 15.51
N TRP B 157 -31.74 -13.74 15.00
CA TRP B 157 -32.72 -13.87 13.98
C TRP B 157 -32.75 -12.72 13.03
N GLN B 158 -33.67 -12.89 12.11
CA GLN B 158 -34.11 -11.89 11.20
C GLN B 158 -35.62 -11.83 11.51
N GLU B 159 -36.14 -10.62 11.67
CA GLU B 159 -37.59 -10.44 11.70
C GLU B 159 -37.97 -9.49 10.57
N GLY B 160 -38.94 -9.95 9.78
CA GLY B 160 -39.54 -9.18 8.70
C GLY B 160 -40.93 -8.72 9.05
N HIS B 161 -41.22 -7.46 8.75
CA HIS B 161 -42.52 -6.89 8.97
C HIS B 161 -43.01 -6.05 7.77
N THR B 162 -44.17 -6.40 7.20
CA THR B 162 -44.69 -5.66 5.98
C THR B 162 -46.10 -5.14 6.11
N ALA B 163 -46.40 -4.09 5.35
CA ALA B 163 -47.76 -3.54 5.32
C ALA B 163 -48.24 -3.32 3.90
N HIS B 164 -49.46 -3.79 3.63
CA HIS B 164 -50.09 -3.69 2.31
C HIS B 164 -51.54 -3.18 2.33
N ALA B 165 -51.94 -2.70 1.16
CA ALA B 165 -53.24 -2.11 0.88
C ALA B 165 -54.32 -3.16 0.87
N THR B 166 -53.96 -4.38 0.44
CA THR B 166 -54.90 -5.48 0.29
C THR B 166 -54.38 -6.72 1.01
N GLU B 167 -55.27 -7.67 1.26
CA GLU B 167 -54.93 -8.93 1.88
C GLU B 167 -54.34 -9.87 0.86
N GLU B 168 -54.86 -9.86 -0.35
CA GLU B 168 -54.26 -10.61 -1.43
C GLU B 168 -52.74 -10.36 -1.53
N GLU B 169 -52.31 -9.11 -1.49
CA GLU B 169 -50.89 -8.81 -1.71
C GLU B 169 -50.00 -9.23 -0.51
N ALA B 170 -50.57 -9.13 0.69
CA ALA B 170 -49.90 -9.56 1.91
C ALA B 170 -49.75 -11.07 1.93
N TRP B 171 -50.81 -11.75 1.57
CA TRP B 171 -50.81 -13.20 1.50
C TRP B 171 -49.81 -13.65 0.42
N GLU B 172 -49.82 -13.00 -0.73
CA GLU B 172 -48.85 -13.34 -1.77
C GLU B 172 -47.46 -13.33 -1.11
N LEU B 173 -47.23 -12.30 -0.31
CA LEU B 173 -45.94 -12.12 0.31
C LEU B 173 -45.69 -13.16 1.39
N VAL B 174 -46.74 -13.55 2.13
CA VAL B 174 -46.56 -14.60 3.12
C VAL B 174 -45.94 -15.84 2.51
N LEU B 175 -46.38 -16.18 1.30
CA LEU B 175 -45.96 -17.44 0.67
C LEU B 175 -44.63 -17.30 0.00
N ASP B 176 -44.31 -16.13 -0.55
CA ASP B 176 -42.99 -15.93 -1.12
C ASP B 176 -41.93 -16.16 -0.01
N ILE B 177 -42.14 -15.51 1.12
CA ILE B 177 -41.23 -15.66 2.21
C ILE B 177 -41.14 -17.10 2.66
N LEU B 178 -42.23 -17.83 2.67
CA LEU B 178 -42.17 -19.19 3.16
C LEU B 178 -41.44 -20.08 2.18
N GLU B 179 -41.60 -19.78 0.90
CA GLU B 179 -40.82 -20.50 -0.10
C GLU B 179 -39.30 -20.19 0.19
N LEU B 180 -38.99 -18.93 0.53
CA LEU B 180 -37.59 -18.59 0.83
C LEU B 180 -37.02 -19.35 2.03
N TYR B 181 -37.86 -19.62 3.03
CA TYR B 181 -37.43 -20.45 4.15
C TYR B 181 -37.24 -21.89 3.70
N ARG B 182 -38.14 -22.40 2.88
CA ARG B 182 -37.92 -23.76 2.36
C ARG B 182 -36.56 -23.78 1.67
N ARG B 183 -36.24 -22.73 0.93
CA ARG B 183 -35.00 -22.70 0.17
C ARG B 183 -33.84 -22.68 1.17
N TRP B 184 -33.94 -21.81 2.18
CA TRP B 184 -32.95 -21.69 3.26
C TRP B 184 -32.65 -23.07 3.88
N TYR B 185 -33.69 -23.83 4.23
CA TYR B 185 -33.45 -25.16 4.77
C TYR B 185 -33.06 -26.20 3.69
N GLU B 186 -33.87 -26.27 2.65
CA GLU B 186 -33.69 -27.28 1.63
C GLU B 186 -32.51 -27.04 0.67
N GLU B 187 -32.34 -25.82 0.14
CA GLU B 187 -31.23 -25.57 -0.81
C GLU B 187 -29.90 -25.27 -0.16
N CYS B 188 -29.87 -24.52 0.93
CA CYS B 188 -28.60 -24.26 1.61
C CYS B 188 -28.19 -25.42 2.54
N LEU B 189 -29.05 -25.79 3.48
CA LEU B 189 -28.66 -26.66 4.58
C LEU B 189 -29.01 -28.12 4.32
N ALA B 190 -29.68 -28.39 3.19
CA ALA B 190 -30.10 -29.73 2.80
C ALA B 190 -30.93 -30.44 3.87
N VAL B 191 -31.66 -29.66 4.68
CA VAL B 191 -32.69 -30.19 5.57
C VAL B 191 -34.10 -30.18 4.89
N PRO B 192 -34.74 -31.34 4.75
CA PRO B 192 -36.12 -31.37 4.25
C PRO B 192 -37.16 -30.79 5.21
N VAL B 193 -38.16 -30.07 4.67
CA VAL B 193 -39.16 -29.42 5.49
C VAL B 193 -40.57 -29.48 4.90
N ILE B 194 -41.58 -29.56 5.77
CA ILE B 194 -42.98 -29.58 5.30
C ILE B 194 -43.60 -28.21 5.52
N LYS B 195 -43.98 -27.53 4.43
CA LYS B 195 -44.85 -26.34 4.45
C LYS B 195 -46.23 -26.67 5.03
N GLY B 196 -46.77 -25.75 5.84
CA GLY B 196 -48.04 -25.97 6.50
C GLY B 196 -48.65 -24.76 7.18
N GLU B 197 -49.90 -24.94 7.60
CA GLU B 197 -50.70 -23.96 8.33
C GLU B 197 -50.65 -24.38 9.76
N LYS B 198 -50.46 -23.46 10.68
CA LYS B 198 -50.67 -23.78 12.10
C LYS B 198 -52.16 -23.89 12.38
N SER B 199 -52.51 -24.80 13.26
CA SER B 199 -53.83 -24.83 13.87
C SER B 199 -54.11 -23.60 14.65
N GLU B 200 -55.40 -23.36 14.88
CA GLU B 200 -55.85 -22.24 15.72
C GLU B 200 -55.19 -22.14 17.12
N GLY B 201 -54.78 -23.26 17.71
CA GLY B 201 -54.13 -23.22 19.04
C GLY B 201 -52.63 -22.90 19.05
N GLU B 202 -51.92 -23.20 17.95
CA GLU B 202 -50.47 -22.98 17.81
C GLU B 202 -50.12 -21.77 16.97
N LYS B 203 -51.12 -21.03 16.47
CA LYS B 203 -50.81 -19.92 15.60
C LYS B 203 -50.41 -18.75 16.49
N PHE B 204 -49.70 -17.80 15.88
CA PHE B 204 -49.44 -16.55 16.50
C PHE B 204 -50.77 -15.85 16.87
N ALA B 205 -51.03 -15.71 18.16
CA ALA B 205 -52.32 -15.19 18.64
C ALA B 205 -52.65 -13.75 18.10
N GLY B 206 -51.64 -12.97 17.78
CA GLY B 206 -51.89 -11.68 17.14
C GLY B 206 -52.15 -11.65 15.62
N GLY B 207 -52.06 -12.81 14.95
CA GLY B 207 -52.33 -12.87 13.51
C GLY B 207 -53.61 -13.62 13.10
N LYS B 208 -53.90 -13.57 11.80
CA LYS B 208 -55.05 -14.25 11.19
C LYS B 208 -54.70 -15.71 10.87
N LYS B 209 -53.70 -15.91 10.01
CA LYS B 209 -53.12 -17.24 9.73
C LYS B 209 -51.64 -17.20 10.07
N THR B 210 -51.10 -18.34 10.44
CA THR B 210 -49.67 -18.49 10.58
C THR B 210 -49.23 -19.66 9.68
N THR B 211 -48.42 -19.40 8.65
CA THR B 211 -47.81 -20.47 7.90
C THR B 211 -46.45 -20.78 8.50
N THR B 212 -45.99 -21.99 8.21
CA THR B 212 -44.81 -22.57 8.81
C THR B 212 -44.10 -23.57 7.91
N VAL B 213 -42.83 -23.84 8.22
CA VAL B 213 -42.15 -24.99 7.65
C VAL B 213 -41.75 -25.75 8.87
N GLU B 214 -41.89 -27.07 8.83
CA GLU B 214 -41.61 -27.95 9.95
C GLU B 214 -40.58 -28.95 9.57
N ALA B 215 -39.68 -29.21 10.53
CA ALA B 215 -38.61 -30.21 10.36
C ALA B 215 -38.77 -31.34 11.38
N PHE B 216 -37.91 -32.35 11.34
CA PHE B 216 -38.09 -33.55 12.17
C PHE B 216 -36.77 -34.13 12.59
N ILE B 217 -36.67 -34.52 13.86
CA ILE B 217 -35.43 -35.15 14.38
C ILE B 217 -35.63 -36.65 14.62
N PRO B 218 -35.22 -37.47 13.65
CA PRO B 218 -35.46 -38.89 13.81
C PRO B 218 -35.10 -39.46 15.20
N GLU B 219 -33.97 -39.05 15.78
CA GLU B 219 -33.40 -39.70 16.98
C GLU B 219 -34.12 -39.45 18.30
N ASN B 220 -34.97 -38.43 18.37
CA ASN B 220 -35.90 -38.32 19.52
C ASN B 220 -37.37 -38.18 19.13
N GLY B 221 -37.70 -38.40 17.87
CA GLY B 221 -39.08 -38.33 17.41
C GLY B 221 -39.74 -36.98 17.41
N ARG B 222 -38.96 -35.90 17.55
CA ARG B 222 -39.55 -34.57 17.72
C ARG B 222 -39.56 -33.80 16.43
N GLY B 223 -40.71 -33.19 16.20
CA GLY B 223 -40.88 -32.18 15.19
C GLY B 223 -40.39 -30.87 15.76
N ILE B 224 -40.24 -29.88 14.91
CA ILE B 224 -39.63 -28.65 15.32
C ILE B 224 -39.96 -27.56 14.30
N GLN B 225 -40.49 -26.43 14.78
CA GLN B 225 -40.74 -25.33 13.89
C GLN B 225 -39.42 -24.70 13.38
N ALA B 226 -39.20 -24.80 12.06
CA ALA B 226 -37.97 -24.31 11.41
C ALA B 226 -37.96 -22.80 11.12
N ALA B 227 -39.15 -22.25 10.82
CA ALA B 227 -39.35 -20.82 10.49
C ALA B 227 -40.83 -20.56 10.42
N THR B 228 -41.20 -19.29 10.42
CA THR B 228 -42.60 -18.95 10.44
C THR B 228 -42.91 -17.70 9.63
N SER B 229 -44.09 -17.64 9.06
CA SER B 229 -44.54 -16.51 8.28
C SER B 229 -46.03 -16.33 8.48
N HIS B 230 -46.43 -15.14 8.94
CA HIS B 230 -47.77 -14.87 9.39
C HIS B 230 -48.50 -13.94 8.45
N LEU B 231 -49.72 -14.29 8.08
CA LEU B 231 -50.68 -13.29 7.62
C LEU B 231 -51.29 -12.58 8.85
N LEU B 232 -50.87 -11.35 9.14
CA LEU B 232 -51.37 -10.72 10.36
C LEU B 232 -52.79 -10.20 10.21
N GLY B 233 -53.20 -9.90 8.98
CA GLY B 233 -54.53 -9.35 8.74
C GLY B 233 -54.50 -7.89 9.10
N THR B 234 -55.54 -7.44 9.79
CA THR B 234 -55.71 -6.03 10.08
C THR B 234 -55.74 -5.78 11.57
N ASN B 235 -55.48 -6.80 12.37
CA ASN B 235 -55.70 -6.59 13.79
C ASN B 235 -54.66 -5.76 14.53
N PHE B 236 -53.40 -5.80 14.09
CA PHE B 236 -52.40 -4.87 14.60
C PHE B 236 -52.66 -3.46 14.03
N ALA B 237 -53.14 -3.39 12.79
CA ALA B 237 -53.48 -2.10 12.18
C ALA B 237 -54.52 -1.33 12.99
N LYS B 238 -55.51 -2.02 13.50
CA LYS B 238 -56.56 -1.41 14.29
C LYS B 238 -55.97 -0.91 15.61
N MET B 239 -55.13 -1.75 16.21
CA MET B 239 -54.59 -1.53 17.53
C MET B 239 -53.50 -0.42 17.58
N PHE B 240 -52.76 -0.26 16.47
CA PHE B 240 -51.64 0.70 16.40
C PHE B 240 -52.00 1.95 15.57
N GLU B 241 -53.18 1.87 14.94
CA GLU B 241 -53.71 2.91 14.07
C GLU B 241 -52.88 3.09 12.81
N ILE B 242 -52.69 1.95 12.13
CA ILE B 242 -52.04 1.97 10.83
C ILE B 242 -53.09 2.00 9.71
N GLU B 243 -53.58 3.21 9.44
CA GLU B 243 -54.58 3.45 8.42
C GLU B 243 -53.92 4.19 7.27
N PHE B 244 -54.50 4.09 6.08
CA PHE B 244 -54.07 4.96 4.99
C PHE B 244 -55.26 5.44 4.17
N GLU B 245 -55.00 6.46 3.35
CA GLU B 245 -55.97 6.97 2.40
C GLU B 245 -55.81 6.27 1.07
N ASP B 246 -56.87 5.62 0.64
CA ASP B 246 -56.87 4.89 -0.58
C ASP B 246 -57.10 5.74 -1.77
N GLU B 247 -57.27 5.06 -2.87
CA GLU B 247 -57.48 5.69 -4.15
C GLU B 247 -58.74 6.53 -4.11
N GLU B 248 -59.79 6.00 -3.52
CA GLU B 248 -61.04 6.69 -3.39
C GLU B 248 -61.04 7.83 -2.33
N GLY B 249 -60.03 7.88 -1.47
CA GLY B 249 -59.92 8.91 -0.44
C GLY B 249 -60.37 8.52 0.97
N HIS B 250 -60.81 7.28 1.13
CA HIS B 250 -61.25 6.65 2.40
C HIS B 250 -60.06 6.22 3.31
N LYS B 251 -60.35 6.03 4.61
CA LYS B 251 -59.37 5.53 5.60
C LYS B 251 -59.40 3.99 5.77
N ARG B 252 -58.52 3.32 5.05
CA ARG B 252 -58.37 1.88 5.15
C ARG B 252 -57.24 1.46 6.11
N LEU B 253 -57.54 0.48 6.93
CA LEU B 253 -56.52 -0.19 7.72
C LEU B 253 -55.54 -0.85 6.75
N VAL B 254 -54.30 -1.11 7.17
CA VAL B 254 -53.38 -1.84 6.30
C VAL B 254 -53.48 -3.31 6.60
N HIS B 255 -52.94 -4.12 5.70
CA HIS B 255 -52.86 -5.56 5.90
C HIS B 255 -51.38 -5.91 6.11
N GLN B 256 -51.09 -6.58 7.23
CA GLN B 256 -49.73 -6.84 7.62
C GLN B 256 -49.31 -8.32 7.62
N THR B 257 -48.00 -8.53 7.52
CA THR B 257 -47.36 -9.83 7.67
C THR B 257 -46.20 -9.66 8.61
N SER B 258 -45.70 -10.75 9.15
CA SER B 258 -44.39 -10.76 9.77
C SER B 258 -43.83 -12.17 9.69
N TRP B 259 -42.50 -12.30 9.79
CA TRP B 259 -41.87 -13.59 9.55
C TRP B 259 -40.48 -13.61 10.18
N GLY B 260 -40.06 -14.78 10.66
CA GLY B 260 -38.74 -14.89 11.25
C GLY B 260 -38.14 -16.27 11.20
N CYS B 261 -36.82 -16.28 11.13
CA CYS B 261 -36.03 -17.51 11.14
C CYS B 261 -34.81 -17.26 12.01
N THR B 262 -34.24 -18.27 12.66
CA THR B 262 -33.21 -18.04 13.64
C THR B 262 -32.00 -18.96 13.48
N THR B 263 -31.03 -18.79 14.39
CA THR B 263 -29.90 -19.71 14.54
C THR B 263 -30.31 -21.16 14.86
N ARG B 264 -31.59 -21.36 15.17
CA ARG B 264 -32.08 -22.73 15.32
C ARG B 264 -31.80 -23.54 14.06
N SER B 265 -31.88 -22.87 12.90
CA SER B 265 -31.57 -23.53 11.62
C SER B 265 -30.25 -24.30 11.66
N LEU B 266 -29.26 -23.79 12.37
CA LEU B 266 -27.95 -24.45 12.38
C LEU B 266 -28.00 -25.77 13.08
N GLY B 267 -28.73 -25.78 14.19
CA GLY B 267 -28.89 -26.99 14.99
C GLY B 267 -29.66 -28.06 14.27
N VAL B 268 -30.71 -27.67 13.53
CA VAL B 268 -31.40 -28.63 12.69
C VAL B 268 -30.46 -29.25 11.65
N MET B 269 -29.69 -28.43 10.96
CA MET B 269 -28.67 -28.94 10.02
C MET B 269 -27.75 -29.97 10.68
N ILE B 270 -27.24 -29.59 11.85
CA ILE B 270 -26.28 -30.45 12.57
C ILE B 270 -26.91 -31.77 12.92
N MET B 271 -28.10 -31.74 13.50
CA MET B 271 -28.79 -32.97 13.90
C MET B 271 -29.19 -33.82 12.71
N THR B 272 -29.54 -33.19 11.60
CA THR B 272 -29.88 -33.89 10.39
C THR B 272 -28.71 -34.61 9.69
N HIS B 273 -27.58 -33.92 9.47
CA HIS B 273 -26.46 -34.55 8.69
C HIS B 273 -25.35 -35.20 9.51
N GLY B 274 -25.35 -35.01 10.81
CA GLY B 274 -24.24 -35.48 11.65
C GLY B 274 -24.23 -36.98 11.82
N ASP B 275 -23.05 -37.50 12.17
CA ASP B 275 -22.85 -38.95 12.29
C ASP B 275 -21.91 -39.20 13.42
N ASP B 276 -21.46 -40.43 13.55
CA ASP B 276 -20.70 -40.83 14.71
C ASP B 276 -19.33 -40.16 14.73
N LYS B 277 -18.81 -39.74 13.59
CA LYS B 277 -17.49 -39.08 13.57
C LYS B 277 -17.64 -37.56 13.78
N GLY B 278 -18.88 -37.09 13.80
CA GLY B 278 -19.18 -35.68 14.05
C GLY B 278 -19.98 -34.99 12.96
N LEU B 279 -19.61 -33.75 12.69
CA LEU B 279 -20.40 -32.93 11.77
C LEU B 279 -20.22 -33.42 10.36
N VAL B 280 -21.27 -33.16 9.59
CA VAL B 280 -21.17 -33.18 8.15
C VAL B 280 -21.83 -31.94 7.59
N ILE B 281 -21.02 -31.10 6.93
CA ILE B 281 -21.53 -29.82 6.44
C ILE B 281 -21.86 -29.83 4.93
N PRO B 282 -23.10 -29.45 4.56
CA PRO B 282 -23.44 -29.37 3.16
C PRO B 282 -22.51 -28.42 2.47
N PRO B 283 -21.98 -28.84 1.31
CA PRO B 283 -21.11 -27.99 0.49
C PRO B 283 -21.59 -26.57 0.24
N ARG B 284 -22.87 -26.37 -0.02
CA ARG B 284 -23.41 -25.01 -0.21
C ARG B 284 -23.20 -24.06 0.97
N VAL B 285 -23.08 -24.56 2.20
CA VAL B 285 -22.83 -23.62 3.31
C VAL B 285 -21.48 -23.76 3.99
N ALA B 286 -20.59 -24.59 3.46
CA ALA B 286 -19.36 -24.87 4.16
C ALA B 286 -18.33 -23.78 3.88
N SER B 287 -17.71 -23.23 4.91
CA SER B 287 -16.71 -22.20 4.66
C SER B 287 -15.50 -22.78 3.96
N VAL B 288 -15.12 -23.97 4.39
CA VAL B 288 -14.11 -24.79 3.69
C VAL B 288 -14.77 -26.02 3.04
N GLN B 289 -14.77 -26.04 1.71
CA GLN B 289 -15.33 -27.16 0.94
C GLN B 289 -14.32 -28.26 0.75
N VAL B 290 -13.10 -27.86 0.46
CA VAL B 290 -12.03 -28.78 0.21
C VAL B 290 -10.85 -28.38 1.11
N VAL B 291 -10.37 -29.33 1.92
CA VAL B 291 -9.18 -29.10 2.71
C VAL B 291 -8.07 -29.87 2.08
N ILE B 292 -6.99 -29.21 1.69
CA ILE B 292 -5.84 -29.93 1.16
C ILE B 292 -4.86 -30.30 2.26
N ILE B 293 -4.47 -31.55 2.38
CA ILE B 293 -3.51 -31.94 3.41
C ILE B 293 -2.17 -32.48 2.87
N PRO B 294 -1.08 -31.71 3.05
CA PRO B 294 0.26 -32.18 2.67
C PRO B 294 0.73 -33.35 3.57
N ILE B 295 1.16 -34.47 2.96
CA ILE B 295 1.60 -35.65 3.70
C ILE B 295 3.06 -35.97 3.33
N ILE B 305 6.01 -30.91 -2.83
CA ILE B 305 4.68 -31.13 -2.24
C ILE B 305 3.96 -29.81 -1.92
N LEU B 306 4.56 -28.97 -1.09
CA LEU B 306 3.87 -27.75 -0.66
C LEU B 306 3.61 -26.88 -1.89
N GLY B 307 4.50 -26.95 -2.88
CA GLY B 307 4.41 -26.13 -4.09
C GLY B 307 3.25 -26.48 -4.98
N LYS B 308 2.90 -27.76 -5.03
CA LYS B 308 1.75 -28.23 -5.81
C LYS B 308 0.40 -27.97 -5.10
N CYS B 309 0.36 -28.25 -3.79
CA CYS B 309 -0.75 -27.80 -2.96
C CYS B 309 -1.08 -26.34 -3.33
N ARG B 310 -0.08 -25.48 -3.41
CA ARG B 310 -0.40 -24.09 -3.76
C ARG B 310 -1.04 -24.00 -5.15
N GLU B 311 -0.54 -24.77 -6.09
CA GLU B 311 -0.98 -24.68 -7.48
C GLU B 311 -2.40 -25.23 -7.62
N LEU B 312 -2.64 -26.36 -6.98
CA LEU B 312 -3.99 -26.92 -6.93
C LEU B 312 -5.04 -25.95 -6.32
N LYS B 313 -4.72 -25.31 -5.19
CA LYS B 313 -5.60 -24.30 -4.62
C LYS B 313 -5.93 -23.23 -5.63
N THR B 314 -4.91 -22.64 -6.25
CA THR B 314 -5.10 -21.65 -7.30
C THR B 314 -6.08 -22.15 -8.35
N MET B 315 -5.95 -23.42 -8.74
CA MET B 315 -6.76 -24.03 -9.79
C MET B 315 -8.23 -24.16 -9.38
N LEU B 316 -8.43 -24.62 -8.15
CA LEU B 316 -9.76 -24.89 -7.65
C LEU B 316 -10.54 -23.59 -7.40
N GLU B 317 -9.85 -22.54 -7.01
CA GLU B 317 -10.50 -21.25 -6.87
C GLU B 317 -10.97 -20.69 -8.20
N LYS B 318 -10.32 -21.05 -9.32
CA LYS B 318 -10.77 -20.60 -10.65
C LYS B 318 -12.22 -21.03 -10.83
N ALA B 319 -12.50 -22.23 -10.37
CA ALA B 319 -13.85 -22.75 -10.32
C ALA B 319 -14.71 -22.35 -9.08
N ASP B 320 -14.24 -21.35 -8.31
CA ASP B 320 -14.95 -20.82 -7.14
C ASP B 320 -15.08 -21.80 -5.98
N ILE B 321 -14.32 -22.87 -6.03
CA ILE B 321 -14.27 -23.79 -4.96
C ILE B 321 -13.52 -23.10 -3.81
N ARG B 322 -14.07 -23.20 -2.58
CA ARG B 322 -13.44 -22.65 -1.37
C ARG B 322 -12.51 -23.68 -0.75
N VAL B 323 -11.24 -23.30 -0.66
CA VAL B 323 -10.16 -24.20 -0.30
C VAL B 323 -9.35 -23.68 0.83
N ARG B 324 -8.92 -24.60 1.68
CA ARG B 324 -7.87 -24.32 2.63
CA ARG B 324 -7.87 -24.32 2.63
C ARG B 324 -6.78 -25.38 2.46
N ILE B 325 -5.53 -24.94 2.42
CA ILE B 325 -4.41 -25.88 2.55
C ILE B 325 -4.06 -25.95 4.03
N ASP B 326 -4.09 -27.13 4.65
CA ASP B 326 -3.65 -27.19 6.05
C ASP B 326 -2.20 -27.57 6.02
N ASP B 327 -1.37 -26.57 5.91
CA ASP B 327 0.07 -26.77 5.84
C ASP B 327 0.76 -26.44 7.18
N ARG B 328 -0.04 -26.38 8.26
CA ARG B 328 0.48 -26.22 9.59
C ARG B 328 1.41 -27.40 9.99
N SER B 329 2.67 -27.08 10.31
CA SER B 329 3.70 -28.10 10.58
C SER B 329 3.58 -28.70 11.98
N ASN B 330 2.98 -27.98 12.89
CA ASN B 330 2.82 -28.44 14.26
C ASN B 330 1.76 -29.47 14.51
N TYR B 331 1.13 -30.00 13.46
CA TYR B 331 0.22 -31.11 13.67
C TYR B 331 0.54 -32.21 12.68
N THR B 332 0.28 -33.45 13.07
CA THR B 332 0.49 -34.61 12.21
C THR B 332 -0.62 -34.70 11.17
N PRO B 333 -0.33 -35.29 10.01
CA PRO B 333 -1.37 -35.48 9.00
C PRO B 333 -2.57 -36.27 9.53
N GLY B 334 -2.30 -37.25 10.37
CA GLY B 334 -3.37 -37.98 11.03
C GLY B 334 -4.27 -37.05 11.84
N TRP B 335 -3.66 -36.14 12.58
CA TRP B 335 -4.42 -35.26 13.43
C TRP B 335 -5.37 -34.43 12.56
N LYS B 336 -4.86 -34.03 11.41
CA LYS B 336 -5.60 -33.26 10.43
C LYS B 336 -6.75 -34.03 9.82
N TYR B 337 -6.57 -35.30 9.50
CA TYR B 337 -7.72 -36.06 8.97
C TYR B 337 -8.82 -36.02 10.00
N ASN B 338 -8.53 -36.39 11.24
CA ASN B 338 -9.55 -36.38 12.26
C ASN B 338 -10.18 -34.98 12.51
N HIS B 339 -9.39 -33.90 12.46
CA HIS B 339 -9.88 -32.57 12.81
C HIS B 339 -10.92 -32.04 11.77
N TRP B 340 -10.49 -32.02 10.51
CA TRP B 340 -11.38 -31.64 9.40
C TRP B 340 -12.59 -32.57 9.23
N GLU B 341 -12.43 -33.83 9.62
CA GLU B 341 -13.54 -34.79 9.68
C GLU B 341 -14.60 -34.34 10.69
N VAL B 342 -14.17 -34.05 11.92
CA VAL B 342 -15.07 -33.81 13.04
C VAL B 342 -15.78 -32.54 12.69
N LYS B 343 -15.07 -31.67 11.99
CA LYS B 343 -15.63 -30.40 11.56
C LYS B 343 -16.56 -30.49 10.36
N GLY B 344 -16.56 -31.61 9.68
CA GLY B 344 -17.52 -31.86 8.64
C GLY B 344 -17.17 -31.30 7.29
N VAL B 345 -15.90 -30.98 7.06
CA VAL B 345 -15.48 -30.55 5.75
C VAL B 345 -15.90 -31.59 4.71
N PRO B 346 -16.60 -31.20 3.62
CA PRO B 346 -17.17 -32.18 2.63
C PRO B 346 -16.18 -33.10 1.93
N LEU B 347 -15.06 -32.51 1.50
CA LEU B 347 -13.99 -33.23 0.79
C LEU B 347 -12.62 -32.94 1.38
N ARG B 348 -11.84 -33.99 1.49
CA ARG B 348 -10.48 -33.91 1.94
C ARG B 348 -9.56 -34.48 0.84
N LEU B 349 -8.51 -33.74 0.49
CA LEU B 349 -7.61 -34.08 -0.59
C LEU B 349 -6.17 -34.30 -0.02
N GLU B 350 -5.65 -35.52 -0.15
CA GLU B 350 -4.37 -35.94 0.43
C GLU B 350 -3.27 -35.99 -0.62
N LEU B 351 -2.11 -35.41 -0.31
CA LEU B 351 -0.99 -35.36 -1.24
C LEU B 351 0.34 -35.73 -0.60
N GLY B 352 0.85 -36.90 -0.94
CA GLY B 352 2.18 -37.35 -0.51
C GLY B 352 3.29 -37.27 -1.57
N PRO B 353 4.36 -38.09 -1.39
CA PRO B 353 5.38 -38.20 -2.44
C PRO B 353 4.92 -39.13 -3.56
N LYS B 354 4.19 -40.20 -3.22
CA LYS B 354 3.76 -41.17 -4.21
C LYS B 354 2.68 -40.61 -5.13
N ASP B 355 1.77 -39.81 -4.58
CA ASP B 355 0.76 -39.13 -5.37
C ASP B 355 1.39 -38.09 -6.28
N LEU B 356 2.45 -37.47 -5.79
CA LEU B 356 3.09 -36.38 -6.52
C LEU B 356 3.65 -36.87 -7.85
N ALA B 357 4.27 -38.05 -7.82
CA ALA B 357 4.94 -38.65 -8.97
C ALA B 357 3.98 -39.40 -9.89
N LYS B 358 2.76 -39.71 -9.40
CA LYS B 358 1.72 -40.31 -10.23
C LYS B 358 0.92 -39.22 -10.99
N GLY B 359 1.02 -37.95 -10.56
CA GLY B 359 0.20 -36.87 -11.14
C GLY B 359 -1.27 -36.86 -10.69
N THR B 360 -1.57 -37.54 -9.58
CA THR B 360 -2.94 -37.62 -9.06
C THR B 360 -3.08 -37.10 -7.61
N ALA B 361 -4.32 -37.09 -7.12
CA ALA B 361 -4.63 -36.84 -5.71
C ALA B 361 -5.66 -37.81 -5.17
N ARG B 362 -5.46 -38.29 -3.96
CA ARG B 362 -6.47 -39.10 -3.25
C ARG B 362 -7.45 -38.11 -2.63
N VAL B 363 -8.75 -38.42 -2.76
CA VAL B 363 -9.81 -37.56 -2.29
C VAL B 363 -10.87 -38.37 -1.55
N VAL B 364 -11.20 -37.93 -0.34
CA VAL B 364 -12.15 -38.64 0.51
C VAL B 364 -13.36 -37.73 0.79
N ARG B 365 -14.55 -38.24 0.51
CA ARG B 365 -15.74 -37.47 0.81
C ARG B 365 -16.23 -37.86 2.16
N ARG B 366 -16.63 -36.84 2.89
CA ARG B 366 -16.92 -36.96 4.28
C ARG B 366 -18.20 -37.72 4.57
N ASP B 367 -19.20 -37.66 3.69
CA ASP B 367 -20.51 -38.30 4.01
C ASP B 367 -20.54 -39.80 3.95
N THR B 368 -19.85 -40.38 2.96
CA THR B 368 -19.80 -41.85 2.79
C THR B 368 -18.41 -42.42 3.00
N GLY B 369 -17.40 -41.57 3.13
CA GLY B 369 -16.04 -42.06 3.28
C GLY B 369 -15.44 -42.53 1.96
N GLU B 370 -16.17 -42.44 0.84
CA GLU B 370 -15.62 -42.93 -0.43
C GLU B 370 -14.36 -42.16 -0.87
N ALA B 371 -13.37 -42.92 -1.31
CA ALA B 371 -12.08 -42.41 -1.78
C ALA B 371 -12.06 -42.48 -3.28
N TYR B 372 -11.49 -41.45 -3.89
CA TYR B 372 -11.34 -41.40 -5.32
C TYR B 372 -9.89 -41.07 -5.61
N GLN B 373 -9.39 -41.54 -6.74
CA GLN B 373 -8.04 -41.18 -7.22
C GLN B 373 -8.25 -40.33 -8.45
N ILE B 374 -7.82 -39.09 -8.38
CA ILE B 374 -8.16 -38.09 -9.40
C ILE B 374 -6.89 -37.41 -9.91
N SER B 375 -6.81 -37.27 -11.23
CA SER B 375 -5.65 -36.66 -11.86
C SER B 375 -5.80 -35.15 -11.77
N TRP B 376 -4.69 -34.46 -11.51
CA TRP B 376 -4.69 -33.00 -11.35
C TRP B 376 -5.54 -32.20 -12.36
N ALA B 377 -5.53 -32.67 -13.61
CA ALA B 377 -6.30 -32.05 -14.67
C ALA B 377 -7.82 -32.16 -14.43
N ASP B 378 -8.27 -33.26 -13.84
CA ASP B 378 -9.70 -33.55 -13.70
C ASP B 378 -10.30 -33.06 -12.39
N LEU B 379 -9.45 -32.60 -11.48
CA LEU B 379 -9.89 -32.16 -10.17
C LEU B 379 -11.06 -31.16 -10.15
N ALA B 380 -10.94 -29.99 -10.79
CA ALA B 380 -12.01 -28.99 -10.66
C ALA B 380 -13.40 -29.54 -11.08
N PRO B 381 -13.50 -30.13 -12.28
CA PRO B 381 -14.81 -30.70 -12.72
C PRO B 381 -15.31 -31.86 -11.86
N LYS B 382 -14.39 -32.70 -11.39
CA LYS B 382 -14.77 -33.85 -10.57
C LYS B 382 -15.16 -33.42 -9.15
N LEU B 383 -14.36 -32.58 -8.53
CA LEU B 383 -14.71 -32.02 -7.23
C LEU B 383 -16.04 -31.28 -7.31
N LEU B 384 -16.28 -30.57 -8.41
CA LEU B 384 -17.61 -29.96 -8.62
C LEU B 384 -18.70 -31.04 -8.73
N GLU B 385 -18.42 -32.13 -9.40
CA GLU B 385 -19.39 -33.22 -9.51
C GLU B 385 -19.69 -33.81 -8.13
N LEU B 386 -18.65 -34.09 -7.36
CA LEU B 386 -18.82 -34.71 -6.05
C LEU B 386 -19.54 -33.81 -5.07
N MET B 387 -19.25 -32.51 -5.14
CA MET B 387 -19.92 -31.57 -4.28
C MET B 387 -21.41 -31.47 -4.53
N GLU B 388 -21.86 -31.49 -5.79
CA GLU B 388 -23.31 -31.55 -6.09
C GLU B 388 -23.91 -32.86 -5.62
N GLY B 389 -23.16 -33.96 -5.69
CA GLY B 389 -23.58 -35.26 -5.19
C GLY B 389 -23.75 -35.32 -3.66
N ILE B 390 -22.78 -34.77 -2.91
CA ILE B 390 -22.86 -34.70 -1.44
C ILE B 390 -24.17 -34.02 -1.05
N GLN B 391 -24.31 -32.79 -1.52
CA GLN B 391 -25.44 -31.95 -1.28
C GLN B 391 -26.75 -32.59 -1.70
N ARG B 392 -26.79 -33.09 -2.94
CA ARG B 392 -27.99 -33.78 -3.44
C ARG B 392 -28.28 -34.98 -2.51
N SER B 393 -27.24 -35.71 -2.10
CA SER B 393 -27.41 -36.91 -1.33
C SER B 393 -27.77 -36.73 0.16
N LEU B 394 -27.15 -35.75 0.82
CA LEU B 394 -27.52 -35.37 2.17
C LEU B 394 -29.03 -35.11 2.20
N PHE B 395 -29.46 -34.20 1.32
CA PHE B 395 -30.87 -33.91 1.21
C PHE B 395 -31.65 -35.18 1.06
N GLU B 396 -31.30 -36.00 0.05
CA GLU B 396 -32.17 -37.10 -0.34
C GLU B 396 -32.25 -38.16 0.74
N LYS B 397 -31.16 -38.42 1.45
CA LYS B 397 -31.26 -39.31 2.59
C LYS B 397 -32.09 -38.74 3.70
N ALA B 398 -31.96 -37.45 3.94
CA ALA B 398 -32.72 -36.81 4.98
C ALA B 398 -34.22 -36.83 4.64
N LYS B 399 -34.56 -36.69 3.37
CA LYS B 399 -35.96 -36.74 2.93
C LYS B 399 -36.57 -38.10 3.08
N ALA B 400 -35.78 -39.14 2.87
CA ALA B 400 -36.27 -40.52 3.03
C ALA B 400 -36.41 -40.83 4.49
N ARG B 401 -35.50 -40.28 5.29
CA ARG B 401 -35.56 -40.45 6.74
C ARG B 401 -36.76 -39.73 7.33
N LEU B 402 -37.11 -38.57 6.78
CA LEU B 402 -38.28 -37.83 7.18
C LEU B 402 -39.54 -38.67 6.89
N HIS B 403 -39.68 -39.14 5.66
CA HIS B 403 -40.89 -39.87 5.26
C HIS B 403 -41.05 -41.20 5.94
N GLU B 404 -39.97 -41.92 6.21
CA GLU B 404 -40.04 -43.08 7.13
C GLU B 404 -40.51 -42.74 8.59
N GLY B 405 -40.48 -41.46 8.98
CA GLY B 405 -40.88 -41.02 10.32
C GLY B 405 -42.32 -40.55 10.49
N ILE B 406 -43.10 -40.51 9.40
CA ILE B 406 -44.51 -40.09 9.46
C ILE B 406 -45.43 -41.24 9.10
N GLU B 407 -46.38 -41.53 9.96
CA GLU B 407 -47.35 -42.64 9.71
C GLU B 407 -48.73 -42.10 9.47
N LYS B 408 -49.34 -42.44 8.33
CA LYS B 408 -50.77 -42.15 8.13
C LYS B 408 -51.55 -42.96 9.13
N ILE B 409 -52.46 -42.32 9.86
CA ILE B 409 -53.29 -43.06 10.78
C ILE B 409 -54.75 -42.66 10.64
N SER B 410 -55.63 -43.43 11.26
CA SER B 410 -57.06 -43.24 11.09
C SER B 410 -57.82 -42.96 12.38
N THR B 411 -57.34 -43.56 13.49
CA THR B 411 -57.98 -43.37 14.79
C THR B 411 -56.96 -43.24 15.91
N PHE B 412 -57.43 -42.80 17.08
CA PHE B 412 -56.57 -42.44 18.18
C PHE B 412 -55.79 -43.59 18.80
N ASP B 413 -56.30 -44.80 18.61
CA ASP B 413 -55.69 -45.99 19.19
C ASP B 413 -54.31 -46.24 18.58
N GLU B 414 -54.06 -45.65 17.40
CA GLU B 414 -52.76 -45.79 16.69
C GLU B 414 -51.63 -44.87 17.25
N VAL B 415 -52.01 -43.74 17.85
CA VAL B 415 -51.06 -42.69 18.27
C VAL B 415 -49.93 -43.14 19.19
N MET B 416 -50.25 -43.62 20.37
CA MET B 416 -49.20 -43.93 21.36
C MET B 416 -48.17 -44.88 20.80
N PRO B 417 -48.61 -45.93 20.10
CA PRO B 417 -47.59 -46.82 19.54
C PRO B 417 -46.67 -46.12 18.54
N ALA B 418 -47.23 -45.23 17.72
CA ALA B 418 -46.45 -44.47 16.76
C ALA B 418 -45.48 -43.52 17.46
N LEU B 419 -45.94 -42.84 18.53
CA LEU B 419 -45.01 -42.00 19.30
C LEU B 419 -43.87 -42.81 19.90
N ASN B 420 -44.17 -44.03 20.36
CA ASN B 420 -43.14 -44.89 20.94
C ASN B 420 -42.16 -45.41 19.90
N ARG B 421 -42.59 -45.44 18.64
CA ARG B 421 -41.66 -45.71 17.55
C ARG B 421 -40.88 -44.44 17.15
N LYS B 422 -41.23 -43.31 17.79
CA LYS B 422 -40.59 -42.00 17.59
C LYS B 422 -40.97 -41.47 16.22
N HIS B 423 -42.26 -41.46 15.94
CA HIS B 423 -42.75 -41.06 14.64
C HIS B 423 -43.71 -39.93 14.77
N LEU B 424 -43.88 -39.23 13.68
CA LEU B 424 -44.95 -38.28 13.61
C LEU B 424 -46.17 -39.05 13.11
N VAL B 425 -47.36 -38.47 13.29
CA VAL B 425 -48.53 -39.04 12.68
C VAL B 425 -49.26 -38.00 11.85
N LEU B 426 -49.77 -38.46 10.71
CA LEU B 426 -50.60 -37.67 9.86
C LEU B 426 -51.99 -38.29 9.95
N ALA B 427 -52.98 -37.50 10.35
CA ALA B 427 -54.28 -38.00 10.80
C ALA B 427 -55.36 -36.99 10.47
N PRO B 428 -56.55 -37.46 10.09
CA PRO B 428 -57.62 -36.58 9.73
C PRO B 428 -58.29 -36.00 10.97
N TRP B 429 -58.65 -34.71 10.92
CA TRP B 429 -59.00 -33.93 12.10
C TRP B 429 -60.17 -32.92 11.85
N CYS B 430 -61.07 -32.78 12.84
CA CYS B 430 -62.20 -31.84 12.67
C CYS B 430 -61.78 -30.37 12.79
N GLU B 431 -60.59 -30.13 13.35
CA GLU B 431 -60.01 -28.77 13.52
C GLU B 431 -60.74 -27.98 14.60
N ASP B 432 -61.36 -28.69 15.52
CA ASP B 432 -61.94 -28.07 16.70
C ASP B 432 -60.81 -27.82 17.70
N PRO B 433 -60.59 -26.53 18.04
CA PRO B 433 -59.54 -26.14 18.98
C PRO B 433 -59.61 -26.83 20.33
N GLU B 434 -60.81 -26.99 20.89
CA GLU B 434 -60.96 -27.75 22.13
C GLU B 434 -60.40 -29.18 22.02
N SER B 435 -60.46 -29.81 20.84
CA SER B 435 -59.91 -31.16 20.70
C SER B 435 -58.38 -31.19 20.87
N GLU B 436 -57.66 -30.30 20.17
CA GLU B 436 -56.18 -30.25 20.34
C GLU B 436 -55.75 -30.17 21.80
N GLU B 437 -56.31 -29.20 22.52
CA GLU B 437 -56.16 -29.17 23.99
C GLU B 437 -56.37 -30.56 24.66
N GLN B 438 -57.48 -31.23 24.34
CA GLN B 438 -57.76 -32.55 24.94
C GLN B 438 -56.74 -33.59 24.60
N ILE B 439 -56.29 -33.54 23.34
CA ILE B 439 -55.28 -34.48 22.86
C ILE B 439 -53.96 -34.30 23.53
N LYS B 440 -53.56 -33.05 23.75
CA LYS B 440 -52.33 -32.79 24.50
C LYS B 440 -52.35 -33.41 25.88
N LYS B 441 -53.40 -33.11 26.65
CA LYS B 441 -53.52 -33.62 28.05
C LYS B 441 -53.54 -35.15 28.10
N GLU B 442 -54.40 -35.69 27.25
CA GLU B 442 -54.50 -37.11 27.11
C GLU B 442 -53.14 -37.72 26.80
N THR B 443 -52.41 -37.17 25.82
CA THR B 443 -51.12 -37.76 25.43
C THR B 443 -50.07 -37.54 26.51
N GLN B 444 -50.10 -36.35 27.11
CA GLN B 444 -49.32 -36.10 28.33
C GLN B 444 -49.51 -37.28 29.32
N LYS B 445 -50.76 -37.57 29.66
CA LYS B 445 -51.04 -38.49 30.76
C LYS B 445 -50.60 -39.91 30.38
N LEU B 446 -50.84 -40.30 29.14
CA LEU B 446 -50.49 -41.66 28.75
C LEU B 446 -48.98 -41.81 28.64
N SER B 447 -48.27 -40.71 28.43
CA SER B 447 -46.82 -40.77 28.37
C SER B 447 -46.25 -40.83 29.79
N GLU B 448 -46.85 -40.06 30.71
CA GLU B 448 -46.43 -40.09 32.09
C GLU B 448 -46.47 -41.54 32.48
N ILE B 449 -47.63 -42.14 32.29
CA ILE B 449 -47.80 -43.52 32.61
C ILE B 449 -46.79 -44.40 31.85
N GLY B 463 -43.72 -35.08 26.85
CA GLY B 463 -44.41 -36.30 26.41
C GLY B 463 -45.64 -35.99 25.60
N ALA B 464 -46.22 -34.79 25.77
CA ALA B 464 -47.40 -34.40 25.02
C ALA B 464 -47.19 -34.29 23.51
N MET B 465 -48.26 -34.54 22.78
CA MET B 465 -48.24 -34.48 21.35
C MET B 465 -49.10 -33.30 21.02
N LYS B 466 -48.60 -32.44 20.13
CA LYS B 466 -49.38 -31.31 19.65
C LYS B 466 -49.42 -31.40 18.14
N THR B 467 -50.15 -30.48 17.52
CA THR B 467 -50.17 -30.35 16.09
C THR B 467 -48.86 -29.65 15.71
N LEU B 468 -48.25 -30.12 14.63
CA LEU B 468 -47.10 -29.46 14.03
C LEU B 468 -47.58 -28.54 12.91
N CYS B 469 -48.39 -29.07 12.00
CA CYS B 469 -49.03 -28.23 10.99
C CYS B 469 -50.09 -29.00 10.20
N ILE B 470 -50.95 -28.25 9.55
CA ILE B 470 -51.78 -28.75 8.49
C ILE B 470 -51.02 -28.57 7.15
N PRO B 471 -50.43 -29.68 6.62
CA PRO B 471 -49.66 -29.57 5.39
C PRO B 471 -50.44 -28.95 4.26
N PHE B 472 -49.74 -28.16 3.45
CA PHE B 472 -50.29 -27.68 2.19
C PHE B 472 -50.56 -28.86 1.29
N ASP B 473 -49.64 -29.83 1.27
CA ASP B 473 -49.83 -31.06 0.50
C ASP B 473 -50.72 -32.06 1.21
N GLN B 474 -52.02 -31.93 0.92
CA GLN B 474 -53.08 -32.77 1.50
C GLN B 474 -53.32 -34.02 0.67
N PRO B 475 -53.29 -35.20 1.30
CA PRO B 475 -53.81 -36.35 0.58
C PRO B 475 -55.32 -36.24 0.37
N PRO B 476 -55.87 -37.02 -0.55
CA PRO B 476 -57.34 -37.03 -0.72
C PRO B 476 -58.10 -37.28 0.61
N MET B 477 -59.23 -36.60 0.83
CA MET B 477 -60.13 -36.93 1.96
C MET B 477 -61.44 -37.57 1.50
N PRO B 478 -61.51 -38.94 1.45
CA PRO B 478 -62.77 -39.65 1.12
C PRO B 478 -63.92 -39.20 2.02
N GLU B 479 -65.13 -39.18 1.46
CA GLU B 479 -66.26 -38.44 2.05
C GLU B 479 -66.77 -39.02 3.39
N GLY B 480 -66.73 -40.35 3.55
CA GLY B 480 -67.07 -40.98 4.83
C GLY B 480 -66.23 -40.54 6.04
N THR B 481 -64.98 -40.13 5.79
CA THR B 481 -63.90 -40.09 6.79
C THR B 481 -64.20 -39.34 8.10
N LYS B 482 -63.62 -39.80 9.20
CA LYS B 482 -63.88 -39.27 10.54
C LYS B 482 -62.61 -38.74 11.20
N CYS B 483 -62.78 -37.72 12.04
CA CYS B 483 -61.70 -37.21 12.85
C CYS B 483 -61.25 -38.32 13.73
N PHE B 484 -59.95 -38.55 13.70
CA PHE B 484 -59.32 -39.67 14.33
C PHE B 484 -59.46 -39.65 15.83
N TYR B 485 -59.97 -38.56 16.39
CA TYR B 485 -60.03 -38.41 17.84
C TYR B 485 -61.44 -38.31 18.37
N THR B 486 -62.25 -37.45 17.76
CA THR B 486 -63.54 -37.09 18.27
C THR B 486 -64.69 -37.82 17.56
N GLY B 487 -64.37 -38.61 16.54
CA GLY B 487 -65.39 -39.28 15.71
C GLY B 487 -66.24 -38.38 14.81
N LYS B 488 -66.05 -37.05 14.82
CA LYS B 488 -66.79 -36.13 13.92
C LYS B 488 -66.23 -35.99 12.47
N PRO B 489 -67.03 -35.45 11.54
CA PRO B 489 -66.50 -35.43 10.18
C PRO B 489 -65.19 -34.69 10.13
N ALA B 490 -64.19 -35.27 9.48
CA ALA B 490 -62.84 -34.66 9.40
C ALA B 490 -62.83 -33.47 8.45
N LYS B 491 -61.88 -32.53 8.60
CA LYS B 491 -61.73 -31.47 7.61
C LYS B 491 -60.50 -31.75 6.78
N ARG B 492 -59.34 -31.76 7.43
CA ARG B 492 -58.08 -31.93 6.71
C ARG B 492 -57.18 -32.85 7.44
N TRP B 493 -56.19 -33.33 6.69
CA TRP B 493 -55.12 -34.11 7.26
C TRP B 493 -54.19 -33.15 8.02
N THR B 494 -53.78 -33.61 9.21
CA THR B 494 -52.96 -32.84 10.13
C THR B 494 -51.80 -33.67 10.70
N LEU B 495 -50.64 -33.03 10.84
CA LEU B 495 -49.41 -33.69 11.24
C LEU B 495 -49.23 -33.47 12.72
N TRP B 496 -49.01 -34.53 13.48
CA TRP B 496 -48.90 -34.39 14.90
C TRP B 496 -47.67 -35.12 15.32
N GLY B 497 -47.21 -34.75 16.50
CA GLY B 497 -46.17 -35.50 17.19
C GLY B 497 -45.71 -34.69 18.37
N ARG B 498 -44.68 -35.21 19.04
CA ARG B 498 -43.98 -34.46 20.06
C ARG B 498 -43.15 -33.49 19.30
N SER B 499 -42.64 -32.51 20.05
CA SER B 499 -41.93 -31.37 19.46
C SER B 499 -40.95 -30.67 20.40
N TYR B 500 -40.23 -29.70 19.86
CA TYR B 500 -39.36 -28.85 20.67
C TYR B 500 -40.19 -27.67 21.16
N MET C 3 6.43 34.19 -15.31
CA MET C 3 7.23 35.26 -14.64
C MET C 3 7.41 34.90 -13.15
N VAL C 4 8.48 35.38 -12.52
CA VAL C 4 8.58 35.33 -11.05
C VAL C 4 7.97 36.64 -10.44
N THR C 5 7.20 36.46 -9.35
CA THR C 5 6.35 37.47 -8.70
C THR C 5 6.88 37.98 -7.35
N ALA C 6 7.42 37.09 -6.51
CA ALA C 6 7.99 37.48 -5.21
C ALA C 6 9.29 38.21 -5.39
N LYS C 7 9.56 39.19 -4.52
CA LYS C 7 10.81 39.94 -4.57
C LYS C 7 11.87 39.20 -3.77
N LYS C 8 13.04 39.00 -4.37
CA LYS C 8 14.09 38.25 -3.71
C LYS C 8 14.34 38.71 -2.28
N ASP C 9 14.43 40.01 -2.06
CA ASP C 9 14.81 40.51 -0.75
C ASP C 9 13.71 40.45 0.30
N GLU C 10 12.48 40.73 -0.11
CA GLU C 10 11.34 40.78 0.82
C GLU C 10 10.64 39.45 1.10
N ASN C 11 10.51 38.61 0.08
CA ASN C 11 9.80 37.34 0.22
C ASN C 11 10.64 36.08 -0.19
N PHE C 12 11.82 35.96 0.40
CA PHE C 12 12.80 34.97 -0.03
C PHE C 12 12.28 33.53 -0.11
N SER C 13 11.48 33.12 0.88
CA SER C 13 10.85 31.81 0.87
C SER C 13 10.19 31.66 -0.44
N GLU C 14 9.34 32.62 -0.76
CA GLU C 14 8.44 32.45 -1.84
C GLU C 14 9.14 32.74 -3.14
N TRP C 15 10.05 33.68 -3.13
CA TRP C 15 10.88 33.83 -4.27
C TRP C 15 11.49 32.49 -4.63
N TYR C 16 12.06 31.78 -3.64
CA TYR C 16 12.82 30.52 -3.92
C TYR C 16 11.99 29.40 -4.57
N THR C 17 10.87 29.13 -3.96
CA THR C 17 9.86 28.24 -4.48
C THR C 17 9.35 28.56 -5.89
N GLN C 18 8.99 29.81 -6.10
CA GLN C 18 8.50 30.17 -7.42
C GLN C 18 9.59 29.79 -8.41
N ALA C 19 10.82 30.23 -8.08
CA ALA C 19 11.99 30.14 -8.95
C ALA C 19 12.42 28.74 -9.34
N ILE C 20 12.37 27.82 -8.39
CA ILE C 20 12.80 26.49 -8.71
C ILE C 20 11.73 25.79 -9.53
N VAL C 21 10.47 26.11 -9.29
CA VAL C 21 9.36 25.51 -10.00
C VAL C 21 9.17 26.18 -11.37
N ARG C 22 9.13 27.51 -11.41
CA ARG C 22 8.91 28.20 -12.69
C ARG C 22 10.10 28.03 -13.69
N SER C 23 11.29 27.76 -13.18
CA SER C 23 12.48 27.51 -13.99
C SER C 23 12.50 26.09 -14.47
N GLU C 24 11.53 25.29 -14.02
CA GLU C 24 11.49 23.88 -14.39
C GLU C 24 12.67 23.02 -13.82
N MET C 25 13.21 23.42 -12.68
CA MET C 25 14.24 22.65 -11.97
C MET C 25 13.68 21.57 -11.06
N ILE C 26 12.61 21.91 -10.36
CA ILE C 26 12.02 21.07 -9.32
C ILE C 26 10.52 20.81 -9.55
N GLU C 27 10.07 19.59 -9.35
CA GLU C 27 8.64 19.34 -9.22
C GLU C 27 8.33 18.77 -7.82
N TYR C 28 7.32 19.30 -7.14
CA TYR C 28 6.95 18.83 -5.78
C TYR C 28 6.36 17.43 -5.86
N TYR C 29 6.32 16.75 -4.72
CA TYR C 29 6.03 15.31 -4.69
C TYR C 29 5.11 15.08 -3.49
N ASP C 30 4.45 13.93 -3.46
CA ASP C 30 3.50 13.61 -2.39
C ASP C 30 4.18 13.11 -1.09
N ILE C 31 5.44 12.71 -1.15
CA ILE C 31 6.15 12.36 0.07
C ILE C 31 6.90 13.60 0.45
N SER C 32 6.64 13.98 1.67
CA SER C 32 7.07 15.25 2.18
C SER C 32 8.61 15.26 2.32
N GLY C 33 9.24 16.32 1.85
CA GLY C 33 10.71 16.44 1.90
C GLY C 33 11.45 15.71 0.80
N CYS C 34 10.71 15.16 -0.17
CA CYS C 34 11.35 14.52 -1.34
C CYS C 34 10.89 15.26 -2.57
N TYR C 35 11.80 15.56 -3.47
CA TYR C 35 11.43 16.31 -4.62
C TYR C 35 11.99 15.70 -5.88
N ILE C 36 11.37 16.02 -7.00
CA ILE C 36 11.80 15.54 -8.30
C ILE C 36 12.83 16.49 -8.86
N MET C 37 14.01 16.05 -9.24
CA MET C 37 14.96 16.95 -9.92
C MET C 37 14.79 16.83 -11.42
N ARG C 38 14.32 17.89 -12.06
CA ARG C 38 14.16 17.90 -13.52
C ARG C 38 15.48 18.13 -14.23
N PRO C 39 15.57 17.83 -15.52
CA PRO C 39 16.84 18.04 -16.29
C PRO C 39 17.61 19.32 -16.04
N TRP C 40 16.90 20.44 -16.00
CA TRP C 40 17.49 21.75 -15.90
C TRP C 40 18.32 21.82 -14.63
N ALA C 41 17.86 21.14 -13.58
CA ALA C 41 18.63 21.00 -12.34
C ALA C 41 19.59 19.86 -12.43
N PHE C 42 19.10 18.71 -12.87
CA PHE C 42 19.93 17.54 -12.89
C PHE C 42 21.20 17.75 -13.73
N HIS C 43 21.15 18.54 -14.79
CA HIS C 43 22.38 18.74 -15.58
C HIS C 43 23.49 19.31 -14.71
N ILE C 44 23.13 20.25 -13.85
CA ILE C 44 24.10 20.97 -13.04
C ILE C 44 24.81 19.98 -12.12
N TRP C 45 24.04 19.07 -11.50
CA TRP C 45 24.61 18.01 -10.68
C TRP C 45 25.59 17.18 -11.52
N GLU C 46 25.19 16.75 -12.71
CA GLU C 46 26.09 16.00 -13.56
C GLU C 46 27.42 16.72 -13.83
N LYS C 47 27.39 18.01 -13.98
CA LYS C 47 28.61 18.76 -14.29
C LYS C 47 29.56 18.75 -13.16
N VAL C 48 29.06 18.90 -11.93
CA VAL C 48 29.92 19.04 -10.76
C VAL C 48 30.37 17.67 -10.31
N GLN C 49 29.51 16.69 -10.54
CA GLN C 49 29.92 15.32 -10.37
C GLN C 49 31.14 15.01 -11.23
N ARG C 50 31.07 15.32 -12.52
CA ARG C 50 32.20 15.06 -13.41
C ARG C 50 33.45 15.86 -12.97
N PHE C 51 33.29 17.12 -12.59
CA PHE C 51 34.43 17.87 -12.12
C PHE C 51 35.11 17.23 -10.91
N PHE C 52 34.33 16.92 -9.92
CA PHE C 52 34.86 16.41 -8.69
C PHE C 52 35.43 15.01 -8.92
N ASP C 53 34.72 14.25 -9.74
CA ASP C 53 35.05 12.87 -9.95
C ASP C 53 36.36 12.83 -10.63
N ASP C 54 36.47 13.51 -11.75
CA ASP C 54 37.76 13.67 -12.42
C ASP C 54 38.92 13.94 -11.48
N GLU C 55 38.72 14.83 -10.50
CA GLU C 55 39.80 15.32 -9.69
C GLU C 55 40.26 14.28 -8.63
N ILE C 56 39.30 13.62 -8.00
CA ILE C 56 39.65 12.59 -7.07
C ILE C 56 40.29 11.46 -7.83
N LYS C 57 39.89 11.18 -9.07
CA LYS C 57 40.64 10.16 -9.84
C LYS C 57 42.11 10.56 -10.10
N LYS C 58 42.41 11.85 -10.16
CA LYS C 58 43.82 12.28 -10.23
C LYS C 58 44.52 11.98 -8.92
N MET C 59 43.79 11.95 -7.81
CA MET C 59 44.40 11.64 -6.52
C MET C 59 44.48 10.16 -6.20
N GLY C 60 44.10 9.27 -7.12
CA GLY C 60 44.21 7.83 -6.88
C GLY C 60 42.99 7.24 -6.20
N VAL C 61 41.93 8.03 -6.07
CA VAL C 61 40.66 7.57 -5.50
C VAL C 61 39.86 6.85 -6.54
N GLU C 62 39.21 5.76 -6.15
CA GLU C 62 38.50 4.85 -7.05
C GLU C 62 37.07 4.71 -6.56
N ASN C 63 36.17 4.47 -7.49
CA ASN C 63 34.75 4.38 -7.23
C ASN C 63 34.29 2.98 -7.00
N SER C 64 33.21 2.86 -6.26
CA SER C 64 32.71 1.55 -5.85
C SER C 64 31.26 1.74 -5.55
N TYR C 65 30.50 0.66 -5.45
CA TYR C 65 29.13 0.80 -4.96
C TYR C 65 28.80 -0.23 -3.87
N PHE C 66 28.56 0.24 -2.66
CA PHE C 66 28.18 -0.64 -1.55
C PHE C 66 26.67 -0.64 -1.42
N PRO C 67 26.12 -1.66 -0.78
CA PRO C 67 24.67 -1.75 -0.86
C PRO C 67 23.94 -0.68 -0.06
N MET C 68 22.70 -0.41 -0.43
CA MET C 68 21.89 0.59 0.28
C MET C 68 21.26 0.02 1.55
N PHE C 69 21.40 -1.26 1.76
CA PHE C 69 20.86 -1.86 2.92
C PHE C 69 21.89 -2.19 3.93
N VAL C 70 21.49 -2.00 5.20
CA VAL C 70 22.27 -2.45 6.33
C VAL C 70 21.38 -3.08 7.37
N SER C 71 21.83 -4.25 7.84
CA SER C 71 21.13 -5.04 8.84
C SER C 71 21.15 -4.27 10.16
N ARG C 72 20.06 -4.41 10.91
CA ARG C 72 19.90 -3.73 12.18
C ARG C 72 21.07 -4.03 13.07
N HIS C 73 21.49 -5.27 13.10
CA HIS C 73 22.56 -5.62 13.98
C HIS C 73 23.82 -4.84 13.75
N LYS C 74 24.21 -4.68 12.50
CA LYS C 74 25.46 -3.94 12.16
C LYS C 74 25.34 -2.43 12.32
N LEU C 75 24.16 -1.90 12.07
CA LEU C 75 23.96 -0.46 12.22
C LEU C 75 23.93 -0.05 13.68
N GLU C 76 23.16 -0.71 14.51
CA GLU C 76 23.11 -0.32 15.89
C GLU C 76 24.30 -0.87 16.70
N LYS C 77 25.42 -1.09 16.04
CA LYS C 77 26.60 -1.68 16.66
C LYS C 77 27.35 -1.02 17.79
N GLU C 78 27.65 0.27 17.72
CA GLU C 78 28.41 0.92 18.78
C GLU C 78 27.58 1.34 19.98
N SER C 86 18.82 6.35 16.54
CA SER C 86 18.52 7.49 15.66
C SER C 86 17.09 7.52 15.09
N PRO C 87 16.35 8.63 15.30
CA PRO C 87 15.01 8.83 14.70
C PRO C 87 14.99 9.13 13.17
N GLU C 88 16.15 9.35 12.55
CA GLU C 88 16.19 9.75 11.14
C GLU C 88 16.31 8.56 10.15
N VAL C 89 16.52 7.36 10.66
CA VAL C 89 16.76 6.18 9.84
C VAL C 89 15.49 5.51 9.32
N ALA C 90 15.42 5.27 8.00
CA ALA C 90 14.25 4.56 7.42
C ALA C 90 14.43 3.05 7.49
N TRP C 91 13.41 2.38 8.03
CA TRP C 91 13.43 0.91 8.24
C TRP C 91 12.56 0.25 7.21
N VAL C 92 13.13 -0.71 6.46
CA VAL C 92 12.36 -1.64 5.65
C VAL C 92 11.84 -2.78 6.53
N THR C 93 10.53 -2.99 6.58
CA THR C 93 9.93 -4.06 7.42
C THR C 93 9.22 -5.25 6.71
N HIS C 94 8.76 -5.02 5.51
CA HIS C 94 8.02 -5.97 4.75
C HIS C 94 8.42 -6.15 3.27
N TYR C 95 8.35 -7.37 2.72
CA TYR C 95 8.44 -7.55 1.26
C TYR C 95 7.09 -8.10 0.77
N GLY C 96 6.40 -7.33 -0.07
CA GLY C 96 4.95 -7.52 -0.31
C GLY C 96 4.15 -7.43 0.97
N ASP C 97 3.45 -8.51 1.29
CA ASP C 97 2.65 -8.64 2.51
C ASP C 97 3.45 -9.20 3.67
N SER C 98 4.59 -9.83 3.36
CA SER C 98 5.32 -10.58 4.35
C SER C 98 6.38 -9.81 5.15
N PRO C 99 6.38 -9.99 6.49
CA PRO C 99 7.41 -9.33 7.27
C PRO C 99 8.71 -9.96 7.04
N LEU C 100 9.75 -9.15 7.00
CA LEU C 100 11.08 -9.66 7.04
C LEU C 100 11.33 -10.26 8.43
N PRO C 101 12.21 -11.28 8.51
CA PRO C 101 12.66 -11.87 9.80
C PRO C 101 13.24 -10.84 10.71
N GLU C 102 14.06 -9.95 10.15
CA GLU C 102 14.50 -8.79 10.85
C GLU C 102 14.43 -7.57 9.95
N LYS C 103 14.01 -6.45 10.53
CA LYS C 103 13.97 -5.21 9.81
C LYS C 103 15.37 -4.77 9.33
N ILE C 104 15.40 -3.86 8.37
CA ILE C 104 16.60 -3.54 7.60
C ILE C 104 16.58 -2.07 7.27
N ALA C 105 17.71 -1.41 7.49
CA ALA C 105 17.75 0.03 7.37
C ALA C 105 18.24 0.46 5.98
N ILE C 106 17.64 1.53 5.48
CA ILE C 106 18.17 2.24 4.35
C ILE C 106 19.33 3.12 4.80
N ARG C 107 20.44 3.01 4.08
CA ARG C 107 21.65 3.86 4.23
C ARG C 107 21.40 5.36 4.55
N PRO C 108 21.75 5.75 5.76
CA PRO C 108 21.80 7.12 6.19
C PRO C 108 23.19 7.68 5.87
N THR C 109 24.18 6.83 5.90
CA THR C 109 25.59 7.00 5.61
C THR C 109 26.22 5.58 5.57
N SER C 110 27.39 5.44 5.02
CA SER C 110 27.99 4.12 4.85
C SER C 110 29.10 3.60 5.70
N GLU C 111 29.41 4.20 6.82
CA GLU C 111 30.49 3.74 7.68
C GLU C 111 30.28 2.25 8.06
N THR C 112 29.08 1.94 8.53
CA THR C 112 28.74 0.61 8.99
C THR C 112 28.58 -0.37 7.85
N ILE C 113 28.42 0.14 6.63
CA ILE C 113 28.43 -0.75 5.44
C ILE C 113 29.84 -0.98 4.94
N MET C 114 30.69 0.04 4.95
CA MET C 114 32.01 -0.09 4.32
C MET C 114 33.07 -0.60 5.30
N TYR C 115 33.07 -0.08 6.52
CA TYR C 115 34.24 -0.30 7.36
C TYR C 115 34.42 -1.75 7.76
N PRO C 116 33.36 -2.54 7.83
CA PRO C 116 33.65 -3.94 8.05
C PRO C 116 34.36 -4.60 6.88
N ALA C 117 34.13 -4.10 5.66
CA ALA C 117 34.92 -4.55 4.48
C ALA C 117 36.37 -4.09 4.57
N TYR C 118 36.59 -2.86 5.05
CA TYR C 118 37.96 -2.34 5.23
C TYR C 118 38.78 -3.17 6.21
N ALA C 119 38.14 -3.65 7.27
CA ALA C 119 38.82 -4.58 8.24
C ALA C 119 39.30 -5.85 7.51
N LYS C 120 38.53 -6.30 6.52
CA LYS C 120 38.90 -7.52 5.81
C LYS C 120 40.01 -7.26 4.79
N TRP C 121 39.97 -6.13 4.09
CA TRP C 121 40.86 -5.93 2.94
C TRP C 121 42.21 -5.39 3.40
N ILE C 122 42.24 -4.86 4.61
CA ILE C 122 43.49 -4.28 5.12
C ILE C 122 44.18 -5.27 6.06
N ARG C 123 45.37 -5.74 5.68
CA ARG C 123 46.18 -6.66 6.51
C ARG C 123 47.59 -6.11 6.81
N SER C 124 48.16 -5.36 5.88
CA SER C 124 49.49 -4.76 6.06
C SER C 124 49.64 -3.41 5.34
N HIS C 125 50.78 -2.76 5.58
CA HIS C 125 51.16 -1.54 4.92
C HIS C 125 51.06 -1.52 3.38
N ARG C 126 51.24 -2.65 2.71
CA ARG C 126 51.30 -2.64 1.27
C ARG C 126 49.88 -2.46 0.71
N ASP C 127 48.85 -2.72 1.54
CA ASP C 127 47.45 -2.42 1.22
C ASP C 127 47.07 -0.93 1.35
N LEU C 128 47.96 -0.07 1.85
CA LEU C 128 47.65 1.33 2.13
C LEU C 128 48.41 2.28 1.21
N PRO C 129 47.81 3.46 0.94
CA PRO C 129 46.53 3.86 1.50
C PRO C 129 45.42 3.24 0.66
N LEU C 130 44.28 2.99 1.29
CA LEU C 130 43.08 2.58 0.60
C LEU C 130 42.17 3.81 0.39
N LYS C 131 41.72 4.02 -0.86
CA LYS C 131 40.93 5.23 -1.18
C LYS C 131 39.68 4.98 -2.03
N LEU C 132 38.53 5.03 -1.39
CA LEU C 132 37.30 4.72 -2.08
C LEU C 132 36.32 5.87 -1.96
N ASN C 133 35.50 5.98 -2.98
CA ASN C 133 34.42 6.95 -3.05
C ASN C 133 33.19 6.26 -3.62
N GLN C 134 32.00 6.69 -3.21
CA GLN C 134 30.81 6.27 -3.93
C GLN C 134 29.86 7.41 -4.16
N TRP C 135 29.28 7.40 -5.35
CA TRP C 135 28.11 8.22 -5.67
C TRP C 135 26.87 7.42 -5.35
N CYS C 136 25.96 7.94 -4.53
CA CYS C 136 24.73 7.21 -4.23
C CYS C 136 23.73 8.15 -3.68
N SER C 137 22.53 7.62 -3.48
CA SER C 137 21.52 8.37 -2.80
C SER C 137 21.54 7.99 -1.32
N VAL C 138 21.15 8.94 -0.51
CA VAL C 138 21.11 8.73 0.90
C VAL C 138 19.74 9.08 1.40
N VAL C 139 19.22 8.29 2.33
CA VAL C 139 17.99 8.67 3.01
C VAL C 139 18.12 8.98 4.47
N ARG C 140 17.57 10.11 4.87
CA ARG C 140 17.42 10.44 6.29
C ARG C 140 16.03 11.02 6.49
N TRP C 141 15.25 10.41 7.39
CA TRP C 141 13.94 10.99 7.69
C TRP C 141 14.14 12.26 8.50
N GLU C 142 14.38 13.39 7.80
CA GLU C 142 14.69 14.62 8.46
C GLU C 142 13.44 15.04 9.22
N PHE C 143 13.63 15.48 10.46
CA PHE C 143 12.62 16.16 11.24
C PHE C 143 12.85 17.68 11.28
N LYS C 144 13.99 18.14 10.77
CA LYS C 144 14.22 19.58 10.67
C LYS C 144 13.45 20.05 9.45
N GLN C 145 13.30 21.34 9.29
CA GLN C 145 12.61 21.85 8.13
C GLN C 145 13.26 21.34 6.81
N PRO C 146 12.51 20.63 5.96
CA PRO C 146 13.11 20.32 4.69
C PRO C 146 12.91 21.43 3.70
N THR C 147 13.76 21.41 2.66
CA THR C 147 13.89 22.49 1.71
C THR C 147 14.50 21.90 0.45
N PRO C 148 13.91 22.18 -0.71
CA PRO C 148 14.47 21.69 -1.95
C PRO C 148 15.97 21.96 -2.03
N PHE C 149 16.71 20.95 -2.45
CA PHE C 149 18.19 20.94 -2.41
C PHE C 149 18.82 21.01 -1.04
N LEU C 150 18.47 22.01 -0.25
CA LEU C 150 19.30 22.32 0.90
C LEU C 150 19.21 21.28 1.97
N ARG C 151 17.98 20.76 2.16
CA ARG C 151 17.74 19.72 3.16
C ARG C 151 16.54 18.89 2.71
N THR C 152 16.82 17.72 2.16
CA THR C 152 15.81 16.84 1.62
C THR C 152 15.99 15.49 2.28
N ARG C 153 14.99 14.63 2.18
CA ARG C 153 14.98 13.38 2.94
C ARG C 153 15.61 12.28 2.15
N GLU C 154 15.66 12.48 0.85
CA GLU C 154 16.50 11.74 0.00
C GLU C 154 17.39 12.78 -0.62
N PHE C 155 18.68 12.53 -0.64
CA PHE C 155 19.57 13.45 -1.37
C PHE C 155 20.64 12.66 -2.09
N LEU C 156 21.28 13.30 -3.04
CA LEU C 156 22.39 12.65 -3.69
C LEU C 156 23.67 13.14 -3.07
N TRP C 157 24.64 12.23 -2.93
CA TRP C 157 25.96 12.71 -2.56
C TRP C 157 27.07 11.90 -3.13
N GLN C 158 28.29 12.34 -2.88
CA GLN C 158 29.38 11.40 -2.91
C GLN C 158 29.81 11.26 -1.45
N GLU C 159 30.31 10.08 -1.07
CA GLU C 159 31.03 9.92 0.21
C GLU C 159 32.31 9.22 -0.09
N GLY C 160 33.38 9.88 0.35
CA GLY C 160 34.74 9.36 0.24
C GLY C 160 35.19 8.85 1.60
N HIS C 161 35.80 7.66 1.61
CA HIS C 161 36.35 7.03 2.78
C HIS C 161 37.74 6.46 2.50
N THR C 162 38.75 7.00 3.14
CA THR C 162 40.10 6.50 3.02
C THR C 162 40.73 6.05 4.35
N ALA C 163 41.71 5.13 4.22
CA ALA C 163 42.60 4.66 5.32
C ALA C 163 44.08 4.87 4.97
N HIS C 164 44.84 5.41 5.93
CA HIS C 164 46.26 5.60 5.76
C HIS C 164 47.07 5.02 6.93
N ALA C 165 48.38 4.91 6.70
CA ALA C 165 49.34 4.42 7.70
C ALA C 165 49.73 5.46 8.72
N THR C 166 49.60 6.73 8.35
CA THR C 166 50.03 7.83 9.18
C THR C 166 48.93 8.83 9.12
N GLU C 167 48.66 9.42 10.28
CA GLU C 167 47.94 10.68 10.41
C GLU C 167 48.31 11.81 9.40
N GLU C 168 49.59 12.07 9.22
CA GLU C 168 50.02 13.19 8.37
C GLU C 168 49.59 13.03 6.92
N GLU C 169 49.66 11.82 6.39
CA GLU C 169 49.24 11.55 5.03
C GLU C 169 47.69 11.72 4.88
N ALA C 170 46.97 11.23 5.88
CA ALA C 170 45.52 11.42 5.97
C ALA C 170 45.15 12.88 6.01
N TRP C 171 45.89 13.62 6.81
CA TRP C 171 45.59 15.02 7.02
C TRP C 171 45.83 15.73 5.73
N GLU C 172 46.88 15.37 5.01
CA GLU C 172 47.18 15.99 3.73
C GLU C 172 45.99 15.79 2.83
N LEU C 173 45.45 14.58 2.79
CA LEU C 173 44.32 14.28 1.92
C LEU C 173 43.01 14.98 2.33
N VAL C 174 42.72 15.04 3.64
CA VAL C 174 41.56 15.76 4.15
C VAL C 174 41.55 17.13 3.54
N LEU C 175 42.72 17.77 3.55
CA LEU C 175 42.87 19.13 3.05
C LEU C 175 42.86 19.23 1.53
N ASP C 176 43.43 18.28 0.80
CA ASP C 176 43.37 18.34 -0.65
C ASP C 176 41.88 18.25 -1.07
N ILE C 177 41.12 17.45 -0.34
CA ILE C 177 39.73 17.28 -0.62
C ILE C 177 39.01 18.59 -0.32
N LEU C 178 39.34 19.18 0.81
CA LEU C 178 38.70 20.42 1.16
C LEU C 178 38.89 21.43 0.05
N GLU C 179 40.07 21.44 -0.53
CA GLU C 179 40.37 22.30 -1.67
C GLU C 179 39.54 21.97 -2.88
N LEU C 180 39.34 20.70 -3.15
CA LEU C 180 38.45 20.31 -4.26
C LEU C 180 37.02 20.83 -4.04
N TYR C 181 36.60 21.00 -2.79
CA TYR C 181 35.23 21.41 -2.55
C TYR C 181 35.13 22.90 -2.77
N ARG C 182 36.15 23.65 -2.39
CA ARG C 182 36.24 25.09 -2.75
C ARG C 182 36.13 25.27 -4.24
N ARG C 183 36.80 24.41 -4.99
CA ARG C 183 36.78 24.53 -6.42
C ARG C 183 35.38 24.15 -6.95
N TRP C 184 34.82 23.06 -6.42
CA TRP C 184 33.43 22.66 -6.73
C TRP C 184 32.49 23.89 -6.65
N TYR C 185 32.51 24.55 -5.52
CA TYR C 185 31.65 25.67 -5.36
C TYR C 185 32.12 26.93 -6.08
N GLU C 186 33.42 27.23 -5.97
CA GLU C 186 33.96 28.52 -6.45
C GLU C 186 34.18 28.55 -7.96
N GLU C 187 34.77 27.50 -8.51
CA GLU C 187 35.08 27.49 -9.95
C GLU C 187 33.90 27.04 -10.78
N CYS C 188 33.14 26.10 -10.26
CA CYS C 188 31.98 25.55 -11.00
C CYS C 188 30.68 26.37 -10.84
N LEU C 189 30.24 26.50 -9.59
CA LEU C 189 29.00 27.23 -9.27
C LEU C 189 29.22 28.72 -8.98
N ALA C 190 30.49 29.14 -8.92
CA ALA C 190 30.80 30.54 -8.68
C ALA C 190 30.17 31.03 -7.40
N VAL C 191 30.15 30.16 -6.39
CA VAL C 191 29.78 30.53 -5.06
C VAL C 191 31.03 30.62 -4.21
N PRO C 192 31.27 31.76 -3.56
CA PRO C 192 32.43 31.87 -2.70
C PRO C 192 32.20 31.14 -1.36
N VAL C 193 33.26 30.52 -0.82
CA VAL C 193 33.16 29.82 0.45
C VAL C 193 34.36 30.03 1.38
N ILE C 194 34.13 29.88 2.67
CA ILE C 194 35.17 30.03 3.65
C ILE C 194 35.58 28.69 4.23
N LYS C 195 36.88 28.39 4.14
CA LYS C 195 37.47 27.22 4.76
C LYS C 195 37.62 27.44 6.25
N GLY C 196 37.53 26.36 7.02
CA GLY C 196 37.64 26.47 8.47
C GLY C 196 37.42 25.17 9.17
N GLU C 197 37.57 25.19 10.48
CA GLU C 197 37.47 23.98 11.26
C GLU C 197 36.22 24.08 12.13
N LYS C 198 35.61 22.94 12.43
CA LYS C 198 34.40 22.95 13.22
C LYS C 198 34.75 23.04 14.71
N SER C 199 33.84 23.56 15.53
CA SER C 199 34.02 23.52 16.99
C SER C 199 33.92 22.09 17.44
N GLU C 200 34.28 21.80 18.68
CA GLU C 200 34.10 20.42 19.21
C GLU C 200 32.61 20.03 19.28
N GLY C 201 31.74 21.01 19.46
CA GLY C 201 30.29 20.79 19.46
C GLY C 201 29.61 20.57 18.10
N GLU C 202 30.26 20.96 16.99
CA GLU C 202 29.67 20.88 15.64
C GLU C 202 30.37 19.87 14.73
N LYS C 203 31.55 19.40 15.15
CA LYS C 203 32.28 18.41 14.37
C LYS C 203 31.64 17.04 14.44
N PHE C 204 32.03 16.17 13.50
CA PHE C 204 31.53 14.83 13.43
C PHE C 204 32.00 14.03 14.68
N ALA C 205 31.06 13.49 15.46
CA ALA C 205 31.40 12.88 16.74
C ALA C 205 32.26 11.65 16.58
N GLY C 206 32.18 11.01 15.42
CA GLY C 206 32.95 9.78 15.16
C GLY C 206 34.43 9.97 14.81
N GLY C 207 34.91 11.21 14.89
CA GLY C 207 36.20 11.59 14.34
C GLY C 207 36.91 12.60 15.17
N LYS C 208 38.07 13.03 14.72
CA LYS C 208 38.97 13.89 15.51
C LYS C 208 38.86 15.41 15.16
N LYS C 209 38.90 15.71 13.88
CA LYS C 209 38.80 17.09 13.44
C LYS C 209 37.98 17.10 12.14
N THR C 210 37.03 18.02 12.09
CA THR C 210 36.20 18.25 10.92
C THR C 210 36.56 19.61 10.34
N THR C 211 36.99 19.62 9.08
CA THR C 211 37.15 20.85 8.35
C THR C 211 35.90 20.99 7.49
N THR C 212 35.67 22.19 6.99
CA THR C 212 34.41 22.50 6.39
C THR C 212 34.60 23.61 5.43
N VAL C 213 33.65 23.78 4.50
CA VAL C 213 33.54 25.00 3.72
C VAL C 213 32.16 25.56 3.96
N GLU C 214 32.10 26.84 4.33
CA GLU C 214 30.84 27.51 4.68
C GLU C 214 30.49 28.54 3.66
N ALA C 215 29.19 28.63 3.36
CA ALA C 215 28.64 29.69 2.54
C ALA C 215 27.63 30.52 3.34
N PHE C 216 27.20 31.62 2.75
CA PHE C 216 26.35 32.58 3.41
C PHE C 216 25.19 32.96 2.48
N ILE C 217 23.98 32.99 3.02
CA ILE C 217 22.84 33.45 2.25
C ILE C 217 22.46 34.86 2.69
N PRO C 218 22.81 35.89 1.90
CA PRO C 218 22.54 37.27 2.26
C PRO C 218 21.08 37.59 2.61
N GLU C 219 20.13 36.88 2.00
CA GLU C 219 18.74 37.33 2.04
C GLU C 219 18.04 36.90 3.30
N ASN C 220 18.59 35.90 3.98
CA ASN C 220 18.03 35.53 5.27
C ASN C 220 19.06 35.47 6.37
N GLY C 221 20.27 35.97 6.07
CA GLY C 221 21.36 36.00 7.05
C GLY C 221 21.90 34.69 7.55
N ARG C 222 21.67 33.60 6.84
CA ARG C 222 22.04 32.29 7.39
C ARG C 222 23.27 31.83 6.72
N GLY C 223 24.19 31.22 7.49
CA GLY C 223 25.33 30.51 6.92
C GLY C 223 24.94 29.07 6.80
N ILE C 224 25.68 28.28 6.03
CA ILE C 224 25.31 26.92 5.75
C ILE C 224 26.56 26.13 5.41
N GLN C 225 26.66 24.91 5.93
CA GLN C 225 27.80 24.10 5.63
C GLN C 225 27.67 23.52 4.21
N ALA C 226 28.69 23.78 3.39
CA ALA C 226 28.65 23.43 1.96
C ALA C 226 29.24 22.09 1.63
N ALA C 227 30.09 21.56 2.48
CA ALA C 227 30.75 20.27 2.29
C ALA C 227 31.61 20.05 3.51
N THR C 228 32.23 18.88 3.60
CA THR C 228 32.88 18.53 4.83
C THR C 228 33.92 17.43 4.60
N SER C 229 35.01 17.53 5.37
CA SER C 229 36.17 16.67 5.22
C SER C 229 36.67 16.42 6.64
N HIS C 230 36.63 15.15 7.06
CA HIS C 230 36.95 14.78 8.42
C HIS C 230 38.29 14.12 8.51
N LEU C 231 39.11 14.55 9.46
CA LEU C 231 40.21 13.72 9.95
C LEU C 231 39.60 12.94 11.12
N LEU C 232 39.53 11.63 10.91
CA LEU C 232 38.82 10.71 11.81
C LEU C 232 39.75 10.11 12.91
N GLY C 233 41.06 10.06 12.65
CA GLY C 233 41.98 9.48 13.60
C GLY C 233 41.86 7.98 13.50
N THR C 234 41.85 7.33 14.66
CA THR C 234 41.91 5.88 14.72
C THR C 234 40.70 5.37 15.44
N ASN C 235 39.76 6.21 15.80
CA ASN C 235 38.69 5.63 16.60
C ASN C 235 37.84 4.64 15.85
N PHE C 236 37.51 4.93 14.60
CA PHE C 236 36.82 3.93 13.78
C PHE C 236 37.67 2.67 13.54
N ALA C 237 38.96 2.83 13.33
CA ALA C 237 39.84 1.67 13.20
C ALA C 237 39.77 0.76 14.42
N LYS C 238 39.46 1.35 15.55
CA LYS C 238 39.52 0.67 16.82
C LYS C 238 38.20 -0.06 16.99
N MET C 239 37.12 0.67 16.69
CA MET C 239 35.76 0.12 16.70
C MET C 239 35.54 -1.05 15.73
N PHE C 240 36.10 -0.95 14.51
CA PHE C 240 35.92 -1.99 13.44
C PHE C 240 37.09 -2.96 13.31
N GLU C 241 38.21 -2.64 13.95
CA GLU C 241 39.42 -3.47 13.95
C GLU C 241 40.05 -3.46 12.60
N ILE C 242 40.35 -2.25 12.16
CA ILE C 242 41.03 -2.06 10.90
C ILE C 242 42.47 -1.77 11.27
N GLU C 243 43.25 -2.85 11.20
CA GLU C 243 44.59 -2.93 11.76
C GLU C 243 45.49 -3.32 10.62
N PHE C 244 46.72 -2.82 10.61
CA PHE C 244 47.70 -3.32 9.68
C PHE C 244 49.05 -3.65 10.35
N GLU C 245 49.74 -4.61 9.79
CA GLU C 245 51.10 -4.83 10.14
C GLU C 245 52.00 -3.87 9.40
N ASP C 246 52.80 -3.12 10.15
CA ASP C 246 53.72 -2.16 9.55
C ASP C 246 54.99 -2.84 8.99
N GLU C 247 55.89 -2.07 8.38
CA GLU C 247 57.07 -2.68 7.71
C GLU C 247 57.97 -3.50 8.65
N GLU C 248 57.77 -3.34 9.97
CA GLU C 248 58.51 -4.04 11.05
C GLU C 248 57.80 -5.21 11.66
N GLY C 249 56.55 -5.46 11.30
CA GLY C 249 55.79 -6.56 11.90
C GLY C 249 54.79 -6.20 12.96
N HIS C 250 54.73 -4.93 13.35
CA HIS C 250 53.81 -4.52 14.41
C HIS C 250 52.38 -4.17 13.91
N LYS C 251 51.40 -4.51 14.71
CA LYS C 251 49.98 -4.27 14.43
C LYS C 251 49.66 -2.82 14.73
N ARG C 252 49.05 -2.11 13.78
CA ARG C 252 48.77 -0.68 13.94
C ARG C 252 47.36 -0.39 13.46
N LEU C 253 46.80 0.68 13.97
CA LEU C 253 45.53 1.17 13.50
C LEU C 253 45.67 2.12 12.32
N VAL C 254 44.74 1.98 11.35
CA VAL C 254 44.69 2.93 10.25
C VAL C 254 44.26 4.27 10.80
N HIS C 255 44.72 5.33 10.12
CA HIS C 255 44.22 6.68 10.28
C HIS C 255 43.28 6.97 9.07
N GLN C 256 42.04 7.30 9.40
CA GLN C 256 40.98 7.36 8.39
C GLN C 256 40.48 8.78 8.08
N THR C 257 40.01 8.96 6.85
CA THR C 257 39.30 10.22 6.52
C THR C 257 37.97 9.85 5.95
N SER C 258 37.07 10.81 5.89
CA SER C 258 35.82 10.64 5.17
C SER C 258 35.31 12.01 4.75
N TRP C 259 34.53 12.04 3.67
CA TRP C 259 34.13 13.34 3.15
C TRP C 259 32.91 13.27 2.20
N GLY C 260 32.14 14.36 2.15
CA GLY C 260 30.90 14.36 1.46
C GLY C 260 30.42 15.72 1.09
N CYS C 261 29.76 15.74 -0.07
CA CYS C 261 29.09 16.95 -0.62
C CYS C 261 27.85 16.52 -1.43
N THR C 262 26.80 17.33 -1.41
CA THR C 262 25.48 16.84 -1.84
C THR C 262 24.82 17.75 -2.80
N THR C 263 23.64 17.34 -3.24
CA THR C 263 22.76 18.19 -4.03
C THR C 263 22.45 19.51 -3.34
N ARG C 264 22.76 19.63 -2.05
CA ARG C 264 22.67 20.90 -1.39
C ARG C 264 23.43 21.98 -2.19
N SER C 265 24.53 21.62 -2.82
CA SER C 265 25.33 22.59 -3.59
C SER C 265 24.45 23.38 -4.61
N LEU C 266 23.47 22.68 -5.15
CA LEU C 266 22.61 23.24 -6.15
C LEU C 266 21.85 24.46 -5.66
N GLY C 267 21.37 24.37 -4.43
CA GLY C 267 20.48 25.38 -3.89
C GLY C 267 21.31 26.58 -3.51
N VAL C 268 22.52 26.29 -3.04
CA VAL C 268 23.37 27.36 -2.66
C VAL C 268 23.68 28.20 -3.88
N MET C 269 23.91 27.55 -5.02
CA MET C 269 24.11 28.25 -6.26
C MET C 269 22.87 29.05 -6.70
N ILE C 270 21.71 28.46 -6.60
CA ILE C 270 20.45 29.11 -6.98
C ILE C 270 20.24 30.39 -6.18
N MET C 271 20.37 30.28 -4.85
CA MET C 271 20.17 31.42 -3.98
C MET C 271 21.24 32.47 -4.14
N THR C 272 22.47 32.04 -4.33
CA THR C 272 23.54 32.98 -4.48
C THR C 272 23.33 33.87 -5.71
N HIS C 273 23.07 33.29 -6.89
CA HIS C 273 22.98 34.10 -8.12
C HIS C 273 21.60 34.59 -8.60
N GLY C 274 20.52 34.11 -8.00
CA GLY C 274 19.20 34.50 -8.46
C GLY C 274 18.83 35.97 -8.15
N ASP C 275 17.91 36.52 -8.95
CA ASP C 275 17.44 37.87 -8.81
C ASP C 275 15.92 37.89 -9.00
N ASP C 276 15.34 39.08 -9.01
CA ASP C 276 13.91 39.23 -9.16
C ASP C 276 13.37 38.67 -10.48
N LYS C 277 14.11 38.75 -11.55
CA LYS C 277 13.70 38.07 -12.79
C LYS C 277 13.67 36.54 -12.63
N GLY C 278 14.48 35.99 -11.71
CA GLY C 278 14.51 34.54 -11.44
C GLY C 278 15.94 34.00 -11.37
N LEU C 279 16.18 32.84 -11.95
CA LEU C 279 17.49 32.24 -11.79
C LEU C 279 18.56 32.86 -12.68
N VAL C 280 19.82 32.69 -12.27
CA VAL C 280 20.98 32.99 -13.10
C VAL C 280 21.97 31.86 -12.88
N ILE C 281 22.23 31.12 -13.94
CA ILE C 281 23.07 29.91 -13.90
C ILE C 281 24.48 30.18 -14.46
N PRO C 282 25.54 29.92 -13.66
CA PRO C 282 26.88 30.10 -14.22
C PRO C 282 27.06 29.22 -15.47
N PRO C 283 27.71 29.77 -16.48
CA PRO C 283 27.97 29.07 -17.75
C PRO C 283 28.70 27.73 -17.64
N ARG C 284 29.56 27.52 -16.63
CA ARG C 284 30.20 26.18 -16.53
C ARG C 284 29.26 25.02 -16.23
N VAL C 285 28.12 25.29 -15.62
CA VAL C 285 27.21 24.21 -15.25
C VAL C 285 25.79 24.26 -15.89
N ALA C 286 25.51 25.32 -16.66
CA ALA C 286 24.19 25.43 -17.30
C ALA C 286 23.99 24.39 -18.44
N SER C 287 22.88 23.65 -18.48
CA SER C 287 22.70 22.71 -19.61
C SER C 287 22.71 23.46 -20.93
N VAL C 288 22.00 24.60 -20.98
CA VAL C 288 22.10 25.49 -22.12
C VAL C 288 22.86 26.76 -21.72
N GLN C 289 23.78 27.17 -22.58
CA GLN C 289 24.52 28.40 -22.35
C GLN C 289 23.97 29.57 -23.21
N VAL C 290 23.48 29.22 -24.40
CA VAL C 290 23.09 30.21 -25.39
C VAL C 290 21.82 29.70 -25.96
N VAL C 291 20.73 30.42 -25.70
CA VAL C 291 19.45 30.04 -26.29
C VAL C 291 19.26 30.90 -27.52
N ILE C 292 18.94 30.28 -28.64
CA ILE C 292 18.73 31.06 -29.84
C ILE C 292 17.24 31.14 -30.08
N ILE C 293 16.74 32.37 -30.12
CA ILE C 293 15.30 32.66 -30.26
C ILE C 293 15.00 33.35 -31.61
N PRO C 294 14.36 32.64 -32.54
CA PRO C 294 13.95 33.28 -33.82
C PRO C 294 12.86 34.34 -33.59
N ILE C 295 13.01 35.53 -34.17
CA ILE C 295 11.98 36.57 -34.00
C ILE C 295 10.84 36.31 -35.00
N LEU C 296 9.82 35.57 -34.57
CA LEU C 296 8.71 35.05 -35.41
C LEU C 296 7.37 35.07 -34.65
N PHE C 297 6.29 35.49 -35.33
CA PHE C 297 4.99 35.76 -34.69
C PHE C 297 3.84 34.93 -35.30
N GLU C 304 13.91 30.13 -43.55
CA GLU C 304 14.84 31.27 -43.69
C GLU C 304 15.46 31.72 -42.36
N ILE C 305 14.63 31.82 -41.33
CA ILE C 305 15.11 32.25 -40.02
C ILE C 305 15.62 31.02 -39.27
N LEU C 306 14.71 30.07 -39.06
CA LEU C 306 15.04 28.74 -38.57
C LEU C 306 16.28 28.21 -39.27
N GLY C 307 16.32 28.37 -40.60
CA GLY C 307 17.49 28.02 -41.39
C GLY C 307 18.80 28.56 -40.85
N LYS C 308 18.87 29.87 -40.62
CA LYS C 308 20.14 30.50 -40.17
C LYS C 308 20.44 30.20 -38.69
N CYS C 309 19.39 29.96 -37.91
CA CYS C 309 19.53 29.54 -36.54
C CYS C 309 20.16 28.13 -36.47
N ARG C 310 19.80 27.28 -37.43
CA ARG C 310 20.44 25.98 -37.58
C ARG C 310 21.94 26.10 -37.90
N GLU C 311 22.31 26.99 -38.81
CA GLU C 311 23.73 27.11 -39.17
C GLU C 311 24.50 27.61 -38.00
N LEU C 312 24.00 28.71 -37.44
CA LEU C 312 24.60 29.37 -36.28
C LEU C 312 24.79 28.40 -35.14
N LYS C 313 23.74 27.63 -34.86
CA LYS C 313 23.83 26.60 -33.85
C LYS C 313 25.03 25.71 -34.13
N THR C 314 25.06 25.17 -35.36
CA THR C 314 26.10 24.24 -35.82
C THR C 314 27.51 24.82 -35.66
N MET C 315 27.63 26.09 -35.96
CA MET C 315 28.88 26.77 -35.85
C MET C 315 29.28 26.95 -34.39
N LEU C 316 28.31 27.18 -33.51
CA LEU C 316 28.63 27.39 -32.10
C LEU C 316 29.07 26.09 -31.39
N GLU C 317 28.42 24.97 -31.75
CA GLU C 317 28.73 23.64 -31.19
C GLU C 317 30.12 23.09 -31.54
N LYS C 318 30.74 23.61 -32.58
CA LYS C 318 32.15 23.38 -32.84
C LYS C 318 33.05 24.06 -31.79
N ALA C 319 32.48 24.99 -31.02
CA ALA C 319 33.18 25.61 -29.89
C ALA C 319 32.82 24.98 -28.53
N ASP C 320 32.14 23.85 -28.53
CA ASP C 320 31.82 23.17 -27.27
C ASP C 320 30.73 23.88 -26.49
N ILE C 321 30.13 24.86 -27.14
CA ILE C 321 29.05 25.65 -26.60
C ILE C 321 27.73 24.90 -26.71
N ARG C 322 26.99 24.90 -25.60
CA ARG C 322 25.73 24.20 -25.51
C ARG C 322 24.64 25.19 -25.84
N VAL C 323 23.94 24.87 -26.92
CA VAL C 323 22.90 25.72 -27.51
C VAL C 323 21.50 25.09 -27.59
N ARG C 324 20.47 25.88 -27.33
CA ARG C 324 19.13 25.49 -27.73
C ARG C 324 18.46 26.54 -28.60
N ILE C 325 17.91 26.09 -29.71
CA ILE C 325 17.03 26.91 -30.51
C ILE C 325 15.64 26.69 -30.03
N ASP C 326 14.96 27.74 -29.61
CA ASP C 326 13.60 27.57 -29.13
C ASP C 326 12.67 27.89 -30.27
N ASP C 327 12.17 26.86 -30.93
CA ASP C 327 11.43 27.03 -32.18
C ASP C 327 9.92 26.76 -31.98
N ARG C 328 9.49 26.76 -30.72
CA ARG C 328 8.12 26.36 -30.40
C ARG C 328 7.07 27.33 -30.94
N SER C 329 5.98 26.75 -31.46
CA SER C 329 4.84 27.48 -32.00
C SER C 329 4.10 28.36 -31.00
N ASN C 330 3.47 29.40 -31.56
CA ASN C 330 2.48 30.21 -30.83
C ASN C 330 2.97 30.74 -29.51
N TYR C 331 4.24 31.07 -29.47
CA TYR C 331 4.76 31.87 -28.40
C TYR C 331 5.43 33.06 -29.05
N THR C 332 5.19 34.22 -28.49
CA THR C 332 5.86 35.41 -28.93
C THR C 332 7.34 35.31 -28.52
N PRO C 333 8.23 36.01 -29.25
CA PRO C 333 9.58 36.11 -28.77
C PRO C 333 9.63 36.66 -27.36
N GLY C 334 8.87 37.67 -27.07
CA GLY C 334 8.85 38.22 -25.72
C GLY C 334 8.50 37.19 -24.67
N TRP C 335 7.62 36.27 -25.00
CA TRP C 335 7.28 35.21 -24.08
C TRP C 335 8.49 34.25 -23.89
N LYS C 336 9.21 33.96 -24.96
CA LYS C 336 10.35 33.10 -24.84
C LYS C 336 11.47 33.83 -24.12
N TYR C 337 11.59 35.13 -24.36
CA TYR C 337 12.62 35.90 -23.68
C TYR C 337 12.45 35.68 -22.18
N ASN C 338 11.24 35.81 -21.69
CA ASN C 338 11.00 35.71 -20.26
C ASN C 338 11.23 34.31 -19.78
N HIS C 339 10.74 33.31 -20.51
CA HIS C 339 10.88 31.92 -20.10
C HIS C 339 12.34 31.61 -19.71
N TRP C 340 13.25 31.94 -20.62
CA TRP C 340 14.66 31.66 -20.48
C TRP C 340 15.39 32.55 -19.48
N GLU C 341 14.94 33.76 -19.33
CA GLU C 341 15.44 34.56 -18.25
C GLU C 341 15.17 33.88 -16.93
N VAL C 342 13.95 33.34 -16.80
CA VAL C 342 13.51 32.75 -15.55
C VAL C 342 14.33 31.50 -15.26
N LYS C 343 14.69 30.78 -16.32
CA LYS C 343 15.56 29.61 -16.23
C LYS C 343 17.04 29.96 -15.88
N GLY C 344 17.45 31.20 -16.13
CA GLY C 344 18.76 31.64 -15.81
C GLY C 344 19.78 31.37 -16.90
N VAL C 345 19.33 31.13 -18.14
CA VAL C 345 20.30 30.94 -19.25
C VAL C 345 21.24 32.13 -19.32
N PRO C 346 22.55 31.91 -19.35
CA PRO C 346 23.43 33.09 -19.27
C PRO C 346 23.31 34.07 -20.43
N LEU C 347 23.15 33.54 -21.64
CA LEU C 347 23.04 34.37 -22.84
C LEU C 347 21.83 34.05 -23.72
N ARG C 348 21.18 35.09 -24.22
CA ARG C 348 20.09 34.96 -25.19
C ARG C 348 20.53 35.53 -26.56
N LEU C 349 20.24 34.82 -27.63
CA LEU C 349 20.65 35.28 -28.97
C LEU C 349 19.42 35.46 -29.87
N GLU C 350 19.17 36.71 -30.28
CA GLU C 350 17.98 37.11 -31.06
C GLU C 350 18.33 37.24 -32.54
N LEU C 351 17.55 36.55 -33.34
CA LEU C 351 17.68 36.62 -34.78
C LEU C 351 16.30 36.79 -35.39
N GLY C 352 16.10 37.96 -35.99
CA GLY C 352 14.91 38.30 -36.74
C GLY C 352 15.37 38.71 -38.12
N PRO C 353 14.44 39.19 -38.97
CA PRO C 353 14.76 39.54 -40.37
C PRO C 353 15.76 40.68 -40.55
N LYS C 354 15.64 41.73 -39.74
CA LYS C 354 16.63 42.83 -39.74
C LYS C 354 18.03 42.26 -39.53
N ASP C 355 18.15 41.36 -38.54
CA ASP C 355 19.41 40.67 -38.19
C ASP C 355 19.92 39.78 -39.31
N LEU C 356 19.03 39.21 -40.10
CA LEU C 356 19.43 38.49 -41.32
C LEU C 356 20.12 39.40 -42.35
N ALA C 357 19.63 40.64 -42.43
CA ALA C 357 20.14 41.63 -43.41
C ALA C 357 21.50 42.22 -43.06
N LYS C 358 21.70 42.58 -41.79
CA LYS C 358 22.98 43.15 -41.33
C LYS C 358 24.12 42.07 -41.17
N GLY C 359 23.76 40.79 -41.12
CA GLY C 359 24.74 39.73 -40.83
C GLY C 359 25.25 39.75 -39.39
N THR C 360 24.36 40.17 -38.48
CA THR C 360 24.68 40.23 -37.06
C THR C 360 23.59 39.55 -36.27
N ALA C 361 23.80 39.47 -34.98
CA ALA C 361 22.75 39.02 -34.07
C ALA C 361 22.88 39.83 -32.83
N ARG C 362 21.77 39.97 -32.12
CA ARG C 362 21.76 40.68 -30.84
C ARG C 362 21.84 39.62 -29.76
N VAL C 363 22.85 39.79 -28.91
CA VAL C 363 23.09 38.88 -27.79
C VAL C 363 22.84 39.62 -26.48
N VAL C 364 21.98 39.07 -25.65
CA VAL C 364 21.72 39.66 -24.35
C VAL C 364 22.22 38.77 -23.19
N ARG C 365 23.06 39.31 -22.33
CA ARG C 365 23.47 38.60 -21.12
C ARG C 365 22.48 38.77 -19.97
N ARG C 366 22.22 37.65 -19.31
CA ARG C 366 21.25 37.52 -18.27
C ARG C 366 21.62 38.21 -16.94
N ASP C 367 22.89 38.22 -16.57
CA ASP C 367 23.28 38.75 -15.27
C ASP C 367 23.03 40.23 -15.15
N THR C 368 23.51 41.01 -16.11
CA THR C 368 23.35 42.47 -16.09
C THR C 368 22.33 42.99 -17.09
N GLY C 369 21.95 42.21 -18.09
CA GLY C 369 21.03 42.72 -19.09
C GLY C 369 21.72 43.48 -20.23
N GLU C 370 23.02 43.43 -20.33
CA GLU C 370 23.67 44.17 -21.40
C GLU C 370 23.41 43.52 -22.78
N ALA C 371 23.25 44.36 -23.82
CA ALA C 371 23.11 43.89 -25.23
C ALA C 371 24.35 44.12 -26.05
N TYR C 372 24.63 43.21 -26.99
CA TYR C 372 25.78 43.35 -27.89
C TYR C 372 25.32 43.02 -29.31
N GLN C 373 25.65 43.91 -30.25
CA GLN C 373 25.55 43.59 -31.68
C GLN C 373 26.86 42.87 -32.04
N ILE C 374 26.75 41.64 -32.54
CA ILE C 374 27.92 40.83 -32.88
C ILE C 374 27.75 40.28 -34.30
N SER C 375 28.82 40.33 -35.09
CA SER C 375 28.72 39.80 -36.44
C SER C 375 28.81 38.28 -36.36
N TRP C 376 28.03 37.57 -37.18
CA TRP C 376 28.06 36.09 -37.21
C TRP C 376 29.47 35.42 -37.13
N ALA C 377 30.39 35.81 -38.02
CA ALA C 377 31.79 35.32 -38.00
C ALA C 377 32.44 35.37 -36.60
N ASP C 378 32.07 36.38 -35.82
CA ASP C 378 32.66 36.62 -34.51
C ASP C 378 31.89 36.06 -33.32
N LEU C 379 30.86 35.26 -33.56
CA LEU C 379 30.01 34.83 -32.46
C LEU C 379 30.71 33.81 -31.58
N ALA C 380 31.37 32.85 -32.20
CA ALA C 380 32.06 31.81 -31.42
C ALA C 380 33.05 32.42 -30.40
N PRO C 381 34.09 33.11 -30.89
CA PRO C 381 35.06 33.64 -29.92
C PRO C 381 34.49 34.62 -28.91
N LYS C 382 33.57 35.46 -29.36
CA LYS C 382 33.04 36.55 -28.51
C LYS C 382 32.13 36.02 -27.40
N LEU C 383 31.34 35.01 -27.71
CA LEU C 383 30.46 34.43 -26.73
C LEU C 383 31.24 33.71 -25.63
N LEU C 384 32.44 33.21 -25.98
CA LEU C 384 33.28 32.50 -24.99
C LEU C 384 33.79 33.52 -24.05
N GLU C 385 34.31 34.60 -24.63
CA GLU C 385 34.86 35.68 -23.86
C GLU C 385 33.79 36.14 -22.86
N LEU C 386 32.56 36.31 -23.35
CA LEU C 386 31.42 36.77 -22.53
C LEU C 386 31.01 35.83 -21.41
N MET C 387 31.01 34.54 -21.69
CA MET C 387 30.83 33.52 -20.67
C MET C 387 31.96 33.52 -19.62
N GLU C 388 33.22 33.70 -20.05
CA GLU C 388 34.30 33.85 -19.11
C GLU C 388 33.95 35.04 -18.21
N GLY C 389 33.39 36.10 -18.80
CA GLY C 389 33.12 37.35 -18.07
C GLY C 389 31.99 37.19 -17.06
N ILE C 390 30.87 36.61 -17.51
CA ILE C 390 29.71 36.37 -16.66
C ILE C 390 30.12 35.51 -15.47
N GLN C 391 30.89 34.45 -15.74
CA GLN C 391 31.24 33.52 -14.70
C GLN C 391 32.04 34.24 -13.60
N ARG C 392 33.09 34.94 -14.01
CA ARG C 392 33.96 35.66 -13.07
C ARG C 392 33.17 36.68 -12.20
N SER C 393 32.27 37.37 -12.85
CA SER C 393 31.53 38.47 -12.28
C SER C 393 30.37 38.04 -11.34
N LEU C 394 29.78 36.89 -11.64
CA LEU C 394 28.91 36.23 -10.66
C LEU C 394 29.66 36.00 -9.34
N PHE C 395 30.82 35.35 -9.47
CA PHE C 395 31.71 35.09 -8.33
C PHE C 395 32.18 36.37 -7.63
N GLU C 396 32.69 37.36 -8.38
CA GLU C 396 33.18 38.58 -7.72
C GLU C 396 32.06 39.25 -6.92
N LYS C 397 30.91 39.47 -7.55
CA LYS C 397 29.75 40.09 -6.85
C LYS C 397 29.31 39.35 -5.63
N ALA C 398 29.34 38.02 -5.72
CA ALA C 398 29.00 37.20 -4.58
C ALA C 398 30.08 37.25 -3.49
N LYS C 399 31.34 37.33 -3.90
CA LYS C 399 32.41 37.41 -2.94
C LYS C 399 32.22 38.68 -2.13
N ALA C 400 32.00 39.76 -2.84
CA ALA C 400 31.79 41.02 -2.15
C ALA C 400 30.63 40.90 -1.18
N ARG C 401 29.44 40.48 -1.65
CA ARG C 401 28.26 40.36 -0.76
C ARG C 401 28.56 39.55 0.51
N LEU C 402 29.27 38.44 0.36
CA LEU C 402 29.82 37.69 1.49
C LEU C 402 30.66 38.51 2.46
N HIS C 403 31.66 39.22 2.00
CA HIS C 403 32.45 40.06 2.95
C HIS C 403 31.69 41.23 3.54
N GLU C 404 30.73 41.74 2.79
CA GLU C 404 29.82 42.74 3.31
C GLU C 404 28.86 42.16 4.36
N GLY C 405 28.78 40.84 4.47
CA GLY C 405 27.86 40.23 5.44
C GLY C 405 28.47 39.68 6.71
N ILE C 406 29.77 39.95 6.93
CA ILE C 406 30.50 39.50 8.12
C ILE C 406 31.05 40.77 8.86
N GLU C 407 30.58 40.96 10.09
CA GLU C 407 31.00 42.04 10.98
C GLU C 407 31.96 41.50 12.00
N LYS C 408 33.20 41.96 12.00
CA LYS C 408 34.13 41.70 13.11
C LYS C 408 33.72 42.35 14.44
N ILE C 409 33.80 41.62 15.54
CA ILE C 409 33.30 42.16 16.80
C ILE C 409 34.17 41.80 18.00
N SER C 410 33.76 42.29 19.17
CA SER C 410 34.52 42.12 20.42
C SER C 410 33.67 41.63 21.56
N THR C 411 32.38 41.94 21.59
CA THR C 411 31.57 41.63 22.74
C THR C 411 30.17 41.23 22.40
N PHE C 412 29.54 40.56 23.35
CA PHE C 412 28.23 39.96 23.15
C PHE C 412 27.16 40.99 22.94
N ASP C 413 27.38 42.16 23.53
CA ASP C 413 26.78 43.42 23.12
C ASP C 413 26.35 43.46 21.65
N GLU C 414 27.31 43.19 20.77
CA GLU C 414 27.21 43.51 19.35
C GLU C 414 26.55 42.40 18.53
N VAL C 415 25.92 41.44 19.16
CA VAL C 415 25.56 40.24 18.47
C VAL C 415 24.18 40.35 17.89
N MET C 416 23.18 40.62 18.72
CA MET C 416 21.82 40.67 18.23
C MET C 416 21.59 41.76 17.18
N PRO C 417 22.26 42.90 17.32
CA PRO C 417 22.11 43.89 16.27
C PRO C 417 22.73 43.42 14.95
N ALA C 418 23.86 42.74 15.05
CA ALA C 418 24.51 42.21 13.86
C ALA C 418 23.68 41.07 13.26
N LEU C 419 23.02 40.29 14.12
CA LEU C 419 22.07 39.25 13.66
C LEU C 419 20.79 39.84 13.07
N ASN C 420 20.42 41.04 13.54
CA ASN C 420 19.21 41.69 13.07
C ASN C 420 19.47 42.29 11.71
N ARG C 421 20.73 42.63 11.43
CA ARG C 421 21.11 43.13 10.11
C ARG C 421 21.38 41.98 9.14
N LYS C 422 21.08 40.73 9.55
CA LYS C 422 21.32 39.55 8.74
C LYS C 422 22.79 39.47 8.38
N HIS C 423 23.64 39.54 9.39
CA HIS C 423 25.06 39.33 9.17
C HIS C 423 25.53 38.19 10.01
N LEU C 424 26.65 37.61 9.58
CA LEU C 424 27.42 36.70 10.42
C LEU C 424 28.31 37.59 11.29
N VAL C 425 29.02 36.97 12.24
CA VAL C 425 29.95 37.70 13.10
C VAL C 425 31.24 36.90 13.25
N LEU C 426 32.38 37.58 13.12
CA LEU C 426 33.70 36.97 13.33
C LEU C 426 34.22 37.44 14.68
N ALA C 427 34.23 36.56 15.68
CA ALA C 427 34.45 36.95 17.09
C ALA C 427 35.59 36.20 17.76
N PRO C 428 36.23 36.79 18.79
CA PRO C 428 37.31 36.03 19.42
C PRO C 428 36.74 35.12 20.50
N TRP C 429 37.01 33.83 20.36
CA TRP C 429 36.32 32.85 21.16
C TRP C 429 37.30 32.00 21.96
N CYS C 430 36.97 31.66 23.22
CA CYS C 430 37.82 30.73 24.03
C CYS C 430 37.74 29.24 23.62
N GLU C 431 36.80 28.90 22.75
CA GLU C 431 36.58 27.53 22.24
C GLU C 431 36.07 26.51 23.29
N ASP C 432 35.52 27.00 24.41
CA ASP C 432 34.92 26.09 25.37
C ASP C 432 33.57 25.58 24.82
N PRO C 433 33.36 24.25 24.80
CA PRO C 433 32.08 23.64 24.34
C PRO C 433 30.77 24.10 25.05
N GLU C 434 30.80 24.11 26.38
CA GLU C 434 29.68 24.57 27.18
C GLU C 434 29.32 26.02 26.78
N SER C 435 30.31 26.83 26.39
CA SER C 435 30.01 28.21 26.03
C SER C 435 29.22 28.36 24.73
N GLU C 436 29.40 27.46 23.75
CA GLU C 436 28.60 27.53 22.53
C GLU C 436 27.17 27.08 22.87
N GLU C 437 27.04 26.03 23.67
CA GLU C 437 25.71 25.61 24.12
C GLU C 437 24.99 26.74 24.82
N GLN C 438 25.70 27.50 25.65
CA GLN C 438 25.05 28.63 26.32
C GLN C 438 24.67 29.72 25.32
N ILE C 439 25.59 30.01 24.40
CA ILE C 439 25.35 31.05 23.39
C ILE C 439 24.19 30.69 22.48
N LYS C 440 24.11 29.46 22.04
CA LYS C 440 22.96 28.99 21.27
C LYS C 440 21.66 29.16 22.05
N LYS C 441 21.70 28.90 23.36
CA LYS C 441 20.51 29.12 24.24
C LYS C 441 20.14 30.58 24.44
N GLU C 442 21.14 31.39 24.74
CA GLU C 442 20.91 32.81 24.97
C GLU C 442 20.35 33.45 23.73
N THR C 443 20.90 33.10 22.55
CA THR C 443 20.48 33.76 21.31
C THR C 443 19.07 33.35 20.87
N GLN C 444 18.71 32.12 21.18
CA GLN C 444 17.39 31.61 20.84
C GLN C 444 16.35 32.26 21.72
N LYS C 445 16.53 32.19 23.04
CA LYS C 445 15.62 32.85 24.01
C LYS C 445 15.45 34.35 23.63
N LEU C 446 16.56 35.04 23.51
CA LEU C 446 16.54 36.43 23.11
C LEU C 446 15.73 36.66 21.83
N SER C 447 15.81 35.72 20.90
CA SER C 447 15.16 35.91 19.61
C SER C 447 13.62 35.96 19.66
N GLU C 448 13.03 35.45 20.74
CA GLU C 448 11.59 35.58 20.98
C GLU C 448 11.34 36.52 22.17
N GLY C 463 15.89 30.45 15.85
CA GLY C 463 16.44 31.62 16.50
C GLY C 463 17.96 31.60 16.72
N ALA C 464 18.50 30.42 17.07
CA ALA C 464 19.86 30.30 17.58
C ALA C 464 20.98 30.73 16.61
N MET C 465 22.04 31.27 17.19
CA MET C 465 23.27 31.57 16.53
C MET C 465 24.28 30.53 16.99
N LYS C 466 24.92 29.86 16.04
CA LYS C 466 25.88 28.82 16.41
C LYS C 466 27.19 29.04 15.71
N THR C 467 28.20 28.28 16.06
CA THR C 467 29.44 28.45 15.33
C THR C 467 29.17 27.94 13.93
N LEU C 468 29.68 28.65 12.93
CA LEU C 468 29.77 28.15 11.57
C LEU C 468 31.15 27.51 11.34
N CYS C 469 32.24 28.26 11.55
CA CYS C 469 33.53 27.61 11.63
C CYS C 469 34.60 28.53 12.22
N ILE C 470 35.73 27.94 12.58
CA ILE C 470 36.94 28.68 12.93
C ILE C 470 37.81 28.82 11.68
N PRO C 471 37.78 29.96 10.99
CA PRO C 471 38.46 29.98 9.68
C PRO C 471 39.94 29.63 9.68
N PHE C 472 40.40 29.03 8.59
CA PHE C 472 41.84 28.85 8.28
C PHE C 472 42.59 30.19 8.26
N ASP C 473 41.99 31.20 7.65
CA ASP C 473 42.62 32.50 7.62
C ASP C 473 42.19 33.21 8.89
N GLN C 474 43.12 33.30 9.82
CA GLN C 474 42.91 33.95 11.11
C GLN C 474 43.44 35.38 11.02
N PRO C 475 42.58 36.38 11.24
CA PRO C 475 43.15 37.69 11.51
C PRO C 475 43.99 37.64 12.81
N PRO C 476 45.11 38.37 12.86
CA PRO C 476 45.97 38.36 14.08
C PRO C 476 45.21 38.68 15.35
N MET C 477 45.70 38.16 16.47
CA MET C 477 45.00 38.15 17.74
C MET C 477 45.81 38.90 18.81
N PRO C 478 45.57 40.21 18.97
CA PRO C 478 46.29 40.99 19.99
C PRO C 478 46.43 40.31 21.36
N GLU C 479 47.67 40.14 21.83
CA GLU C 479 47.97 39.56 23.17
C GLU C 479 46.97 40.04 24.22
N GLY C 480 46.29 39.09 24.88
CA GLY C 480 45.39 39.41 25.98
C GLY C 480 43.95 39.66 25.58
N THR C 481 43.64 39.49 24.29
CA THR C 481 42.27 39.61 23.78
C THR C 481 41.35 38.65 24.57
N LYS C 482 40.18 39.13 24.99
CA LYS C 482 39.28 38.30 25.80
C LYS C 482 38.11 37.73 24.97
N CYS C 483 37.57 36.59 25.46
CA CYS C 483 36.47 35.91 24.79
C CYS C 483 35.24 36.78 24.81
N PHE C 484 34.71 37.04 23.62
CA PHE C 484 33.56 37.91 23.47
C PHE C 484 32.37 37.57 24.36
N TYR C 485 32.32 36.34 24.83
CA TYR C 485 31.22 35.90 25.67
C TYR C 485 31.64 35.55 27.09
N THR C 486 32.74 34.83 27.26
CA THR C 486 33.12 34.34 28.59
C THR C 486 33.94 35.35 29.39
N GLY C 487 34.73 36.16 28.70
CA GLY C 487 35.62 37.08 29.37
C GLY C 487 36.90 36.36 29.67
N LYS C 488 36.91 35.04 29.39
CA LYS C 488 38.12 34.22 29.45
C LYS C 488 39.07 34.56 28.30
N PRO C 489 40.29 34.03 28.33
CA PRO C 489 41.24 34.38 27.26
C PRO C 489 40.87 33.75 25.93
N ALA C 490 40.90 34.53 24.85
CA ALA C 490 40.47 34.02 23.56
C ALA C 490 41.58 33.21 22.87
N LYS C 491 41.16 32.16 22.15
CA LYS C 491 42.07 31.42 21.31
C LYS C 491 42.04 31.95 19.87
N ARG C 492 41.01 31.62 19.09
CA ARG C 492 41.01 32.07 17.70
C ARG C 492 39.71 32.79 17.34
N TRP C 493 39.75 33.46 16.21
CA TRP C 493 38.57 34.14 15.71
C TRP C 493 37.61 33.10 15.16
N THR C 494 36.32 33.29 15.41
CA THR C 494 35.31 32.29 15.12
C THR C 494 34.11 32.95 14.47
N LEU C 495 33.63 32.34 13.37
CA LEU C 495 32.57 32.88 12.56
C LEU C 495 31.28 32.32 13.10
N TRP C 496 30.36 33.19 13.52
CA TRP C 496 29.07 32.73 14.02
C TRP C 496 27.91 33.24 13.19
N GLY C 497 26.75 32.62 13.41
CA GLY C 497 25.55 32.99 12.68
C GLY C 497 24.38 32.04 12.91
N ARG C 498 23.21 32.49 12.51
CA ARG C 498 22.08 31.67 12.28
C ARG C 498 22.43 30.75 11.10
N SER C 499 21.83 29.57 11.06
CA SER C 499 22.16 28.67 9.98
C SER C 499 21.07 27.74 9.51
N TYR C 500 21.40 27.10 8.42
CA TYR C 500 20.66 25.97 7.97
C TYR C 500 21.23 24.76 8.71
N MET D 3 44.38 -16.59 -7.49
CA MET D 3 44.58 -17.64 -8.57
C MET D 3 43.34 -18.53 -8.78
N VAL D 4 42.88 -18.65 -10.03
CA VAL D 4 41.68 -19.45 -10.33
C VAL D 4 42.04 -20.97 -10.49
N THR D 5 41.19 -21.79 -9.87
CA THR D 5 41.39 -23.21 -9.62
C THR D 5 40.26 -24.00 -10.27
N ALA D 6 39.02 -23.53 -10.13
CA ALA D 6 37.88 -24.16 -10.78
C ALA D 6 38.00 -23.97 -12.28
N LYS D 7 37.53 -24.96 -13.02
CA LYS D 7 37.65 -24.96 -14.46
C LYS D 7 36.33 -24.54 -15.02
N LYS D 8 36.37 -23.65 -15.98
CA LYS D 8 35.16 -23.14 -16.52
C LYS D 8 34.29 -24.23 -17.14
N ASP D 9 34.88 -25.16 -17.85
CA ASP D 9 34.15 -26.26 -18.44
C ASP D 9 33.68 -27.35 -17.49
N GLU D 10 34.21 -27.36 -16.29
CA GLU D 10 33.86 -28.30 -15.26
C GLU D 10 32.80 -27.88 -14.23
N ASN D 11 33.06 -26.96 -13.32
CA ASN D 11 32.02 -26.55 -12.36
C ASN D 11 31.91 -25.08 -12.75
N PHE D 12 30.87 -24.69 -13.47
CA PHE D 12 30.69 -23.32 -13.99
C PHE D 12 30.38 -22.26 -12.90
N SER D 13 29.35 -22.51 -12.10
CA SER D 13 29.02 -21.76 -10.88
C SER D 13 30.20 -21.41 -10.02
N GLU D 14 30.97 -22.41 -9.60
CA GLU D 14 32.15 -22.16 -8.79
C GLU D 14 33.21 -21.36 -9.58
N TRP D 15 33.43 -21.68 -10.86
CA TRP D 15 34.33 -20.87 -11.70
C TRP D 15 33.97 -19.39 -11.67
N TYR D 16 32.71 -19.09 -11.93
CA TYR D 16 32.24 -17.70 -11.98
C TYR D 16 32.50 -17.00 -10.66
N THR D 17 32.25 -17.70 -9.55
CA THR D 17 32.47 -17.19 -8.17
C THR D 17 33.92 -16.88 -7.85
N GLN D 18 34.83 -17.75 -8.26
CA GLN D 18 36.24 -17.47 -8.08
C GLN D 18 36.71 -16.33 -8.99
N ALA D 19 36.16 -16.29 -10.18
CA ALA D 19 36.53 -15.28 -11.14
C ALA D 19 36.20 -13.90 -10.54
N ILE D 20 35.00 -13.74 -10.05
CA ILE D 20 34.59 -12.42 -9.57
C ILE D 20 35.19 -12.11 -8.21
N VAL D 21 35.42 -13.13 -7.37
CA VAL D 21 35.98 -12.85 -6.06
C VAL D 21 37.46 -12.60 -6.11
N ARG D 22 38.18 -13.36 -6.90
CA ARG D 22 39.63 -13.31 -6.85
C ARG D 22 40.19 -12.24 -7.72
N SER D 23 39.38 -11.73 -8.65
CA SER D 23 39.72 -10.50 -9.39
C SER D 23 39.37 -9.20 -8.62
N GLU D 24 38.85 -9.32 -7.38
CA GLU D 24 38.49 -8.19 -6.55
C GLU D 24 37.39 -7.36 -7.21
N MET D 25 36.46 -8.00 -7.90
CA MET D 25 35.30 -7.31 -8.45
C MET D 25 34.17 -7.25 -7.44
N ILE D 26 34.09 -8.28 -6.61
CA ILE D 26 32.93 -8.49 -5.79
C ILE D 26 33.40 -8.82 -4.44
N GLU D 27 32.68 -8.31 -3.46
CA GLU D 27 32.84 -8.73 -2.09
C GLU D 27 31.45 -9.16 -1.51
N TYR D 28 31.49 -10.12 -0.58
CA TYR D 28 30.27 -10.69 -0.03
C TYR D 28 29.69 -9.81 1.07
N TYR D 29 28.42 -10.00 1.32
CA TYR D 29 27.69 -9.14 2.15
C TYR D 29 26.63 -9.96 2.88
N ASP D 30 26.21 -9.53 4.05
CA ASP D 30 25.29 -10.33 4.84
C ASP D 30 23.83 -10.17 4.45
N ILE D 31 23.50 -9.25 3.57
CA ILE D 31 22.10 -9.14 3.12
C ILE D 31 21.96 -9.88 1.80
N SER D 32 21.10 -10.88 1.83
CA SER D 32 20.98 -11.79 0.74
C SER D 32 20.61 -11.09 -0.56
N GLY D 33 21.38 -11.42 -1.58
CA GLY D 33 21.19 -10.94 -2.94
C GLY D 33 21.84 -9.61 -3.21
N CYS D 34 22.62 -9.10 -2.25
CA CYS D 34 23.25 -7.82 -2.40
C CYS D 34 24.71 -8.07 -2.32
N TYR D 35 25.49 -7.33 -3.10
CA TYR D 35 26.94 -7.51 -3.12
C TYR D 35 27.60 -6.16 -3.30
N ILE D 36 28.81 -6.04 -2.78
CA ILE D 36 29.66 -4.84 -2.90
C ILE D 36 30.31 -4.92 -4.26
N MET D 37 30.23 -3.84 -5.04
CA MET D 37 30.86 -3.75 -6.32
C MET D 37 32.12 -3.00 -6.00
N ARG D 38 33.22 -3.70 -5.98
CA ARG D 38 34.50 -3.04 -5.82
C ARG D 38 34.86 -2.34 -7.14
N PRO D 39 35.84 -1.44 -7.09
CA PRO D 39 36.36 -0.64 -8.21
C PRO D 39 36.65 -1.38 -9.52
N TRP D 40 37.20 -2.56 -9.43
CA TRP D 40 37.56 -3.22 -10.69
C TRP D 40 36.31 -3.47 -11.51
N ALA D 41 35.21 -3.71 -10.83
CA ALA D 41 33.94 -3.97 -11.48
C ALA D 41 33.26 -2.67 -11.74
N PHE D 42 33.25 -1.80 -10.71
CA PHE D 42 32.59 -0.52 -10.87
C PHE D 42 33.14 0.29 -12.03
N HIS D 43 34.45 0.25 -12.21
CA HIS D 43 35.04 1.03 -13.28
C HIS D 43 34.55 0.62 -14.65
N ILE D 44 34.24 -0.63 -14.83
CA ILE D 44 33.71 -1.05 -16.11
C ILE D 44 32.29 -0.50 -16.31
N TRP D 45 31.58 -0.32 -15.21
CA TRP D 45 30.19 0.07 -15.29
C TRP D 45 30.12 1.56 -15.60
N GLU D 46 31.08 2.32 -15.07
CA GLU D 46 31.28 3.70 -15.52
C GLU D 46 31.54 3.83 -17.04
N LYS D 47 32.27 2.91 -17.68
CA LYS D 47 32.53 3.04 -19.12
C LYS D 47 31.28 2.83 -19.91
N VAL D 48 30.58 1.73 -19.65
CA VAL D 48 29.36 1.48 -20.43
C VAL D 48 28.33 2.58 -20.12
N GLN D 49 28.37 3.10 -18.90
CA GLN D 49 27.39 4.11 -18.53
C GLN D 49 27.68 5.34 -19.35
N ARG D 50 28.94 5.79 -19.28
CA ARG D 50 29.39 6.95 -20.08
C ARG D 50 29.08 6.76 -21.55
N PHE D 51 29.30 5.57 -22.08
CA PHE D 51 29.02 5.35 -23.49
C PHE D 51 27.55 5.52 -23.83
N PHE D 52 26.69 4.88 -23.03
CA PHE D 52 25.26 4.89 -23.30
C PHE D 52 24.74 6.27 -23.12
N ASP D 53 25.19 6.90 -22.05
CA ASP D 53 24.79 8.22 -21.74
C ASP D 53 25.08 9.20 -22.86
N ASP D 54 26.33 9.22 -23.34
CA ASP D 54 26.73 10.12 -24.45
C ASP D 54 25.85 9.85 -25.67
N GLU D 55 25.50 8.59 -25.91
CA GLU D 55 24.70 8.31 -27.10
C GLU D 55 23.27 8.78 -26.99
N ILE D 56 22.65 8.64 -25.82
CA ILE D 56 21.27 9.10 -25.66
C ILE D 56 21.17 10.63 -25.64
N LYS D 57 22.21 11.28 -25.11
CA LYS D 57 22.29 12.74 -25.24
C LYS D 57 22.23 13.18 -26.73
N LYS D 58 22.88 12.46 -27.65
CA LYS D 58 22.78 12.80 -29.06
C LYS D 58 21.38 12.72 -29.58
N MET D 59 20.56 11.87 -28.98
CA MET D 59 19.17 11.76 -29.39
C MET D 59 18.24 12.81 -28.71
N GLY D 60 18.80 13.66 -27.85
CA GLY D 60 18.00 14.64 -27.15
C GLY D 60 17.42 14.22 -25.77
N VAL D 61 17.84 13.07 -25.26
CA VAL D 61 17.35 12.55 -24.01
C VAL D 61 18.11 13.24 -22.90
N GLU D 62 17.37 13.68 -21.89
CA GLU D 62 17.96 14.41 -20.78
C GLU D 62 17.82 13.60 -19.52
N ASN D 63 18.87 13.62 -18.69
CA ASN D 63 18.83 12.92 -17.45
C ASN D 63 18.07 13.64 -16.41
N SER D 64 17.42 12.87 -15.55
CA SER D 64 16.64 13.40 -14.43
C SER D 64 16.92 12.58 -13.20
N TYR D 65 16.44 12.99 -12.03
CA TYR D 65 16.34 12.08 -10.92
C TYR D 65 15.03 12.20 -10.20
N PHE D 66 14.18 11.20 -10.33
CA PHE D 66 12.98 11.13 -9.52
C PHE D 66 13.29 10.33 -8.23
N PRO D 67 12.48 10.54 -7.17
CA PRO D 67 12.70 9.94 -5.85
C PRO D 67 12.69 8.42 -5.83
N MET D 68 13.37 7.83 -4.86
CA MET D 68 13.40 6.39 -4.76
C MET D 68 12.15 5.87 -4.03
N PHE D 69 11.43 6.72 -3.31
CA PHE D 69 10.22 6.28 -2.64
C PHE D 69 8.98 6.56 -3.44
N VAL D 70 8.06 5.61 -3.39
CA VAL D 70 6.76 5.85 -4.00
C VAL D 70 5.71 5.43 -2.99
N SER D 71 4.71 6.27 -2.83
CA SER D 71 3.77 6.03 -1.76
C SER D 71 2.89 4.88 -2.23
N ARG D 72 2.30 4.17 -1.27
CA ARG D 72 1.42 3.05 -1.55
C ARG D 72 0.35 3.42 -2.58
N HIS D 73 -0.33 4.53 -2.36
CA HIS D 73 -1.41 4.89 -3.25
C HIS D 73 -1.01 5.05 -4.71
N LYS D 74 0.18 5.56 -4.94
CA LYS D 74 0.74 5.75 -6.29
C LYS D 74 1.20 4.45 -6.95
N LEU D 75 1.85 3.58 -6.17
CA LEU D 75 2.33 2.32 -6.67
C LEU D 75 1.21 1.36 -7.01
N GLU D 76 0.11 1.42 -6.27
CA GLU D 76 -1.00 0.47 -6.45
C GLU D 76 -2.21 1.08 -7.14
N LYS D 77 -1.97 2.05 -8.03
CA LYS D 77 -3.03 2.77 -8.74
C LYS D 77 -4.00 1.86 -9.54
N GLU D 78 -3.51 0.78 -10.14
CA GLU D 78 -4.38 -0.24 -10.80
C GLU D 78 -4.61 -1.45 -9.87
N SER D 86 2.31 -7.25 -5.73
CA SER D 86 3.63 -7.81 -6.01
C SER D 86 4.42 -8.13 -4.76
N PRO D 87 4.87 -9.39 -4.61
CA PRO D 87 5.67 -9.74 -3.41
C PRO D 87 7.15 -9.28 -3.46
N GLU D 88 7.58 -8.71 -4.58
CA GLU D 88 8.97 -8.35 -4.76
C GLU D 88 9.21 -6.97 -4.22
N VAL D 89 8.15 -6.24 -3.88
CA VAL D 89 8.29 -4.85 -3.47
C VAL D 89 8.68 -4.70 -1.99
N ALA D 90 9.72 -3.92 -1.72
CA ALA D 90 10.19 -3.66 -0.38
C ALA D 90 9.47 -2.42 0.16
N TRP D 91 8.94 -2.56 1.36
CA TRP D 91 8.19 -1.48 2.00
C TRP D 91 8.86 -0.95 3.24
N VAL D 92 8.89 0.39 3.36
CA VAL D 92 9.24 1.07 4.59
C VAL D 92 7.95 1.39 5.32
N THR D 93 7.91 1.05 6.60
CA THR D 93 6.74 1.37 7.46
C THR D 93 7.01 2.24 8.68
N HIS D 94 8.27 2.40 9.05
CA HIS D 94 8.67 3.15 10.23
C HIS D 94 9.86 4.02 9.89
N TYR D 95 9.97 5.13 10.59
CA TYR D 95 11.22 5.90 10.67
C TYR D 95 11.56 5.96 12.15
N GLY D 96 12.80 5.66 12.52
CA GLY D 96 13.12 5.46 13.95
C GLY D 96 12.11 4.50 14.58
N ASP D 97 11.53 4.87 15.72
CA ASP D 97 10.49 4.08 16.44
C ASP D 97 9.06 4.29 15.97
N SER D 98 8.86 5.18 15.00
CA SER D 98 7.55 5.73 14.75
C SER D 98 6.95 5.24 13.41
N PRO D 99 5.67 4.91 13.41
CA PRO D 99 4.99 4.46 12.16
C PRO D 99 4.77 5.60 11.17
N LEU D 100 4.92 5.30 9.89
CA LEU D 100 4.60 6.27 8.85
C LEU D 100 3.10 6.36 8.73
N PRO D 101 2.55 7.52 8.34
CA PRO D 101 1.09 7.54 8.18
C PRO D 101 0.62 6.65 7.06
N GLU D 102 1.44 6.51 6.01
CA GLU D 102 1.21 5.61 4.89
C GLU D 102 2.55 4.92 4.63
N LYS D 103 2.55 3.61 4.38
CA LYS D 103 3.80 2.94 4.02
C LYS D 103 4.27 3.29 2.58
N ILE D 104 5.56 3.06 2.36
CA ILE D 104 6.37 3.70 1.29
C ILE D 104 7.22 2.60 0.67
N ALA D 105 7.20 2.49 -0.65
CA ALA D 105 7.96 1.45 -1.29
C ALA D 105 9.27 2.01 -1.87
N ILE D 106 10.27 1.17 -1.92
CA ILE D 106 11.50 1.51 -2.58
C ILE D 106 11.24 1.19 -4.05
N ARG D 107 11.60 2.07 -4.95
CA ARG D 107 11.31 1.87 -6.36
C ARG D 107 11.81 0.55 -6.97
N PRO D 108 10.89 -0.18 -7.58
CA PRO D 108 11.19 -1.42 -8.28
C PRO D 108 11.32 -1.09 -9.75
N THR D 109 10.81 0.07 -10.12
CA THR D 109 10.91 0.65 -11.45
C THR D 109 10.14 1.97 -11.27
N SER D 110 10.21 2.92 -12.21
CA SER D 110 9.66 4.22 -11.93
C SER D 110 8.40 4.73 -12.61
N GLU D 111 7.70 3.86 -13.34
CA GLU D 111 6.51 4.31 -14.10
C GLU D 111 5.52 5.06 -13.18
N THR D 112 5.21 4.44 -12.03
CA THR D 112 4.21 5.02 -11.09
C THR D 112 4.66 6.32 -10.43
N ILE D 113 5.95 6.60 -10.54
CA ILE D 113 6.60 7.81 -10.00
C ILE D 113 6.64 8.92 -11.04
N MET D 114 6.97 8.58 -12.26
CA MET D 114 7.25 9.57 -13.32
C MET D 114 5.99 9.96 -14.09
N TYR D 115 5.15 8.96 -14.33
CA TYR D 115 3.94 9.20 -15.15
C TYR D 115 2.98 10.21 -14.54
N PRO D 116 2.80 10.24 -13.21
CA PRO D 116 1.95 11.36 -12.77
C PRO D 116 2.53 12.69 -13.15
N ALA D 117 3.87 12.80 -13.07
CA ALA D 117 4.61 13.97 -13.61
C ALA D 117 4.40 14.25 -15.05
N TYR D 118 4.46 13.24 -15.88
CA TYR D 118 4.33 13.49 -17.33
C TYR D 118 2.97 14.07 -17.66
N ALA D 119 1.95 13.56 -16.99
CA ALA D 119 0.56 14.03 -17.13
C ALA D 119 0.36 15.49 -16.83
N LYS D 120 1.07 15.96 -15.82
CA LYS D 120 1.13 17.38 -15.45
C LYS D 120 1.87 18.21 -16.50
N TRP D 121 3.03 17.74 -16.94
CA TRP D 121 3.90 18.52 -17.80
C TRP D 121 3.47 18.55 -19.25
N ILE D 122 2.81 17.49 -19.73
CA ILE D 122 2.46 17.44 -21.15
C ILE D 122 1.05 18.02 -21.37
N ARG D 123 0.99 19.13 -22.13
CA ARG D 123 -0.25 19.85 -22.41
C ARG D 123 -0.54 19.95 -23.90
N SER D 124 0.51 20.14 -24.72
CA SER D 124 0.31 20.21 -26.14
C SER D 124 1.51 19.73 -26.94
N HIS D 125 1.31 19.66 -28.25
CA HIS D 125 2.30 19.14 -29.17
C HIS D 125 3.64 19.79 -28.98
N ARG D 126 3.66 21.07 -28.64
CA ARG D 126 4.91 21.78 -28.58
C ARG D 126 5.74 21.26 -27.43
N ASP D 127 5.13 20.56 -26.48
CA ASP D 127 5.84 19.88 -25.38
C ASP D 127 6.47 18.56 -25.76
N LEU D 128 6.24 18.06 -26.97
CA LEU D 128 6.63 16.69 -27.37
C LEU D 128 7.62 16.71 -28.54
N PRO D 129 8.43 15.66 -28.66
CA PRO D 129 8.60 14.51 -27.73
C PRO D 129 9.16 14.95 -26.33
N LEU D 130 8.82 14.19 -25.29
CA LEU D 130 9.46 14.37 -23.98
C LEU D 130 10.31 13.14 -23.77
N LYS D 131 11.60 13.34 -23.52
CA LYS D 131 12.50 12.21 -23.37
C LYS D 131 13.42 12.34 -22.16
N LEU D 132 13.33 11.39 -21.28
CA LEU D 132 14.08 11.47 -20.04
C LEU D 132 14.61 10.12 -19.73
N ASN D 133 15.72 10.14 -19.01
CA ASN D 133 16.39 8.95 -18.53
C ASN D 133 16.71 9.16 -17.07
N GLN D 134 16.94 8.06 -16.37
CA GLN D 134 17.61 8.20 -15.13
C GLN D 134 18.43 7.01 -14.87
N TRP D 135 19.65 7.25 -14.40
CA TRP D 135 20.47 6.23 -13.74
C TRP D 135 20.10 6.06 -12.26
N CYS D 136 19.87 4.85 -11.80
CA CYS D 136 19.58 4.66 -10.35
C CYS D 136 19.70 3.27 -9.86
N SER D 137 19.55 3.14 -8.54
CA SER D 137 19.37 1.79 -7.98
C SER D 137 17.90 1.47 -7.99
N VAL D 138 17.64 0.19 -8.17
CA VAL D 138 16.32 -0.42 -8.13
C VAL D 138 16.41 -1.57 -7.11
N VAL D 139 15.31 -1.84 -6.40
CA VAL D 139 15.26 -2.96 -5.43
C VAL D 139 14.13 -3.88 -5.75
N ARG D 140 14.38 -5.17 -5.71
CA ARG D 140 13.34 -6.20 -5.87
C ARG D 140 13.70 -7.43 -5.04
N TRP D 141 12.79 -7.86 -4.18
CA TRP D 141 13.05 -9.05 -3.39
C TRP D 141 12.84 -10.25 -4.28
N GLU D 142 13.89 -10.68 -5.00
CA GLU D 142 13.78 -11.72 -6.00
C GLU D 142 13.62 -13.03 -5.28
N PHE D 143 12.71 -13.87 -5.78
CA PHE D 143 12.53 -15.22 -5.26
C PHE D 143 13.52 -16.21 -5.85
N LYS D 144 13.93 -16.05 -7.11
CA LYS D 144 15.01 -16.90 -7.68
C LYS D 144 16.31 -16.73 -6.93
N GLN D 145 17.14 -17.76 -6.90
CA GLN D 145 18.38 -17.74 -6.16
C GLN D 145 19.25 -16.59 -6.70
N PRO D 146 19.88 -15.83 -5.79
CA PRO D 146 20.59 -14.65 -6.29
C PRO D 146 21.91 -14.97 -7.01
N PRO D 148 25.42 -12.79 -8.45
CA PRO D 148 26.17 -11.57 -8.64
C PRO D 148 26.03 -11.09 -10.07
N PHE D 149 25.78 -9.77 -10.22
CA PHE D 149 25.46 -9.13 -11.50
C PHE D 149 24.15 -9.51 -12.20
N LEU D 150 23.95 -10.80 -12.46
CA LEU D 150 22.80 -11.25 -13.25
C LEU D 150 21.45 -11.20 -12.56
N ARG D 151 21.38 -11.57 -11.29
CA ARG D 151 20.12 -11.42 -10.55
C ARG D 151 20.33 -11.14 -9.08
N THR D 152 20.18 -9.86 -8.72
CA THR D 152 20.53 -9.31 -7.41
C THR D 152 19.35 -8.50 -6.91
N ARG D 153 19.22 -8.31 -5.60
CA ARG D 153 18.02 -7.67 -5.03
C ARG D 153 18.07 -6.17 -5.10
N GLU D 154 19.26 -5.62 -5.04
CA GLU D 154 19.54 -4.26 -5.44
C GLU D 154 20.41 -4.36 -6.68
N PHE D 155 19.97 -3.77 -7.78
CA PHE D 155 20.83 -3.62 -8.94
C PHE D 155 20.81 -2.16 -9.37
N LEU D 156 21.82 -1.81 -10.18
CA LEU D 156 21.96 -0.53 -10.85
C LEU D 156 21.45 -0.59 -12.28
N TRP D 157 20.74 0.45 -12.67
CA TRP D 157 20.27 0.50 -13.99
C TRP D 157 20.14 1.91 -14.48
N GLN D 158 19.57 1.91 -15.64
CA GLN D 158 19.25 3.05 -16.33
C GLN D 158 17.80 2.71 -16.86
N GLU D 159 16.90 3.64 -16.71
CA GLU D 159 15.56 3.47 -17.26
C GLU D 159 15.23 4.71 -18.01
N GLY D 160 14.73 4.53 -19.22
CA GLY D 160 14.33 5.69 -20.06
C GLY D 160 12.86 5.68 -20.36
N HIS D 161 12.26 6.84 -20.50
CA HIS D 161 10.80 6.97 -20.63
C HIS D 161 10.54 8.16 -21.48
N THR D 162 9.88 7.93 -22.59
CA THR D 162 9.63 8.96 -23.58
C THR D 162 8.14 8.94 -23.90
N ALA D 163 7.64 10.10 -24.30
CA ALA D 163 6.27 10.24 -24.72
C ALA D 163 6.33 10.98 -26.04
N HIS D 164 5.48 10.56 -26.99
CA HIS D 164 5.51 11.07 -28.34
C HIS D 164 4.09 11.26 -28.84
N ALA D 165 3.96 12.16 -29.81
CA ALA D 165 2.70 12.49 -30.42
C ALA D 165 2.17 11.41 -31.34
N THR D 166 3.06 10.55 -31.84
CA THR D 166 2.63 9.48 -32.75
C THR D 166 3.30 8.14 -32.45
N GLU D 167 2.64 7.04 -32.84
CA GLU D 167 3.21 5.72 -32.70
C GLU D 167 4.48 5.54 -33.48
N GLU D 168 4.56 6.11 -34.65
CA GLU D 168 5.68 5.87 -35.50
C GLU D 168 6.96 6.46 -34.98
N GLU D 169 6.90 7.67 -34.44
CA GLU D 169 8.05 8.33 -33.81
C GLU D 169 8.55 7.59 -32.51
N ALA D 170 7.63 7.12 -31.67
CA ALA D 170 7.96 6.31 -30.51
C ALA D 170 8.66 5.03 -30.93
N TRP D 171 8.07 4.37 -31.92
CA TRP D 171 8.61 3.09 -32.44
C TRP D 171 9.99 3.29 -33.06
N GLU D 172 10.19 4.40 -33.76
CA GLU D 172 11.52 4.70 -34.24
C GLU D 172 12.46 4.80 -33.03
N LEU D 173 11.99 5.38 -31.92
CA LEU D 173 12.89 5.64 -30.79
C LEU D 173 13.26 4.34 -30.08
N VAL D 174 12.25 3.47 -29.95
CA VAL D 174 12.46 2.13 -29.48
C VAL D 174 13.59 1.44 -30.20
N LEU D 175 13.54 1.42 -31.53
CA LEU D 175 14.56 0.70 -32.27
C LEU D 175 15.92 1.41 -32.16
N ASP D 176 15.88 2.72 -32.17
CA ASP D 176 17.06 3.51 -31.93
C ASP D 176 17.77 3.08 -30.65
N ILE D 177 17.02 2.97 -29.56
CA ILE D 177 17.55 2.56 -28.26
C ILE D 177 18.11 1.15 -28.30
N LEU D 178 17.33 0.29 -28.91
CA LEU D 178 17.70 -1.12 -29.06
C LEU D 178 19.04 -1.32 -29.83
N GLU D 179 19.28 -0.47 -30.82
CA GLU D 179 20.56 -0.43 -31.51
C GLU D 179 21.63 0.03 -30.51
N LEU D 180 21.34 1.03 -29.68
CA LEU D 180 22.30 1.37 -28.62
C LEU D 180 22.58 0.19 -27.69
N TYR D 181 21.57 -0.61 -27.37
CA TYR D 181 21.83 -1.77 -26.52
C TYR D 181 22.67 -2.82 -27.24
N ARG D 182 22.44 -3.08 -28.52
CA ARG D 182 23.38 -3.91 -29.29
C ARG D 182 24.83 -3.38 -29.16
N ARG D 183 25.00 -2.07 -29.25
CA ARG D 183 26.33 -1.46 -29.13
C ARG D 183 26.96 -1.66 -27.75
N TRP D 184 26.15 -1.51 -26.72
CA TRP D 184 26.52 -1.65 -25.33
C TRP D 184 27.22 -2.97 -25.20
N TYR D 185 26.52 -4.02 -25.64
CA TYR D 185 27.02 -5.39 -25.62
C TYR D 185 28.07 -5.73 -26.70
N GLU D 186 27.75 -5.55 -27.99
CA GLU D 186 28.71 -5.98 -29.07
C GLU D 186 29.89 -5.03 -29.21
N GLU D 187 29.64 -3.74 -29.14
CA GLU D 187 30.71 -2.79 -29.37
C GLU D 187 31.62 -2.63 -28.13
N CYS D 188 30.99 -2.57 -26.97
CA CYS D 188 31.75 -2.30 -25.77
C CYS D 188 32.17 -3.57 -25.10
N LEU D 189 31.21 -4.47 -24.85
CA LEU D 189 31.53 -5.67 -24.07
C LEU D 189 31.97 -6.81 -24.92
N ALA D 190 32.01 -6.58 -26.23
CA ALA D 190 32.31 -7.64 -27.19
C ALA D 190 31.52 -8.93 -26.98
N VAL D 191 30.26 -8.81 -26.51
CA VAL D 191 29.30 -9.93 -26.35
C VAL D 191 28.26 -9.90 -27.48
N PRO D 192 28.13 -10.96 -28.28
CA PRO D 192 27.10 -10.92 -29.32
C PRO D 192 25.68 -11.10 -28.80
N VAL D 193 24.75 -10.40 -29.44
CA VAL D 193 23.35 -10.55 -29.11
C VAL D 193 22.47 -10.61 -30.33
N ILE D 194 21.24 -11.08 -30.10
CA ILE D 194 20.22 -11.22 -31.10
C ILE D 194 19.08 -10.30 -30.72
N LYS D 195 18.78 -9.32 -31.57
CA LYS D 195 17.61 -8.46 -31.43
C LYS D 195 16.37 -9.24 -31.74
N GLY D 196 15.25 -8.89 -31.12
CA GLY D 196 14.06 -9.67 -31.33
C GLY D 196 12.89 -9.12 -30.63
N GLU D 197 11.72 -9.64 -31.00
CA GLU D 197 10.42 -9.26 -30.47
C GLU D 197 10.02 -10.31 -29.48
N LYS D 198 9.52 -9.89 -28.32
CA LYS D 198 9.08 -10.82 -27.26
C LYS D 198 7.70 -11.35 -27.56
N SER D 199 7.45 -12.63 -27.26
CA SER D 199 6.09 -13.24 -27.45
C SER D 199 5.09 -12.59 -26.50
N GLU D 200 3.81 -12.84 -26.72
CA GLU D 200 2.79 -12.20 -25.86
C GLU D 200 3.01 -12.59 -24.38
N GLY D 201 3.26 -13.84 -24.10
CA GLY D 201 3.45 -14.23 -22.72
C GLY D 201 4.67 -13.61 -22.09
N GLU D 202 5.67 -13.22 -22.88
CA GLU D 202 6.94 -12.78 -22.30
C GLU D 202 7.13 -11.27 -22.28
N LYS D 203 6.22 -10.53 -22.93
CA LYS D 203 6.39 -9.11 -22.95
C LYS D 203 5.95 -8.48 -21.64
N PHE D 204 6.37 -7.23 -21.50
CA PHE D 204 5.95 -6.43 -20.43
C PHE D 204 4.47 -6.21 -20.65
N ALA D 205 3.67 -6.61 -19.65
CA ALA D 205 2.21 -6.57 -19.75
C ALA D 205 1.56 -5.19 -19.76
N GLY D 206 2.25 -4.13 -19.39
CA GLY D 206 1.65 -2.81 -19.51
C GLY D 206 1.90 -2.19 -20.88
N GLY D 207 2.59 -2.95 -21.75
CA GLY D 207 2.96 -2.44 -23.07
C GLY D 207 2.35 -3.18 -24.25
N LYS D 208 2.60 -2.64 -25.42
CA LYS D 208 2.06 -3.15 -26.66
C LYS D 208 3.03 -4.11 -27.34
N LYS D 209 4.33 -3.84 -27.25
CA LYS D 209 5.31 -4.68 -27.88
C LYS D 209 6.61 -4.46 -27.13
N THR D 210 7.31 -5.56 -26.81
CA THR D 210 8.60 -5.46 -26.18
C THR D 210 9.68 -5.94 -27.16
N THR D 211 10.69 -5.09 -27.42
CA THR D 211 11.86 -5.54 -28.08
C THR D 211 12.92 -5.84 -27.07
N THR D 212 13.79 -6.79 -27.44
CA THR D 212 14.80 -7.36 -26.55
C THR D 212 16.12 -7.64 -27.25
N VAL D 213 17.18 -7.78 -26.48
CA VAL D 213 18.47 -8.23 -26.98
C VAL D 213 18.80 -9.43 -26.12
N GLU D 214 19.07 -10.53 -26.75
CA GLU D 214 19.28 -11.78 -26.01
C GLU D 214 20.69 -12.26 -26.19
N ALA D 215 21.21 -12.86 -25.12
CA ALA D 215 22.57 -13.44 -25.12
C ALA D 215 22.44 -14.90 -24.78
N PHE D 216 23.55 -15.59 -24.82
CA PHE D 216 23.51 -17.03 -24.58
C PHE D 216 24.77 -17.43 -23.80
N ILE D 217 24.59 -18.14 -22.68
CA ILE D 217 25.72 -18.68 -21.92
C ILE D 217 25.88 -20.16 -22.21
N PRO D 218 26.87 -20.51 -23.03
CA PRO D 218 27.03 -21.91 -23.48
C PRO D 218 27.28 -22.92 -22.37
N GLU D 219 27.93 -22.52 -21.28
CA GLU D 219 28.32 -23.50 -20.24
C GLU D 219 27.16 -24.11 -19.48
N ASN D 220 25.99 -23.48 -19.54
CA ASN D 220 24.77 -24.08 -18.98
C ASN D 220 23.59 -24.07 -19.95
N GLY D 221 23.84 -23.68 -21.20
CA GLY D 221 22.80 -23.63 -22.23
C GLY D 221 21.65 -22.68 -22.04
N ARG D 222 21.88 -21.62 -21.29
CA ARG D 222 20.84 -20.66 -20.95
C ARG D 222 20.95 -19.41 -21.78
N GLY D 223 19.81 -19.02 -22.36
CA GLY D 223 19.62 -17.68 -22.90
C GLY D 223 19.36 -16.72 -21.72
N ILE D 224 19.56 -15.43 -21.96
CA ILE D 224 19.44 -14.43 -20.93
C ILE D 224 19.17 -13.08 -21.58
N GLN D 225 18.11 -12.43 -21.13
CA GLN D 225 17.76 -11.16 -21.65
C GLN D 225 18.75 -10.10 -21.18
N ALA D 226 19.29 -9.34 -22.13
CA ALA D 226 20.42 -8.48 -21.90
C ALA D 226 20.00 -7.02 -21.72
N ALA D 227 18.85 -6.71 -22.28
CA ALA D 227 18.22 -5.44 -22.17
C ALA D 227 16.90 -5.52 -22.93
N THR D 228 16.12 -4.44 -22.88
CA THR D 228 14.77 -4.46 -23.36
C THR D 228 14.31 -3.03 -23.64
N SER D 229 13.48 -2.89 -24.66
CA SER D 229 13.02 -1.56 -25.12
C SER D 229 11.60 -1.77 -25.60
N HIS D 230 10.64 -1.05 -25.01
CA HIS D 230 9.22 -1.35 -25.16
C HIS D 230 8.56 -0.26 -25.92
N LEU D 231 7.60 -0.65 -26.74
CA LEU D 231 6.64 0.25 -27.33
C LEU D 231 5.41 0.09 -26.46
N LEU D 232 5.04 1.13 -25.72
CA LEU D 232 3.97 1.01 -24.75
C LEU D 232 2.56 1.43 -25.31
N GLY D 233 2.56 2.19 -26.41
CA GLY D 233 1.35 2.59 -27.03
C GLY D 233 0.76 3.66 -26.17
N THR D 234 -0.56 3.60 -26.00
CA THR D 234 -1.30 4.64 -25.32
C THR D 234 -1.84 4.15 -23.97
N ASN D 235 -1.60 2.89 -23.65
CA ASN D 235 -2.12 2.27 -22.42
C ASN D 235 -1.85 3.11 -21.17
N PHE D 236 -0.57 3.48 -20.95
CA PHE D 236 -0.24 4.25 -19.75
C PHE D 236 -0.84 5.61 -19.83
N ALA D 237 -0.90 6.15 -21.03
CA ALA D 237 -1.50 7.47 -21.22
C ALA D 237 -2.98 7.46 -20.77
N LYS D 238 -3.67 6.35 -21.00
CA LYS D 238 -5.05 6.21 -20.55
C LYS D 238 -5.09 6.25 -19.01
N MET D 239 -4.30 5.37 -18.40
CA MET D 239 -4.26 5.15 -16.98
C MET D 239 -3.88 6.40 -16.20
N PHE D 240 -2.90 7.14 -16.67
CA PHE D 240 -2.42 8.33 -15.97
C PHE D 240 -2.95 9.61 -16.57
N GLU D 241 -3.79 9.48 -17.60
CA GLU D 241 -4.39 10.61 -18.30
C GLU D 241 -3.32 11.54 -18.88
N ILE D 242 -2.48 11.02 -19.78
CA ILE D 242 -1.41 11.83 -20.37
C ILE D 242 -1.87 12.24 -21.77
N GLU D 243 -2.44 13.44 -21.88
CA GLU D 243 -3.11 13.90 -23.07
C GLU D 243 -2.46 15.14 -23.55
N PHE D 244 -2.51 15.35 -24.84
CA PHE D 244 -2.07 16.62 -25.37
C PHE D 244 -3.06 17.16 -26.44
N GLU D 245 -3.10 18.48 -26.58
CA GLU D 245 -3.80 19.16 -27.67
C GLU D 245 -2.94 19.16 -28.91
N ASP D 246 -3.50 18.72 -30.03
CA ASP D 246 -2.74 18.77 -31.29
C ASP D 246 -2.86 20.14 -31.97
N GLU D 247 -2.47 20.21 -33.23
CA GLU D 247 -2.37 21.49 -33.94
C GLU D 247 -3.73 21.96 -34.44
N GLU D 248 -4.70 21.04 -34.45
CA GLU D 248 -6.10 21.35 -34.69
C GLU D 248 -6.90 21.65 -33.41
N GLY D 249 -6.23 21.76 -32.26
CA GLY D 249 -6.93 21.96 -30.97
C GLY D 249 -7.58 20.71 -30.35
N HIS D 250 -7.32 19.54 -30.93
CA HIS D 250 -7.93 18.28 -30.45
C HIS D 250 -7.04 17.49 -29.49
N LYS D 251 -7.69 16.78 -28.57
CA LYS D 251 -7.03 16.11 -27.44
C LYS D 251 -6.68 14.68 -27.77
N ARG D 252 -5.40 14.35 -27.64
CA ARG D 252 -4.91 13.03 -28.03
C ARG D 252 -4.14 12.43 -26.89
N LEU D 253 -4.03 11.10 -26.93
CA LEU D 253 -3.15 10.38 -26.00
C LEU D 253 -1.70 10.38 -26.48
N VAL D 254 -0.72 10.49 -25.57
CA VAL D 254 0.68 10.36 -26.01
C VAL D 254 0.95 8.89 -26.20
N HIS D 255 1.91 8.60 -27.07
CA HIS D 255 2.43 7.25 -27.34
C HIS D 255 3.79 7.16 -26.63
N GLN D 256 4.01 6.11 -25.86
CA GLN D 256 5.17 6.09 -24.97
C GLN D 256 6.12 4.94 -25.21
N THR D 257 7.39 5.17 -24.83
CA THR D 257 8.39 4.09 -24.74
C THR D 257 8.98 4.05 -23.37
N SER D 258 9.46 2.87 -23.01
CA SER D 258 10.38 2.84 -21.93
C SER D 258 11.37 1.77 -22.24
N TRP D 259 12.54 1.79 -21.57
CA TRP D 259 13.70 0.92 -21.93
C TRP D 259 14.67 0.84 -20.75
N GLY D 260 15.31 -0.32 -20.56
CA GLY D 260 16.36 -0.40 -19.55
C GLY D 260 17.40 -1.48 -19.66
N CYS D 261 18.52 -1.22 -19.02
CA CYS D 261 19.65 -2.15 -18.97
C CYS D 261 20.37 -2.00 -17.66
N THR D 262 20.97 -3.09 -17.19
CA THR D 262 21.52 -3.14 -15.83
C THR D 262 22.91 -3.72 -15.79
N THR D 263 23.45 -3.73 -14.55
CA THR D 263 24.69 -4.40 -14.16
C THR D 263 24.75 -5.90 -14.50
N ARG D 264 23.62 -6.53 -14.80
CA ARG D 264 23.67 -7.83 -15.50
C ARG D 264 24.69 -7.81 -16.63
N SER D 265 24.73 -6.72 -17.41
CA SER D 265 25.59 -6.68 -18.59
C SER D 265 27.01 -7.01 -18.19
N LEU D 266 27.43 -6.53 -17.02
CA LEU D 266 28.76 -6.90 -16.51
C LEU D 266 28.97 -8.41 -16.34
N GLY D 267 27.96 -9.04 -15.75
CA GLY D 267 28.04 -10.46 -15.46
C GLY D 267 28.07 -11.24 -16.75
N VAL D 268 27.27 -10.83 -17.71
CA VAL D 268 27.29 -11.46 -19.03
C VAL D 268 28.69 -11.40 -19.70
N MET D 269 29.31 -10.22 -19.65
CA MET D 269 30.66 -10.05 -20.14
C MET D 269 31.63 -11.06 -19.50
N ILE D 270 31.53 -11.22 -18.18
CA ILE D 270 32.47 -12.06 -17.44
C ILE D 270 32.34 -13.48 -17.91
N MET D 271 31.11 -13.92 -18.11
CA MET D 271 30.88 -15.28 -18.43
C MET D 271 31.35 -15.60 -19.85
N THR D 272 31.19 -14.65 -20.75
CA THR D 272 31.52 -14.88 -22.14
C THR D 272 33.01 -14.98 -22.37
N HIS D 273 33.80 -14.06 -21.87
CA HIS D 273 35.24 -14.06 -22.18
C HIS D 273 36.15 -14.70 -21.14
N GLY D 274 35.67 -14.88 -19.92
CA GLY D 274 36.58 -15.42 -18.90
C GLY D 274 37.12 -16.77 -19.34
N ASP D 275 38.26 -17.17 -18.79
CA ASP D 275 38.77 -18.50 -19.13
C ASP D 275 39.36 -19.05 -17.84
N ASP D 276 40.05 -20.19 -17.91
CA ASP D 276 40.53 -20.88 -16.70
C ASP D 276 41.40 -20.04 -15.75
N LYS D 277 42.00 -18.96 -16.26
CA LYS D 277 42.87 -18.11 -15.44
C LYS D 277 42.14 -16.88 -14.82
N GLY D 278 40.89 -16.70 -15.16
CA GLY D 278 40.11 -15.61 -14.61
C GLY D 278 39.47 -14.75 -15.69
N LEU D 279 39.38 -13.46 -15.41
CA LEU D 279 38.71 -12.58 -16.32
C LEU D 279 39.52 -12.34 -17.58
N VAL D 280 38.82 -11.98 -18.63
CA VAL D 280 39.44 -11.33 -19.78
C VAL D 280 38.52 -10.13 -20.13
N ILE D 281 39.03 -8.92 -19.95
CA ILE D 281 38.29 -7.70 -20.12
C ILE D 281 38.52 -7.11 -21.51
N PRO D 282 37.45 -6.96 -22.35
CA PRO D 282 37.64 -6.31 -23.65
C PRO D 282 38.29 -4.93 -23.50
N PRO D 283 39.22 -4.58 -24.42
CA PRO D 283 39.95 -3.35 -24.25
C PRO D 283 39.12 -2.10 -24.19
N ARG D 284 37.96 -2.08 -24.87
CA ARG D 284 37.15 -0.86 -24.86
C ARG D 284 36.58 -0.54 -23.49
N VAL D 285 36.43 -1.53 -22.64
CA VAL D 285 35.88 -1.20 -21.32
C VAL D 285 36.86 -1.40 -20.19
N ALA D 286 38.10 -1.79 -20.45
CA ALA D 286 39.10 -1.97 -19.39
C ALA D 286 39.61 -0.65 -18.87
N SER D 287 39.53 -0.45 -17.56
CA SER D 287 40.17 0.70 -16.88
C SER D 287 41.66 0.84 -17.14
N VAL D 288 42.33 -0.32 -17.17
CA VAL D 288 43.76 -0.47 -17.39
C VAL D 288 43.89 -1.36 -18.61
N GLN D 289 44.35 -0.78 -19.71
CA GLN D 289 44.51 -1.55 -20.93
C GLN D 289 45.89 -2.16 -20.93
N VAL D 290 46.84 -1.41 -20.40
CA VAL D 290 48.20 -1.88 -20.39
C VAL D 290 48.80 -1.66 -19.03
N VAL D 291 49.31 -2.73 -18.43
CA VAL D 291 49.91 -2.65 -17.11
C VAL D 291 51.38 -2.79 -17.34
N ILE D 292 52.15 -1.83 -16.87
CA ILE D 292 53.59 -1.89 -17.03
C ILE D 292 54.18 -2.41 -15.74
N ILE D 293 54.93 -3.51 -15.85
CA ILE D 293 55.58 -4.11 -14.70
C ILE D 293 57.08 -4.04 -14.87
N PRO D 294 57.75 -3.27 -13.99
CA PRO D 294 59.19 -3.19 -13.97
C PRO D 294 59.77 -4.30 -13.12
N ILE D 295 60.79 -4.98 -13.66
CA ILE D 295 61.52 -6.02 -12.94
C ILE D 295 62.40 -5.40 -11.84
N THR D 302 67.65 0.95 -10.91
CA THR D 302 66.80 1.49 -9.84
C THR D 302 65.87 2.60 -10.41
N GLY D 303 66.30 3.86 -10.33
CA GLY D 303 65.52 4.99 -10.86
C GLY D 303 65.63 5.17 -12.37
N GLU D 304 66.49 4.37 -13.03
CA GLU D 304 66.57 4.38 -14.49
C GLU D 304 65.34 3.68 -15.05
N ILE D 305 65.07 2.48 -14.57
CA ILE D 305 64.01 1.61 -15.09
C ILE D 305 62.64 2.23 -14.80
N LEU D 306 62.41 2.57 -13.54
CA LEU D 306 61.20 3.26 -13.10
C LEU D 306 60.95 4.55 -13.86
N GLY D 307 62.02 5.15 -14.38
CA GLY D 307 61.93 6.39 -15.13
C GLY D 307 61.59 6.16 -16.58
N LYS D 308 62.03 5.05 -17.16
CA LYS D 308 61.64 4.73 -18.51
C LYS D 308 60.18 4.27 -18.51
N CYS D 309 59.75 3.70 -17.39
CA CYS D 309 58.37 3.30 -17.26
C CYS D 309 57.46 4.52 -17.28
N ARG D 310 57.89 5.58 -16.61
CA ARG D 310 57.07 6.75 -16.54
C ARG D 310 57.02 7.35 -17.93
N GLU D 311 58.16 7.36 -18.61
CA GLU D 311 58.26 7.91 -19.97
C GLU D 311 57.39 7.14 -20.97
N LEU D 312 57.44 5.81 -20.88
CA LEU D 312 56.66 4.93 -21.76
C LEU D 312 55.17 5.00 -21.52
N LYS D 313 54.77 5.15 -20.25
CA LYS D 313 53.39 5.48 -19.89
C LYS D 313 52.88 6.80 -20.50
N THR D 314 53.72 7.82 -20.35
CA THR D 314 53.41 9.15 -20.86
C THR D 314 53.20 9.14 -22.37
N MET D 315 54.04 8.40 -23.08
CA MET D 315 53.91 8.35 -24.55
C MET D 315 52.63 7.60 -24.98
N LEU D 316 52.34 6.49 -24.32
CA LEU D 316 51.17 5.69 -24.65
C LEU D 316 49.88 6.44 -24.31
N GLU D 317 49.89 7.26 -23.24
CA GLU D 317 48.68 8.05 -22.90
C GLU D 317 48.40 9.08 -23.98
N LYS D 318 49.48 9.59 -24.59
CA LYS D 318 49.39 10.48 -25.75
C LYS D 318 48.51 9.84 -26.84
N ALA D 319 48.62 8.53 -27.06
CA ALA D 319 47.70 7.77 -27.97
C ALA D 319 46.38 7.33 -27.32
N ASP D 320 46.07 7.89 -26.15
CA ASP D 320 44.85 7.56 -25.38
C ASP D 320 44.75 6.13 -24.77
N ILE D 321 45.88 5.45 -24.61
CA ILE D 321 45.93 4.13 -24.00
C ILE D 321 45.87 4.29 -22.49
N ARG D 322 45.08 3.48 -21.80
CA ARG D 322 44.97 3.61 -20.35
C ARG D 322 45.95 2.67 -19.74
N VAL D 323 46.85 3.23 -18.94
CA VAL D 323 48.07 2.57 -18.51
C VAL D 323 48.23 2.69 -16.99
N ARG D 324 48.48 1.57 -16.32
CA ARG D 324 48.93 1.61 -14.94
C ARG D 324 50.36 1.08 -14.92
N ILE D 325 51.22 1.75 -14.16
CA ILE D 325 52.52 1.20 -13.84
C ILE D 325 52.35 0.47 -12.50
N ASP D 326 52.62 -0.84 -12.45
CA ASP D 326 52.65 -1.51 -11.15
C ASP D 326 54.04 -1.50 -10.57
N ASP D 327 54.34 -0.44 -9.82
CA ASP D 327 55.71 -0.21 -9.28
C ASP D 327 55.85 -0.49 -7.79
N ARG D 328 54.95 -1.29 -7.23
CA ARG D 328 54.94 -1.49 -5.79
C ARG D 328 56.18 -2.27 -5.37
N SER D 329 56.82 -1.85 -4.29
CA SER D 329 58.04 -2.50 -3.83
C SER D 329 57.82 -3.90 -3.30
N ASN D 330 56.65 -4.08 -2.69
CA ASN D 330 56.43 -5.24 -1.83
C ASN D 330 55.64 -6.35 -2.46
N TYR D 331 55.70 -6.44 -3.79
CA TYR D 331 55.23 -7.60 -4.49
C TYR D 331 56.30 -8.05 -5.49
N THR D 332 56.52 -9.36 -5.53
CA THR D 332 57.31 -10.03 -6.56
C THR D 332 56.74 -9.75 -7.96
N PRO D 333 57.60 -9.69 -8.99
CA PRO D 333 57.07 -9.63 -10.35
C PRO D 333 56.13 -10.76 -10.67
N GLY D 334 56.43 -11.95 -10.19
CA GLY D 334 55.59 -13.11 -10.51
C GLY D 334 54.17 -12.99 -9.95
N TRP D 335 54.08 -12.45 -8.74
CA TRP D 335 52.80 -12.16 -8.09
C TRP D 335 51.99 -11.14 -8.86
N LYS D 336 52.69 -10.21 -9.51
CA LYS D 336 52.04 -9.16 -10.27
C LYS D 336 51.48 -9.75 -11.54
N TYR D 337 52.26 -10.61 -12.17
CA TYR D 337 51.84 -11.19 -13.42
C TYR D 337 50.53 -11.93 -13.15
N ASN D 338 50.42 -12.65 -12.04
CA ASN D 338 49.18 -13.39 -11.81
C ASN D 338 48.02 -12.50 -11.39
N HIS D 339 48.32 -11.41 -10.70
CA HIS D 339 47.30 -10.54 -10.19
C HIS D 339 46.60 -9.88 -11.35
N TRP D 340 47.36 -9.39 -12.30
CA TRP D 340 46.76 -8.68 -13.43
C TRP D 340 46.15 -9.62 -14.42
N GLU D 341 46.55 -10.88 -14.39
CA GLU D 341 45.93 -11.90 -15.27
C GLU D 341 44.51 -12.25 -14.84
N VAL D 342 44.40 -12.62 -13.57
CA VAL D 342 43.11 -12.81 -12.94
C VAL D 342 42.19 -11.61 -13.21
N LYS D 343 42.72 -10.41 -13.16
CA LYS D 343 41.93 -9.22 -13.39
C LYS D 343 41.55 -8.96 -14.84
N GLY D 344 42.18 -9.69 -15.76
CA GLY D 344 41.88 -9.63 -17.19
C GLY D 344 42.41 -8.42 -17.95
N VAL D 345 43.52 -7.88 -17.49
CA VAL D 345 44.11 -6.75 -18.16
C VAL D 345 44.57 -7.16 -19.57
N PRO D 346 44.07 -6.50 -20.64
CA PRO D 346 44.35 -6.95 -22.00
C PRO D 346 45.80 -7.20 -22.33
N LEU D 347 46.68 -6.31 -21.87
CA LEU D 347 48.07 -6.43 -22.19
C LEU D 347 48.95 -6.12 -21.00
N ARG D 348 50.08 -6.81 -20.94
CA ARG D 348 51.07 -6.55 -19.92
C ARG D 348 52.40 -6.25 -20.59
N LEU D 349 53.08 -5.25 -20.06
CA LEU D 349 54.34 -4.81 -20.56
C LEU D 349 55.43 -4.97 -19.49
N GLU D 350 56.46 -5.74 -19.82
CA GLU D 350 57.57 -6.03 -18.91
C GLU D 350 58.79 -5.23 -19.34
N LEU D 351 59.38 -4.49 -18.41
CA LEU D 351 60.60 -3.77 -18.64
C LEU D 351 61.61 -4.09 -17.54
N GLY D 352 62.65 -4.86 -17.89
CA GLY D 352 63.86 -4.96 -17.09
C GLY D 352 65.05 -4.26 -17.76
N PRO D 353 66.25 -4.36 -17.17
CA PRO D 353 67.41 -3.56 -17.60
C PRO D 353 68.00 -3.96 -18.94
N LYS D 354 67.84 -5.23 -19.32
CA LYS D 354 68.18 -5.65 -20.67
C LYS D 354 67.54 -4.73 -21.70
N ASP D 355 66.30 -4.34 -21.45
CA ASP D 355 65.49 -3.70 -22.45
C ASP D 355 65.86 -2.22 -22.63
N LEU D 356 66.38 -1.62 -21.57
CA LEU D 356 66.87 -0.24 -21.65
C LEU D 356 67.99 -0.14 -22.68
N ALA D 357 68.81 -1.18 -22.75
CA ALA D 357 69.89 -1.23 -23.74
C ALA D 357 69.33 -1.35 -25.15
N LYS D 358 68.38 -2.27 -25.29
CA LYS D 358 67.81 -2.69 -26.55
C LYS D 358 66.78 -1.72 -27.12
N GLY D 359 66.23 -0.87 -26.26
CA GLY D 359 65.15 0.01 -26.67
C GLY D 359 63.89 -0.77 -26.98
N THR D 360 63.73 -1.94 -26.34
CA THR D 360 62.55 -2.79 -26.51
C THR D 360 61.74 -2.96 -25.21
N ALA D 361 60.62 -3.65 -25.33
CA ALA D 361 59.80 -4.08 -24.21
C ALA D 361 59.11 -5.38 -24.58
N ARG D 362 58.86 -6.24 -23.59
CA ARG D 362 58.08 -7.44 -23.84
C ARG D 362 56.59 -7.23 -23.49
N VAL D 363 55.72 -7.62 -24.42
CA VAL D 363 54.28 -7.45 -24.31
C VAL D 363 53.56 -8.79 -24.53
N VAL D 364 52.64 -9.10 -23.63
CA VAL D 364 51.96 -10.37 -23.63
C VAL D 364 50.50 -10.05 -23.57
N ARG D 365 49.70 -10.69 -24.40
CA ARG D 365 48.28 -10.40 -24.52
C ARG D 365 47.55 -11.45 -23.74
N ARG D 366 46.53 -11.02 -23.02
CA ARG D 366 45.92 -11.85 -22.02
C ARG D 366 45.09 -12.94 -22.67
N ASP D 367 44.37 -12.60 -23.74
CA ASP D 367 43.50 -13.60 -24.37
C ASP D 367 44.18 -14.90 -24.88
N THR D 368 45.37 -14.83 -25.44
CA THR D 368 46.01 -16.05 -25.97
C THR D 368 47.30 -16.40 -25.30
N GLY D 369 47.87 -15.48 -24.53
CA GLY D 369 49.22 -15.60 -24.04
C GLY D 369 50.32 -15.24 -25.05
N GLU D 370 49.95 -14.89 -26.28
CA GLU D 370 50.98 -14.60 -27.27
C GLU D 370 51.85 -13.42 -26.81
N ALA D 371 53.17 -13.56 -27.00
CA ALA D 371 54.19 -12.60 -26.58
C ALA D 371 54.83 -11.89 -27.77
N TYR D 372 55.18 -10.63 -27.58
CA TYR D 372 55.81 -9.78 -28.58
C TYR D 372 56.98 -8.93 -28.03
N GLN D 373 58.09 -8.88 -28.78
CA GLN D 373 59.16 -7.92 -28.56
C GLN D 373 58.87 -6.72 -29.45
N ILE D 374 58.85 -5.53 -28.88
CA ILE D 374 58.46 -4.33 -29.59
C ILE D 374 59.35 -3.16 -29.23
N SER D 375 59.75 -2.39 -30.23
CA SER D 375 60.64 -1.29 -30.00
C SER D 375 59.79 -0.14 -29.45
N TRP D 376 60.39 0.67 -28.60
CA TRP D 376 59.66 1.71 -27.90
C TRP D 376 58.89 2.61 -28.86
N ALA D 377 59.52 2.95 -29.97
CA ALA D 377 58.95 3.87 -30.93
C ALA D 377 57.76 3.29 -31.66
N ASP D 378 57.65 1.95 -31.73
CA ASP D 378 56.47 1.26 -32.33
C ASP D 378 55.39 0.90 -31.31
N LEU D 379 55.62 1.14 -30.04
CA LEU D 379 54.73 0.66 -29.01
C LEU D 379 53.33 1.20 -29.18
N ALA D 380 53.22 2.52 -29.26
CA ALA D 380 51.91 3.16 -29.38
C ALA D 380 51.07 2.56 -30.50
N PRO D 381 51.59 2.52 -31.74
CA PRO D 381 50.73 2.02 -32.81
C PRO D 381 50.57 0.52 -32.77
N LYS D 382 51.61 -0.20 -32.39
CA LYS D 382 51.52 -1.64 -32.23
C LYS D 382 50.50 -2.06 -31.14
N LEU D 383 50.39 -1.30 -30.06
CA LEU D 383 49.44 -1.64 -29.03
C LEU D 383 48.01 -1.34 -29.47
N LEU D 384 47.81 -0.24 -30.18
CA LEU D 384 46.48 0.07 -30.64
C LEU D 384 46.07 -1.03 -31.52
N GLU D 385 47.00 -1.52 -32.35
CA GLU D 385 46.69 -2.64 -33.23
C GLU D 385 46.31 -3.86 -32.43
N LEU D 386 47.10 -4.26 -31.43
CA LEU D 386 46.79 -5.47 -30.65
C LEU D 386 45.44 -5.42 -29.93
N MET D 387 45.06 -4.24 -29.44
CA MET D 387 43.81 -4.04 -28.72
C MET D 387 42.60 -4.13 -29.63
N GLU D 388 42.71 -3.58 -30.83
CA GLU D 388 41.77 -3.90 -31.90
C GLU D 388 41.71 -5.44 -32.11
N GLY D 389 42.88 -6.07 -32.23
CA GLY D 389 42.95 -7.53 -32.39
C GLY D 389 42.25 -8.30 -31.27
N ILE D 390 42.54 -7.94 -30.00
CA ILE D 390 41.88 -8.53 -28.86
C ILE D 390 40.34 -8.36 -28.93
N GLN D 391 39.91 -7.12 -29.04
CA GLN D 391 38.48 -6.76 -29.04
C GLN D 391 37.67 -7.51 -30.10
N ARG D 392 38.21 -7.53 -31.32
CA ARG D 392 37.63 -8.16 -32.51
C ARG D 392 37.58 -9.67 -32.30
N SER D 393 38.69 -10.24 -31.90
CA SER D 393 38.79 -11.65 -31.69
C SER D 393 37.85 -12.11 -30.54
N LEU D 394 37.90 -11.48 -29.37
CA LEU D 394 36.91 -11.79 -28.32
C LEU D 394 35.49 -11.86 -28.84
N PHE D 395 35.16 -10.88 -29.67
CA PHE D 395 33.81 -10.79 -30.23
C PHE D 395 33.62 -11.92 -31.22
N GLU D 396 34.61 -12.19 -32.08
CA GLU D 396 34.37 -13.16 -33.18
C GLU D 396 34.18 -14.56 -32.66
N LYS D 397 34.95 -14.95 -31.66
CA LYS D 397 34.83 -16.27 -31.06
C LYS D 397 33.55 -16.43 -30.23
N ALA D 398 33.12 -15.37 -29.52
CA ALA D 398 31.88 -15.46 -28.81
C ALA D 398 30.72 -15.58 -29.80
N LYS D 399 30.84 -14.96 -30.97
CA LYS D 399 29.83 -15.02 -32.02
C LYS D 399 29.83 -16.39 -32.64
N ALA D 400 31.02 -16.96 -32.77
CA ALA D 400 31.07 -18.33 -33.29
C ALA D 400 30.43 -19.32 -32.28
N ARG D 401 30.68 -19.13 -30.98
CA ARG D 401 30.08 -19.97 -29.91
C ARG D 401 28.58 -19.82 -29.79
N LEU D 402 28.11 -18.61 -30.01
CA LEU D 402 26.70 -18.34 -30.16
C LEU D 402 26.06 -19.17 -31.28
N HIS D 403 26.53 -19.07 -32.51
CA HIS D 403 25.92 -19.80 -33.63
C HIS D 403 26.02 -21.34 -33.57
N GLU D 404 27.09 -21.87 -33.03
CA GLU D 404 27.13 -23.30 -32.69
C GLU D 404 26.11 -23.67 -31.61
N GLY D 405 25.54 -22.69 -30.91
CA GLY D 405 24.63 -22.95 -29.82
C GLY D 405 23.16 -22.91 -30.24
N ILE D 406 22.92 -22.63 -31.51
CA ILE D 406 21.55 -22.58 -32.00
C ILE D 406 21.34 -23.63 -33.05
N GLU D 407 20.37 -24.53 -32.81
CA GLU D 407 19.90 -25.54 -33.80
C GLU D 407 18.56 -25.20 -34.44
N LYS D 408 18.56 -25.08 -35.78
CA LYS D 408 17.34 -24.86 -36.56
C LYS D 408 16.58 -26.16 -36.57
N ILE D 409 15.36 -26.16 -36.06
CA ILE D 409 14.60 -27.39 -36.02
C ILE D 409 13.29 -27.24 -36.77
N SER D 410 12.50 -28.31 -36.74
CA SER D 410 11.24 -28.38 -37.49
C SER D 410 10.05 -28.94 -36.71
N THR D 411 10.35 -29.86 -35.81
CA THR D 411 9.37 -30.61 -35.07
C THR D 411 9.71 -30.75 -33.59
N PHE D 412 8.71 -31.02 -32.78
CA PHE D 412 8.96 -31.10 -31.36
C PHE D 412 9.90 -32.23 -30.94
N ASP D 413 10.05 -33.29 -31.74
CA ASP D 413 11.01 -34.39 -31.42
C ASP D 413 12.40 -33.85 -31.18
N GLU D 414 12.80 -32.90 -32.03
CA GLU D 414 14.18 -32.45 -32.12
C GLU D 414 14.63 -31.70 -30.84
N VAL D 415 13.67 -31.36 -29.97
CA VAL D 415 13.84 -30.36 -28.91
C VAL D 415 14.64 -30.84 -27.70
N MET D 416 14.21 -31.91 -27.07
CA MET D 416 14.91 -32.34 -25.88
C MET D 416 16.36 -32.76 -26.17
N PRO D 417 16.61 -33.40 -27.32
CA PRO D 417 18.03 -33.70 -27.62
C PRO D 417 18.91 -32.44 -27.75
N ALA D 418 18.31 -31.37 -28.27
CA ALA D 418 19.01 -30.10 -28.46
C ALA D 418 19.20 -29.40 -27.13
N LEU D 419 18.16 -29.41 -26.27
CA LEU D 419 18.30 -28.97 -24.86
C LEU D 419 19.30 -29.76 -24.04
N ASN D 420 19.51 -31.02 -24.39
CA ASN D 420 20.51 -31.84 -23.71
C ASN D 420 21.93 -31.59 -24.23
N ARG D 421 22.06 -30.95 -25.39
CA ARG D 421 23.38 -30.44 -25.78
C ARG D 421 23.60 -28.98 -25.34
N LYS D 422 22.73 -28.51 -24.44
CA LYS D 422 22.77 -27.17 -23.90
C LYS D 422 22.74 -26.16 -25.04
N HIS D 423 21.83 -26.41 -25.98
CA HIS D 423 21.59 -25.50 -27.10
C HIS D 423 20.24 -24.78 -27.01
N LEU D 424 20.13 -23.66 -27.70
CA LEU D 424 18.86 -23.05 -27.94
C LEU D 424 18.31 -23.67 -29.18
N VAL D 425 17.04 -23.44 -29.45
CA VAL D 425 16.44 -23.97 -30.62
C VAL D 425 15.75 -22.86 -31.37
N LEU D 426 15.96 -22.83 -32.68
CA LEU D 426 15.19 -21.95 -33.57
C LEU D 426 14.14 -22.82 -34.29
N ALA D 427 12.88 -22.46 -34.13
CA ALA D 427 11.78 -23.31 -34.59
C ALA D 427 10.72 -22.44 -35.20
N PRO D 428 9.95 -22.97 -36.15
CA PRO D 428 8.82 -22.22 -36.70
C PRO D 428 7.60 -22.32 -35.78
N TRP D 429 6.96 -21.20 -35.52
CA TRP D 429 5.93 -21.16 -34.48
C TRP D 429 4.70 -20.43 -34.98
N CYS D 430 3.54 -20.86 -34.50
CA CYS D 430 2.26 -20.22 -34.89
C CYS D 430 1.95 -19.00 -34.06
N GLU D 431 2.60 -18.91 -32.89
CA GLU D 431 2.53 -17.75 -31.98
C GLU D 431 1.32 -17.71 -31.08
N ASP D 432 0.62 -18.83 -30.94
CA ASP D 432 -0.48 -18.89 -30.00
C ASP D 432 0.08 -18.83 -28.56
N PRO D 433 -0.37 -17.86 -27.75
CA PRO D 433 0.07 -17.75 -26.35
C PRO D 433 -0.02 -19.02 -25.45
N GLU D 434 -1.10 -19.76 -25.59
CA GLU D 434 -1.29 -20.99 -24.83
C GLU D 434 -0.23 -22.09 -25.14
N SER D 435 0.18 -22.17 -26.41
CA SER D 435 1.19 -23.15 -26.82
C SER D 435 2.50 -22.97 -26.06
N GLU D 436 2.88 -21.70 -25.85
CA GLU D 436 4.05 -21.38 -25.05
C GLU D 436 3.92 -21.97 -23.64
N GLU D 437 2.76 -21.78 -22.99
CA GLU D 437 2.52 -22.38 -21.66
C GLU D 437 2.59 -23.90 -21.71
N GLN D 438 1.96 -24.49 -22.73
CA GLN D 438 1.94 -25.92 -22.89
C GLN D 438 3.34 -26.45 -23.10
N ILE D 439 4.06 -25.84 -24.06
CA ILE D 439 5.43 -26.25 -24.40
C ILE D 439 6.31 -26.12 -23.20
N LYS D 440 6.21 -24.97 -22.53
CA LYS D 440 6.91 -24.78 -21.26
C LYS D 440 6.61 -25.94 -20.34
N LYS D 441 5.33 -26.27 -20.21
CA LYS D 441 4.93 -27.31 -19.27
C LYS D 441 5.46 -28.67 -19.69
N GLU D 442 5.21 -29.07 -20.92
CA GLU D 442 5.72 -30.36 -21.43
C GLU D 442 7.23 -30.48 -21.12
N THR D 443 8.00 -29.51 -21.63
CA THR D 443 9.45 -29.46 -21.42
C THR D 443 9.87 -29.56 -19.94
N GLN D 444 9.02 -29.11 -19.02
CA GLN D 444 9.26 -29.27 -17.58
C GLN D 444 9.36 -30.75 -17.11
N LYS D 445 8.26 -31.52 -17.26
CA LYS D 445 8.18 -32.89 -16.74
C LYS D 445 9.10 -33.78 -17.56
N LEU D 446 9.12 -33.57 -18.88
CA LEU D 446 10.03 -34.29 -19.77
C LEU D 446 11.52 -34.16 -19.34
N SER D 447 11.87 -33.10 -18.61
CA SER D 447 13.24 -32.95 -18.05
C SER D 447 13.35 -33.33 -16.57
N GLU D 448 12.23 -33.70 -15.94
CA GLU D 448 12.25 -34.30 -14.59
C GLU D 448 12.50 -35.83 -14.70
N ILE D 449 12.00 -36.46 -15.76
CA ILE D 449 12.63 -37.68 -16.30
C ILE D 449 14.08 -37.31 -16.64
N GLN D 450 15.02 -38.24 -16.49
CA GLN D 450 16.46 -37.97 -16.63
C GLN D 450 17.03 -37.47 -15.31
N GLY D 463 14.16 -26.29 -15.52
CA GLY D 463 13.93 -27.29 -16.56
C GLY D 463 13.20 -26.81 -17.81
N ALA D 464 12.42 -25.72 -17.70
CA ALA D 464 11.51 -25.36 -18.79
C ALA D 464 12.22 -24.71 -19.96
N MET D 465 11.61 -24.85 -21.12
CA MET D 465 12.01 -24.17 -22.32
C MET D 465 10.95 -23.11 -22.61
N LYS D 466 11.38 -21.90 -22.97
CA LYS D 466 10.39 -20.88 -23.35
C LYS D 466 10.88 -20.02 -24.49
N THR D 467 10.02 -19.15 -24.98
CA THR D 467 10.49 -18.19 -25.96
C THR D 467 11.55 -17.35 -25.32
N LEU D 468 12.63 -17.13 -26.08
CA LEU D 468 13.55 -16.03 -25.82
C LEU D 468 13.17 -14.82 -26.66
N CYS D 469 13.04 -14.99 -27.97
CA CYS D 469 12.51 -13.93 -28.84
C CYS D 469 12.18 -14.46 -30.19
N ILE D 470 11.38 -13.68 -30.89
CA ILE D 470 11.16 -13.85 -32.31
C ILE D 470 12.18 -12.93 -33.02
N PRO D 471 13.25 -13.50 -33.61
CA PRO D 471 14.35 -12.59 -34.03
C PRO D 471 14.00 -11.69 -35.19
N PHE D 472 14.55 -10.49 -35.22
CA PHE D 472 14.45 -9.61 -36.40
C PHE D 472 15.05 -10.36 -37.64
N ASP D 473 16.13 -11.10 -37.42
CA ASP D 473 16.72 -11.89 -38.50
C ASP D 473 15.92 -13.16 -38.72
N GLN D 474 14.93 -13.07 -39.59
CA GLN D 474 14.07 -14.20 -39.96
C GLN D 474 14.64 -14.94 -41.16
N PRO D 475 15.01 -16.22 -41.00
CA PRO D 475 15.24 -17.07 -42.14
C PRO D 475 14.01 -17.13 -42.99
N PRO D 476 14.18 -17.42 -44.30
CA PRO D 476 13.10 -17.67 -45.24
C PRO D 476 11.98 -18.49 -44.63
N MET D 477 10.75 -18.11 -44.90
CA MET D 477 9.59 -18.91 -44.52
C MET D 477 9.07 -19.60 -45.79
N PRO D 478 9.21 -20.96 -45.88
CA PRO D 478 8.61 -21.69 -46.98
C PRO D 478 7.11 -21.60 -46.91
N GLU D 479 6.52 -21.60 -48.10
CA GLU D 479 5.16 -21.13 -48.36
C GLU D 479 4.04 -21.92 -47.67
N GLY D 480 4.36 -23.00 -46.96
CA GLY D 480 3.35 -23.62 -46.12
C GLY D 480 3.90 -24.39 -44.97
N THR D 481 5.01 -23.92 -44.39
CA THR D 481 5.66 -24.63 -43.26
C THR D 481 4.79 -24.63 -42.02
N LYS D 482 4.88 -25.70 -41.24
CA LYS D 482 3.95 -25.95 -40.15
C LYS D 482 4.62 -25.80 -38.80
N CYS D 483 3.86 -25.28 -37.83
CA CYS D 483 4.33 -25.03 -36.47
C CYS D 483 4.88 -26.29 -35.86
N PHE D 484 6.10 -26.21 -35.36
CA PHE D 484 6.80 -27.36 -34.78
C PHE D 484 6.10 -28.06 -33.62
N TYR D 485 5.11 -27.42 -33.00
CA TYR D 485 4.39 -28.02 -31.88
C TYR D 485 2.94 -28.32 -32.20
N THR D 486 2.21 -27.37 -32.78
CA THR D 486 0.77 -27.53 -32.91
C THR D 486 0.39 -28.38 -34.12
N GLY D 487 1.10 -28.19 -35.22
CA GLY D 487 0.75 -28.75 -36.51
C GLY D 487 0.13 -27.68 -37.37
N LYS D 488 -0.08 -26.48 -36.82
CA LYS D 488 -0.78 -25.39 -37.52
C LYS D 488 0.12 -24.51 -38.40
N PRO D 489 -0.48 -23.65 -39.27
CA PRO D 489 0.41 -22.76 -40.02
C PRO D 489 1.40 -21.99 -39.11
N ALA D 490 2.69 -22.10 -39.41
CA ALA D 490 3.70 -21.27 -38.74
C ALA D 490 3.55 -19.84 -39.21
N LYS D 491 3.85 -18.89 -38.32
CA LYS D 491 3.88 -17.47 -38.68
C LYS D 491 5.33 -17.06 -38.82
N ARG D 492 6.14 -17.35 -37.80
CA ARG D 492 7.52 -16.85 -37.73
C ARG D 492 8.47 -17.79 -37.03
N TRP D 493 9.74 -17.62 -37.34
CA TRP D 493 10.81 -18.33 -36.63
C TRP D 493 10.97 -17.69 -35.26
N THR D 494 11.17 -18.52 -34.23
CA THR D 494 11.19 -18.11 -32.87
C THR D 494 12.29 -18.83 -32.17
N LEU D 495 12.95 -18.18 -31.23
CA LEU D 495 14.07 -18.78 -30.50
C LEU D 495 13.65 -19.26 -29.09
N TRP D 496 14.03 -20.48 -28.73
CA TRP D 496 13.55 -21.07 -27.49
C TRP D 496 14.73 -21.55 -26.72
N GLY D 497 14.57 -21.70 -25.41
CA GLY D 497 15.65 -22.23 -24.62
C GLY D 497 15.33 -22.13 -23.17
N ARG D 498 16.11 -22.82 -22.37
CA ARG D 498 16.19 -22.54 -20.96
C ARG D 498 16.82 -21.17 -20.82
N SER D 499 16.49 -20.48 -19.72
CA SER D 499 16.95 -19.11 -19.52
C SER D 499 17.22 -18.78 -18.06
N TYR D 500 17.75 -17.58 -17.85
CA TYR D 500 17.88 -17.03 -16.50
C TYR D 500 16.57 -16.38 -16.10
#